data_1MBY
# 
_entry.id   1MBY 
# 
_audit_conform.dict_name       mmcif_pdbx.dic 
_audit_conform.dict_version    5.386 
_audit_conform.dict_location   http://mmcif.pdb.org/dictionaries/ascii/mmcif_pdbx.dic 
# 
loop_
_database_2.database_id 
_database_2.database_code 
_database_2.pdbx_database_accession 
_database_2.pdbx_DOI 
PDB   1MBY         pdb_00001mby 10.2210/pdb1mby/pdb 
RCSB  RCSB016808   ?            ?                   
WWPDB D_1000016808 ?            ?                   
# 
loop_
_pdbx_audit_revision_history.ordinal 
_pdbx_audit_revision_history.data_content_type 
_pdbx_audit_revision_history.major_revision 
_pdbx_audit_revision_history.minor_revision 
_pdbx_audit_revision_history.revision_date 
1 'Structure model' 1 0 2002-10-30 
2 'Structure model' 1 1 2008-04-28 
3 'Structure model' 1 2 2011-07-13 
4 'Structure model' 1 3 2021-10-27 
5 'Structure model' 1 4 2024-02-14 
# 
_pdbx_audit_revision_details.ordinal             1 
_pdbx_audit_revision_details.revision_ordinal    1 
_pdbx_audit_revision_details.data_content_type   'Structure model' 
_pdbx_audit_revision_details.provider            repository 
_pdbx_audit_revision_details.type                'Initial release' 
_pdbx_audit_revision_details.description         ? 
_pdbx_audit_revision_details.details             ? 
# 
loop_
_pdbx_audit_revision_group.ordinal 
_pdbx_audit_revision_group.revision_ordinal 
_pdbx_audit_revision_group.data_content_type 
_pdbx_audit_revision_group.group 
1 2 'Structure model' 'Version format compliance' 
2 3 'Structure model' 'Version format compliance' 
3 4 'Structure model' 'Database references'       
4 5 'Structure model' 'Data collection'           
# 
loop_
_pdbx_audit_revision_category.ordinal 
_pdbx_audit_revision_category.revision_ordinal 
_pdbx_audit_revision_category.data_content_type 
_pdbx_audit_revision_category.category 
1 4 'Structure model' database_2         
2 4 'Structure model' struct_ref_seq_dif 
3 5 'Structure model' chem_comp_atom     
4 5 'Structure model' chem_comp_bond     
# 
loop_
_pdbx_audit_revision_item.ordinal 
_pdbx_audit_revision_item.revision_ordinal 
_pdbx_audit_revision_item.data_content_type 
_pdbx_audit_revision_item.item 
1 4 'Structure model' '_database_2.pdbx_DOI'                
2 4 'Structure model' '_database_2.pdbx_database_accession' 
3 4 'Structure model' '_struct_ref_seq_dif.details'         
# 
_pdbx_database_status.status_code                     REL 
_pdbx_database_status.entry_id                        1MBY 
_pdbx_database_status.recvd_initial_deposition_date   2002-08-04 
_pdbx_database_status.deposit_site                    RCSB 
_pdbx_database_status.process_site                    RCSB 
_pdbx_database_status.status_code_sf                  REL 
_pdbx_database_status.SG_entry                        . 
_pdbx_database_status.pdb_format_compatible           Y 
_pdbx_database_status.status_code_mr                  ? 
_pdbx_database_status.status_code_cs                  ? 
_pdbx_database_status.status_code_nmr_data            ? 
_pdbx_database_status.methods_development_category    ? 
# 
loop_
_audit_author.name 
_audit_author.pdbx_ordinal 
'Leung, G.C.'  1 
'Hudson, J.W.' 2 
'Kozarova, A.' 3 
'Davidson, A.' 4 
'Dennis, J.W.' 5 
'Sicheri, F.'  6 
# 
_citation.id                        primary 
_citation.title                     
'The Sak polo-box comprises a structural domain sufficient for mitotic subcellular localization.' 
_citation.journal_abbrev            Nat.Struct.Biol. 
_citation.journal_volume            9 
_citation.page_first                719 
_citation.page_last                 724 
_citation.year                      2002 
_citation.journal_id_ASTM           NSBIEW 
_citation.country                   US 
_citation.journal_id_ISSN           1072-8368 
_citation.journal_id_CSD            2024 
_citation.book_publisher            ? 
_citation.pdbx_database_id_PubMed   12352953 
_citation.pdbx_database_id_DOI      10.1038/nsb848 
# 
loop_
_citation_author.citation_id 
_citation_author.name 
_citation_author.ordinal 
_citation_author.identifier_ORCID 
primary 'Leung, G.C.'  1 ? 
primary 'Hudson, J.W.' 2 ? 
primary 'Kozarova, A.' 3 ? 
primary 'Davidson, A.' 4 ? 
primary 'Dennis, J.W.' 5 ? 
primary 'Sicheri, F.'  6 ? 
# 
loop_
_entity.id 
_entity.type 
_entity.src_method 
_entity.pdbx_description 
_entity.formula_weight 
_entity.pdbx_number_of_molecules 
_entity.pdbx_ec 
_entity.pdbx_mutation 
_entity.pdbx_fragment 
_entity.details 
1 polymer man 'serine/threonine kinase' 9661.930 2  2.7.1.37 'C909L, V874M' 'Polo domain (residues 839-925)' ? 
2 water   nat water                     18.015   58 ?        ?              ?                                ? 
# 
_entity_name_com.entity_id   1 
_entity_name_com.name        SAK 
# 
_entity_poly.entity_id                      1 
_entity_poly.type                           'polypeptide(L)' 
_entity_poly.nstd_linkage                   no 
_entity_poly.nstd_monomer                   no 
_entity_poly.pdbx_seq_one_letter_code       
;GSAQLLKSVFVKNVGWATQLTSGAVWVQFNDGSQLVMQAGVSSISYTSPDGQTTRYGENEKLPEYIKQKLQLLSSILLMF
SNPTPVFQ
;
_entity_poly.pdbx_seq_one_letter_code_can   
;GSAQLLKSVFVKNVGWATQLTSGAVWVQFNDGSQLVMQAGVSSISYTSPDGQTTRYGENEKLPEYIKQKLQLLSSILLMF
SNPTPVFQ
;
_entity_poly.pdbx_strand_id                 A,B 
_entity_poly.pdbx_target_identifier         ? 
# 
_pdbx_entity_nonpoly.entity_id   2 
_pdbx_entity_nonpoly.name        water 
_pdbx_entity_nonpoly.comp_id     HOH 
# 
loop_
_entity_poly_seq.entity_id 
_entity_poly_seq.num 
_entity_poly_seq.mon_id 
_entity_poly_seq.hetero 
1 1  GLY n 
1 2  SER n 
1 3  ALA n 
1 4  GLN n 
1 5  LEU n 
1 6  LEU n 
1 7  LYS n 
1 8  SER n 
1 9  VAL n 
1 10 PHE n 
1 11 VAL n 
1 12 LYS n 
1 13 ASN n 
1 14 VAL n 
1 15 GLY n 
1 16 TRP n 
1 17 ALA n 
1 18 THR n 
1 19 GLN n 
1 20 LEU n 
1 21 THR n 
1 22 SER n 
1 23 GLY n 
1 24 ALA n 
1 25 VAL n 
1 26 TRP n 
1 27 VAL n 
1 28 GLN n 
1 29 PHE n 
1 30 ASN n 
1 31 ASP n 
1 32 GLY n 
1 33 SER n 
1 34 GLN n 
1 35 LEU n 
1 36 VAL n 
1 37 MET n 
1 38 GLN n 
1 39 ALA n 
1 40 GLY n 
1 41 VAL n 
1 42 SER n 
1 43 SER n 
1 44 ILE n 
1 45 SER n 
1 46 TYR n 
1 47 THR n 
1 48 SER n 
1 49 PRO n 
1 50 ASP n 
1 51 GLY n 
1 52 GLN n 
1 53 THR n 
1 54 THR n 
1 55 ARG n 
1 56 TYR n 
1 57 GLY n 
1 58 GLU n 
1 59 ASN n 
1 60 GLU n 
1 61 LYS n 
1 62 LEU n 
1 63 PRO n 
1 64 GLU n 
1 65 TYR n 
1 66 ILE n 
1 67 LYS n 
1 68 GLN n 
1 69 LYS n 
1 70 LEU n 
1 71 GLN n 
1 72 LEU n 
1 73 LEU n 
1 74 SER n 
1 75 SER n 
1 76 ILE n 
1 77 LEU n 
1 78 LEU n 
1 79 MET n 
1 80 PHE n 
1 81 SER n 
1 82 ASN n 
1 83 PRO n 
1 84 THR n 
1 85 PRO n 
1 86 VAL n 
1 87 PHE n 
1 88 GLN n 
# 
_entity_src_gen.entity_id                          1 
_entity_src_gen.pdbx_src_id                        1 
_entity_src_gen.pdbx_alt_source_flag               sample 
_entity_src_gen.pdbx_seq_type                      ? 
_entity_src_gen.pdbx_beg_seq_num                   ? 
_entity_src_gen.pdbx_end_seq_num                   ? 
_entity_src_gen.gene_src_common_name               'house mouse' 
_entity_src_gen.gene_src_genus                     Mus 
_entity_src_gen.pdbx_gene_src_gene                 Sak 
_entity_src_gen.gene_src_species                   ? 
_entity_src_gen.gene_src_strain                    ? 
_entity_src_gen.gene_src_tissue                    ? 
_entity_src_gen.gene_src_tissue_fraction           ? 
_entity_src_gen.gene_src_details                   ? 
_entity_src_gen.pdbx_gene_src_fragment             ? 
_entity_src_gen.pdbx_gene_src_scientific_name      'Mus musculus' 
_entity_src_gen.pdbx_gene_src_ncbi_taxonomy_id     10090 
_entity_src_gen.pdbx_gene_src_variant              ? 
_entity_src_gen.pdbx_gene_src_cell_line            ? 
_entity_src_gen.pdbx_gene_src_atcc                 ? 
_entity_src_gen.pdbx_gene_src_organ                ? 
_entity_src_gen.pdbx_gene_src_organelle            ? 
_entity_src_gen.pdbx_gene_src_cell                 ? 
_entity_src_gen.pdbx_gene_src_cellular_location    ? 
_entity_src_gen.host_org_common_name               ? 
_entity_src_gen.pdbx_host_org_scientific_name      'Escherichia coli' 
_entity_src_gen.pdbx_host_org_ncbi_taxonomy_id     562 
_entity_src_gen.host_org_genus                     Escherichia 
_entity_src_gen.pdbx_host_org_gene                 ? 
_entity_src_gen.pdbx_host_org_organ                ? 
_entity_src_gen.host_org_species                   ? 
_entity_src_gen.pdbx_host_org_tissue               ? 
_entity_src_gen.pdbx_host_org_tissue_fraction      ? 
_entity_src_gen.pdbx_host_org_strain               'DE3 BL21' 
_entity_src_gen.pdbx_host_org_variant              ? 
_entity_src_gen.pdbx_host_org_cell_line            ? 
_entity_src_gen.pdbx_host_org_atcc                 ? 
_entity_src_gen.pdbx_host_org_culture_collection   ? 
_entity_src_gen.pdbx_host_org_cell                 ? 
_entity_src_gen.pdbx_host_org_organelle            ? 
_entity_src_gen.pdbx_host_org_cellular_location    ? 
_entity_src_gen.pdbx_host_org_vector_type          ? 
_entity_src_gen.pdbx_host_org_vector               plasmid 
_entity_src_gen.host_org_details                   ? 
_entity_src_gen.expression_system_id               ? 
_entity_src_gen.plasmid_name                       pGEX-2T 
_entity_src_gen.plasmid_details                    ? 
_entity_src_gen.pdbx_description                   ? 
# 
loop_
_chem_comp.id 
_chem_comp.type 
_chem_comp.mon_nstd_flag 
_chem_comp.name 
_chem_comp.pdbx_synonyms 
_chem_comp.formula 
_chem_comp.formula_weight 
ALA 'L-peptide linking' y ALANINE         ? 'C3 H7 N O2'     89.093  
ARG 'L-peptide linking' y ARGININE        ? 'C6 H15 N4 O2 1' 175.209 
ASN 'L-peptide linking' y ASPARAGINE      ? 'C4 H8 N2 O3'    132.118 
ASP 'L-peptide linking' y 'ASPARTIC ACID' ? 'C4 H7 N O4'     133.103 
CYS 'L-peptide linking' y CYSTEINE        ? 'C3 H7 N O2 S'   121.158 
GLN 'L-peptide linking' y GLUTAMINE       ? 'C5 H10 N2 O3'   146.144 
GLU 'L-peptide linking' y 'GLUTAMIC ACID' ? 'C5 H9 N O4'     147.129 
GLY 'peptide linking'   y GLYCINE         ? 'C2 H5 N O2'     75.067  
HOH non-polymer         . WATER           ? 'H2 O'           18.015  
ILE 'L-peptide linking' y ISOLEUCINE      ? 'C6 H13 N O2'    131.173 
LEU 'L-peptide linking' y LEUCINE         ? 'C6 H13 N O2'    131.173 
LYS 'L-peptide linking' y LYSINE          ? 'C6 H15 N2 O2 1' 147.195 
MET 'L-peptide linking' y METHIONINE      ? 'C5 H11 N O2 S'  149.211 
PHE 'L-peptide linking' y PHENYLALANINE   ? 'C9 H11 N O2'    165.189 
PRO 'L-peptide linking' y PROLINE         ? 'C5 H9 N O2'     115.130 
SER 'L-peptide linking' y SERINE          ? 'C3 H7 N O3'     105.093 
THR 'L-peptide linking' y THREONINE       ? 'C4 H9 N O3'     119.119 
TRP 'L-peptide linking' y TRYPTOPHAN      ? 'C11 H12 N2 O2'  204.225 
TYR 'L-peptide linking' y TYROSINE        ? 'C9 H11 N O3'    181.189 
VAL 'L-peptide linking' y VALINE          ? 'C5 H11 N O2'    117.146 
# 
loop_
_pdbx_poly_seq_scheme.asym_id 
_pdbx_poly_seq_scheme.entity_id 
_pdbx_poly_seq_scheme.seq_id 
_pdbx_poly_seq_scheme.mon_id 
_pdbx_poly_seq_scheme.ndb_seq_num 
_pdbx_poly_seq_scheme.pdb_seq_num 
_pdbx_poly_seq_scheme.auth_seq_num 
_pdbx_poly_seq_scheme.pdb_mon_id 
_pdbx_poly_seq_scheme.auth_mon_id 
_pdbx_poly_seq_scheme.pdb_strand_id 
_pdbx_poly_seq_scheme.pdb_ins_code 
_pdbx_poly_seq_scheme.hetero 
A 1 1  GLY 1  838 ?   ?   ?   A . n 
A 1 2  SER 2  839 ?   ?   ?   A . n 
A 1 3  ALA 3  840 ?   ?   ?   A . n 
A 1 4  GLN 4  841 ?   ?   ?   A . n 
A 1 5  LEU 5  842 ?   ?   ?   A . n 
A 1 6  LEU 6  843 ?   ?   ?   A . n 
A 1 7  LYS 7  844 ?   ?   ?   A . n 
A 1 8  SER 8  845 845 SER SER A . n 
A 1 9  VAL 9  846 846 VAL VAL A . n 
A 1 10 PHE 10 847 847 PHE PHE A . n 
A 1 11 VAL 11 848 848 VAL VAL A . n 
A 1 12 LYS 12 849 849 LYS LYS A . n 
A 1 13 ASN 13 850 850 ASN ASN A . n 
A 1 14 VAL 14 851 851 VAL VAL A . n 
A 1 15 GLY 15 852 852 GLY GLY A . n 
A 1 16 TRP 16 853 853 TRP TRP A . n 
A 1 17 ALA 17 854 854 ALA ALA A . n 
A 1 18 THR 18 855 855 THR THR A . n 
A 1 19 GLN 19 856 856 GLN GLN A . n 
A 1 20 LEU 20 857 857 LEU LEU A . n 
A 1 21 THR 21 858 858 THR THR A . n 
A 1 22 SER 22 859 859 SER SER A . n 
A 1 23 GLY 23 860 860 GLY GLY A . n 
A 1 24 ALA 24 861 861 ALA ALA A . n 
A 1 25 VAL 25 862 862 VAL VAL A . n 
A 1 26 TRP 26 863 863 TRP TRP A . n 
A 1 27 VAL 27 864 864 VAL VAL A . n 
A 1 28 GLN 28 865 865 GLN GLN A . n 
A 1 29 PHE 29 866 866 PHE PHE A . n 
A 1 30 ASN 30 867 867 ASN ASN A . n 
A 1 31 ASP 31 868 868 ASP ASP A . n 
A 1 32 GLY 32 869 869 GLY GLY A . n 
A 1 33 SER 33 870 870 SER SER A . n 
A 1 34 GLN 34 871 871 GLN GLN A . n 
A 1 35 LEU 35 872 872 LEU LEU A . n 
A 1 36 VAL 36 873 873 VAL VAL A . n 
A 1 37 MET 37 874 874 MET MET A . n 
A 1 38 GLN 38 875 875 GLN GLN A . n 
A 1 39 ALA 39 876 876 ALA ALA A . n 
A 1 40 GLY 40 877 877 GLY GLY A . n 
A 1 41 VAL 41 878 878 VAL VAL A . n 
A 1 42 SER 42 879 879 SER SER A . n 
A 1 43 SER 43 880 880 SER SER A . n 
A 1 44 ILE 44 881 881 ILE ILE A . n 
A 1 45 SER 45 882 882 SER SER A . n 
A 1 46 TYR 46 883 883 TYR TYR A . n 
A 1 47 THR 47 884 884 THR THR A . n 
A 1 48 SER 48 885 885 SER SER A . n 
A 1 49 PRO 49 886 886 PRO PRO A . n 
A 1 50 ASP 50 887 887 ASP ASP A . n 
A 1 51 GLY 51 888 888 GLY GLY A . n 
A 1 52 GLN 52 889 889 GLN GLN A . n 
A 1 53 THR 53 890 890 THR THR A . n 
A 1 54 THR 54 891 891 THR THR A . n 
A 1 55 ARG 55 892 892 ARG ARG A . n 
A 1 56 TYR 56 893 893 TYR TYR A . n 
A 1 57 GLY 57 894 894 GLY GLY A . n 
A 1 58 GLU 58 895 895 GLU GLU A . n 
A 1 59 ASN 59 896 896 ASN ASN A . n 
A 1 60 GLU 60 897 897 GLU GLU A . n 
A 1 61 LYS 61 898 898 LYS LYS A . n 
A 1 62 LEU 62 899 899 LEU LEU A . n 
A 1 63 PRO 63 900 900 PRO PRO A . n 
A 1 64 GLU 64 901 901 GLU GLU A . n 
A 1 65 TYR 65 902 902 TYR TYR A . n 
A 1 66 ILE 66 903 903 ILE ILE A . n 
A 1 67 LYS 67 904 904 LYS LYS A . n 
A 1 68 GLN 68 905 905 GLN GLN A . n 
A 1 69 LYS 69 906 906 LYS LYS A . n 
A 1 70 LEU 70 907 907 LEU LEU A . n 
A 1 71 GLN 71 908 908 GLN GLN A . n 
A 1 72 LEU 72 909 909 LEU LEU A . n 
A 1 73 LEU 73 910 910 LEU LEU A . n 
A 1 74 SER 74 911 911 SER SER A . n 
A 1 75 SER 75 912 912 SER SER A . n 
A 1 76 ILE 76 913 913 ILE ILE A . n 
A 1 77 LEU 77 914 914 LEU LEU A . n 
A 1 78 LEU 78 915 915 LEU LEU A . n 
A 1 79 MET 79 916 916 MET MET A . n 
A 1 80 PHE 80 917 917 PHE PHE A . n 
A 1 81 SER 81 918 918 SER SER A . n 
A 1 82 ASN 82 919 919 ASN ASN A . n 
A 1 83 PRO 83 920 ?   ?   ?   A . n 
A 1 84 THR 84 921 ?   ?   ?   A . n 
A 1 85 PRO 85 922 ?   ?   ?   A . n 
A 1 86 VAL 86 923 ?   ?   ?   A . n 
A 1 87 PHE 87 924 ?   ?   ?   A . n 
A 1 88 GLN 88 925 ?   ?   ?   A . n 
B 1 1  GLY 1  838 ?   ?   ?   B . n 
B 1 2  SER 2  839 ?   ?   ?   B . n 
B 1 3  ALA 3  840 ?   ?   ?   B . n 
B 1 4  GLN 4  841 ?   ?   ?   B . n 
B 1 5  LEU 5  842 ?   ?   ?   B . n 
B 1 6  LEU 6  843 ?   ?   ?   B . n 
B 1 7  LYS 7  844 ?   ?   ?   B . n 
B 1 8  SER 8  845 845 SER SER B . n 
B 1 9  VAL 9  846 846 VAL VAL B . n 
B 1 10 PHE 10 847 847 PHE PHE B . n 
B 1 11 VAL 11 848 848 VAL VAL B . n 
B 1 12 LYS 12 849 849 LYS LYS B . n 
B 1 13 ASN 13 850 850 ASN ASN B . n 
B 1 14 VAL 14 851 851 VAL VAL B . n 
B 1 15 GLY 15 852 852 GLY GLY B . n 
B 1 16 TRP 16 853 853 TRP TRP B . n 
B 1 17 ALA 17 854 854 ALA ALA B . n 
B 1 18 THR 18 855 855 THR THR B . n 
B 1 19 GLN 19 856 856 GLN GLN B . n 
B 1 20 LEU 20 857 857 LEU LEU B . n 
B 1 21 THR 21 858 858 THR THR B . n 
B 1 22 SER 22 859 859 SER SER B . n 
B 1 23 GLY 23 860 860 GLY GLY B . n 
B 1 24 ALA 24 861 861 ALA ALA B . n 
B 1 25 VAL 25 862 862 VAL VAL B . n 
B 1 26 TRP 26 863 863 TRP TRP B . n 
B 1 27 VAL 27 864 864 VAL VAL B . n 
B 1 28 GLN 28 865 865 GLN GLN B . n 
B 1 29 PHE 29 866 866 PHE PHE B . n 
B 1 30 ASN 30 867 867 ASN ASN B . n 
B 1 31 ASP 31 868 868 ASP ASP B . n 
B 1 32 GLY 32 869 869 GLY GLY B . n 
B 1 33 SER 33 870 870 SER SER B . n 
B 1 34 GLN 34 871 871 GLN GLN B . n 
B 1 35 LEU 35 872 872 LEU LEU B . n 
B 1 36 VAL 36 873 873 VAL VAL B . n 
B 1 37 MET 37 874 874 MET MET B . n 
B 1 38 GLN 38 875 875 GLN GLN B . n 
B 1 39 ALA 39 876 876 ALA ALA B . n 
B 1 40 GLY 40 877 877 GLY GLY B . n 
B 1 41 VAL 41 878 878 VAL VAL B . n 
B 1 42 SER 42 879 879 SER SER B . n 
B 1 43 SER 43 880 880 SER SER B . n 
B 1 44 ILE 44 881 881 ILE ILE B . n 
B 1 45 SER 45 882 882 SER SER B . n 
B 1 46 TYR 46 883 883 TYR TYR B . n 
B 1 47 THR 47 884 884 THR THR B . n 
B 1 48 SER 48 885 885 SER SER B . n 
B 1 49 PRO 49 886 886 PRO PRO B . n 
B 1 50 ASP 50 887 887 ASP ASP B . n 
B 1 51 GLY 51 888 888 GLY GLY B . n 
B 1 52 GLN 52 889 889 GLN GLN B . n 
B 1 53 THR 53 890 890 THR THR B . n 
B 1 54 THR 54 891 891 THR THR B . n 
B 1 55 ARG 55 892 892 ARG ARG B . n 
B 1 56 TYR 56 893 893 TYR TYR B . n 
B 1 57 GLY 57 894 894 GLY GLY B . n 
B 1 58 GLU 58 895 895 GLU GLU B . n 
B 1 59 ASN 59 896 896 ASN ASN B . n 
B 1 60 GLU 60 897 897 GLU GLU B . n 
B 1 61 LYS 61 898 898 LYS LYS B . n 
B 1 62 LEU 62 899 899 LEU LEU B . n 
B 1 63 PRO 63 900 900 PRO PRO B . n 
B 1 64 GLU 64 901 901 GLU GLU B . n 
B 1 65 TYR 65 902 902 TYR TYR B . n 
B 1 66 ILE 66 903 903 ILE ILE B . n 
B 1 67 LYS 67 904 904 LYS LYS B . n 
B 1 68 GLN 68 905 905 GLN GLN B . n 
B 1 69 LYS 69 906 906 LYS LYS B . n 
B 1 70 LEU 70 907 907 LEU LEU B . n 
B 1 71 GLN 71 908 908 GLN GLN B . n 
B 1 72 LEU 72 909 909 LEU LEU B . n 
B 1 73 LEU 73 910 910 LEU LEU B . n 
B 1 74 SER 74 911 911 SER SER B . n 
B 1 75 SER 75 912 912 SER SER B . n 
B 1 76 ILE 76 913 913 ILE ILE B . n 
B 1 77 LEU 77 914 914 LEU LEU B . n 
B 1 78 LEU 78 915 915 LEU LEU B . n 
B 1 79 MET 79 916 916 MET MET B . n 
B 1 80 PHE 80 917 917 PHE PHE B . n 
B 1 81 SER 81 918 918 SER SER B . n 
B 1 82 ASN 82 919 919 ASN ASN B . n 
B 1 83 PRO 83 920 ?   ?   ?   B . n 
B 1 84 THR 84 921 ?   ?   ?   B . n 
B 1 85 PRO 85 922 ?   ?   ?   B . n 
B 1 86 VAL 86 923 ?   ?   ?   B . n 
B 1 87 PHE 87 924 ?   ?   ?   B . n 
B 1 88 GLN 88 925 ?   ?   ?   B . n 
# 
loop_
_pdbx_nonpoly_scheme.asym_id 
_pdbx_nonpoly_scheme.entity_id 
_pdbx_nonpoly_scheme.mon_id 
_pdbx_nonpoly_scheme.ndb_seq_num 
_pdbx_nonpoly_scheme.pdb_seq_num 
_pdbx_nonpoly_scheme.auth_seq_num 
_pdbx_nonpoly_scheme.pdb_mon_id 
_pdbx_nonpoly_scheme.auth_mon_id 
_pdbx_nonpoly_scheme.pdb_strand_id 
_pdbx_nonpoly_scheme.pdb_ins_code 
C 2 HOH 1  2  2  HOH HOH A . 
C 2 HOH 2  3  3  HOH HOH A . 
C 2 HOH 3  5  5  HOH HOH A . 
C 2 HOH 4  7  7  HOH HOH A . 
C 2 HOH 5  8  8  HOH HOH A . 
C 2 HOH 6  9  9  HOH HOH A . 
C 2 HOH 7  10 10 HOH HOH A . 
C 2 HOH 8  15 15 HOH HOH A . 
C 2 HOH 9  16 16 HOH HOH A . 
C 2 HOH 10 17 17 HOH HOH A . 
C 2 HOH 11 18 18 HOH HOH A . 
C 2 HOH 12 20 20 HOH HOH A . 
C 2 HOH 13 21 21 HOH HOH A . 
C 2 HOH 14 22 22 HOH HOH A . 
C 2 HOH 15 23 23 HOH HOH A . 
C 2 HOH 16 24 24 HOH HOH A . 
C 2 HOH 17 25 25 HOH HOH A . 
C 2 HOH 18 26 26 HOH HOH A . 
C 2 HOH 19 31 31 HOH HOH A . 
C 2 HOH 20 37 37 HOH HOH A . 
C 2 HOH 21 38 38 HOH HOH A . 
C 2 HOH 22 39 39 HOH HOH A . 
C 2 HOH 23 40 40 HOH HOH A . 
C 2 HOH 24 41 41 HOH HOH A . 
C 2 HOH 25 45 45 HOH HOH A . 
C 2 HOH 26 46 46 HOH HOH A . 
C 2 HOH 27 47 47 HOH HOH A . 
C 2 HOH 28 49 49 HOH HOH A . 
C 2 HOH 29 50 50 HOH HOH A . 
C 2 HOH 30 52 52 HOH HOH A . 
C 2 HOH 31 53 53 HOH HOH A . 
C 2 HOH 32 54 54 HOH HOH A . 
D 2 HOH 1  1  1  HOH HOH B . 
D 2 HOH 2  4  4  HOH HOH B . 
D 2 HOH 3  6  6  HOH HOH B . 
D 2 HOH 4  11 11 HOH HOH B . 
D 2 HOH 5  12 12 HOH HOH B . 
D 2 HOH 6  13 13 HOH HOH B . 
D 2 HOH 7  14 14 HOH HOH B . 
D 2 HOH 8  19 19 HOH HOH B . 
D 2 HOH 9  27 27 HOH HOH B . 
D 2 HOH 10 28 28 HOH HOH B . 
D 2 HOH 11 29 29 HOH HOH B . 
D 2 HOH 12 30 30 HOH HOH B . 
D 2 HOH 13 32 32 HOH HOH B . 
D 2 HOH 14 33 33 HOH HOH B . 
D 2 HOH 15 34 34 HOH HOH B . 
D 2 HOH 16 35 35 HOH HOH B . 
D 2 HOH 17 36 36 HOH HOH B . 
D 2 HOH 18 42 42 HOH HOH B . 
D 2 HOH 19 43 43 HOH HOH B . 
D 2 HOH 20 44 44 HOH HOH B . 
D 2 HOH 21 48 48 HOH HOH B . 
D 2 HOH 22 51 51 HOH HOH B . 
D 2 HOH 23 55 55 HOH HOH B . 
D 2 HOH 24 56 56 HOH HOH B . 
D 2 HOH 25 57 57 HOH HOH B . 
D 2 HOH 26 58 58 HOH HOH B . 
# 
loop_
_software.name 
_software.classification 
_software.version 
_software.citation_id 
_software.pdbx_ordinal 
HKL-2000  'data collection' . ? 1 
SCALEPACK 'data scaling'    . ? 2 
SHARP     phasing           . ? 3 
CNS       refinement        . ? 4 
HKL-2000  'data reduction'  . ? 5 
# 
_cell.entry_id           1MBY 
_cell.length_a           51.782 
_cell.length_b           51.782 
_cell.length_c           146.941 
_cell.angle_alpha        90.00 
_cell.angle_beta         90.00 
_cell.angle_gamma        120.00 
_cell.Z_PDB              12 
_cell.pdbx_unique_axis   ? 
# 
_symmetry.entry_id                         1MBY 
_symmetry.space_group_name_H-M             'P 32 1 2' 
_symmetry.pdbx_full_space_group_name_H-M   ? 
_symmetry.cell_setting                     ? 
_symmetry.Int_Tables_number                153 
# 
_exptl.entry_id          1MBY 
_exptl.method            'X-RAY DIFFRACTION' 
_exptl.crystals_number   1 
# 
_exptl_crystal.id                    1 
_exptl_crystal.density_meas          ? 
_exptl_crystal.density_percent_sol   58.19 
_exptl_crystal.density_Matthews      2.94 
_exptl_crystal.description           ? 
# 
_exptl_crystal_grow.crystal_id      1 
_exptl_crystal_grow.method          'VAPOR DIFFUSION, HANGING DROP' 
_exptl_crystal_grow.temp            293 
_exptl_crystal_grow.temp_details    ? 
_exptl_crystal_grow.pH              8.0 
_exptl_crystal_grow.pdbx_details    'Jeffamine M-600, magnesium chloride, pH 8.0, VAPOR DIFFUSION, HANGING DROP, temperature 293K' 
_exptl_crystal_grow.pdbx_pH_range   . 
# 
_diffrn.id                     1 
_diffrn.ambient_temp           105 
_diffrn.ambient_temp_details   ? 
_diffrn.crystal_id             1 
# 
_diffrn_detector.diffrn_id              1 
_diffrn_detector.detector               CCD 
_diffrn_detector.type                   CUSTOM-MADE 
_diffrn_detector.pdbx_collection_date   2000-12-13 
_diffrn_detector.details                ? 
# 
_diffrn_radiation.diffrn_id                        1 
_diffrn_radiation.wavelength_id                    1 
_diffrn_radiation.pdbx_monochromatic_or_laue_m_l   M 
_diffrn_radiation.monochromator                    crystal 
_diffrn_radiation.pdbx_diffrn_protocol             MAD 
_diffrn_radiation.pdbx_scattering_type             x-ray 
# 
loop_
_diffrn_radiation_wavelength.id 
_diffrn_radiation_wavelength.wavelength 
_diffrn_radiation_wavelength.wt 
1 0.9788 1.0 
2 0.9790 1.0 
3 0.9637 1.0 
4 0.9945 1.0 
# 
_diffrn_source.diffrn_id                   1 
_diffrn_source.source                      SYNCHROTRON 
_diffrn_source.type                        'APS BEAMLINE 19-BM' 
_diffrn_source.pdbx_synchrotron_site       APS 
_diffrn_source.pdbx_synchrotron_beamline   19-BM 
_diffrn_source.pdbx_wavelength             ? 
_diffrn_source.pdbx_wavelength_list        0.9788,0.9790,0.9637,0.9945 
# 
_refine.entry_id                                 1MBY 
_refine.ls_d_res_high                            2.0 
_refine.ls_d_res_low                             50.0 
_refine.pdbx_ls_sigma_F                          0.0 
_refine.pdbx_ls_sigma_I                          ? 
_refine.ls_number_reflns_all                     29811 
_refine.ls_number_reflns_obs                     29274 
_refine.ls_number_reflns_R_free                  2839 
_refine.ls_percent_reflns_obs                    98.2 
_refine.ls_R_factor_all                          ? 
_refine.ls_R_factor_obs                          ? 
_refine.ls_R_factor_R_work                       0.2310000 
_refine.ls_R_factor_R_free                       0.2490000 
_refine.ls_redundancy_reflns_obs                 ? 
_refine.pdbx_data_cutoff_high_absF               ? 
_refine.pdbx_data_cutoff_low_absF                ? 
_refine.ls_number_parameters                     ? 
_refine.ls_number_restraints                     ? 
_refine.ls_percent_reflns_R_free                 ? 
_refine.ls_R_factor_R_free_error                 ? 
_refine.ls_R_factor_R_free_error_details         ? 
_refine.pdbx_method_to_determine_struct          MAD 
_refine.pdbx_starting_model                      ? 
_refine.pdbx_ls_cross_valid_method               THROUGHOUT 
_refine.pdbx_R_Free_selection_details            random 
_refine.pdbx_stereochem_target_val_spec_case     ? 
_refine.pdbx_stereochemistry_target_values       'Engh & Huber' 
_refine.solvent_model_details                    ? 
_refine.solvent_model_param_bsol                 ? 
_refine.solvent_model_param_ksol                 ? 
_refine.occupancy_max                            ? 
_refine.occupancy_min                            ? 
_refine.pdbx_isotropic_thermal_model             ? 
_refine.B_iso_mean                               ? 
_refine.aniso_B[1][1]                            ? 
_refine.aniso_B[1][2]                            ? 
_refine.aniso_B[1][3]                            ? 
_refine.aniso_B[2][2]                            ? 
_refine.aniso_B[2][3]                            ? 
_refine.aniso_B[3][3]                            ? 
_refine.details                                  ? 
_refine.B_iso_min                                ? 
_refine.B_iso_max                                ? 
_refine.correlation_coeff_Fo_to_Fc               ? 
_refine.correlation_coeff_Fo_to_Fc_free          ? 
_refine.pdbx_solvent_vdw_probe_radii             ? 
_refine.pdbx_solvent_ion_probe_radii             ? 
_refine.pdbx_solvent_shrinkage_radii             ? 
_refine.overall_SU_R_Cruickshank_DPI             ? 
_refine.overall_SU_R_free                        ? 
_refine.overall_SU_B                             ? 
_refine.overall_SU_ML                            ? 
_refine.pdbx_overall_ESU_R                       ? 
_refine.pdbx_overall_ESU_R_Free                  ? 
_refine.pdbx_data_cutoff_high_rms_absF           ? 
_refine.pdbx_refine_id                           'X-RAY DIFFRACTION' 
_refine.pdbx_diffrn_id                           1 
_refine.pdbx_TLS_residual_ADP_flag               ? 
_refine.pdbx_overall_phase_error                 ? 
_refine.pdbx_overall_SU_R_free_Cruickshank_DPI   ? 
_refine.pdbx_overall_SU_R_Blow_DPI               ? 
_refine.pdbx_overall_SU_R_free_Blow_DPI          ? 
# 
_refine_hist.pdbx_refine_id                   'X-RAY DIFFRACTION' 
_refine_hist.cycle_id                         LAST 
_refine_hist.pdbx_number_atoms_protein        1166 
_refine_hist.pdbx_number_atoms_nucleic_acid   0 
_refine_hist.pdbx_number_atoms_ligand         0 
_refine_hist.number_atoms_solvent             58 
_refine_hist.number_atoms_total               1224 
_refine_hist.d_res_high                       2.0 
_refine_hist.d_res_low                        50.0 
# 
loop_
_refine_ls_restr.type 
_refine_ls_restr.dev_ideal 
_refine_ls_restr.dev_ideal_target 
_refine_ls_restr.weight 
_refine_ls_restr.number 
_refine_ls_restr.pdbx_refine_id 
_refine_ls_restr.pdbx_restraint_function 
c_bond_d    0.012 ? ? ? 'X-RAY DIFFRACTION' ? 
c_angle_deg 1.539 ? ? ? 'X-RAY DIFFRACTION' ? 
# 
_struct.entry_id                  1MBY 
_struct.title                     'Murine Sak Polo Domain' 
_struct.pdbx_model_details        ? 
_struct.pdbx_CASP_flag            ? 
_struct.pdbx_model_type_details   ? 
# 
_struct_keywords.entry_id        1MBY 
_struct_keywords.pdbx_keywords   TRANSFERASE 
_struct_keywords.text            'POLO DOMAIN, STRAND EXCHANGE, TRANSFERASE' 
# 
loop_
_struct_asym.id 
_struct_asym.pdbx_blank_PDB_chainid_flag 
_struct_asym.pdbx_modified 
_struct_asym.entity_id 
_struct_asym.details 
A N N 1 ? 
B N N 1 ? 
C N N 2 ? 
D N N 2 ? 
# 
_struct_ref.id                         1 
_struct_ref.db_name                    UNP 
_struct_ref.db_code                    PLK4_MOUSE 
_struct_ref.entity_id                  1 
_struct_ref.pdbx_seq_one_letter_code   
;SAQLLKSVFVKNVGWATQLTSGAVWVQFNDGSQLVVQAGVSSISYTSPDGQTTRYGENEKLPEYIKQKLQCLSSILLMFS
NPTPNFQ
;
_struct_ref.pdbx_align_begin           839 
_struct_ref.pdbx_db_accession          Q64702 
_struct_ref.pdbx_db_isoform            ? 
# 
loop_
_struct_ref_seq.align_id 
_struct_ref_seq.ref_id 
_struct_ref_seq.pdbx_PDB_id_code 
_struct_ref_seq.pdbx_strand_id 
_struct_ref_seq.seq_align_beg 
_struct_ref_seq.pdbx_seq_align_beg_ins_code 
_struct_ref_seq.seq_align_end 
_struct_ref_seq.pdbx_seq_align_end_ins_code 
_struct_ref_seq.pdbx_db_accession 
_struct_ref_seq.db_align_beg 
_struct_ref_seq.pdbx_db_align_beg_ins_code 
_struct_ref_seq.db_align_end 
_struct_ref_seq.pdbx_db_align_end_ins_code 
_struct_ref_seq.pdbx_auth_seq_align_beg 
_struct_ref_seq.pdbx_auth_seq_align_end 
1 1 1MBY A 2 ? 88 ? Q64702 839 ? 925 ? 839 925 
2 1 1MBY B 2 ? 88 ? Q64702 839 ? 925 ? 839 925 
# 
loop_
_struct_ref_seq_dif.align_id 
_struct_ref_seq_dif.pdbx_pdb_id_code 
_struct_ref_seq_dif.mon_id 
_struct_ref_seq_dif.pdbx_pdb_strand_id 
_struct_ref_seq_dif.seq_num 
_struct_ref_seq_dif.pdbx_pdb_ins_code 
_struct_ref_seq_dif.pdbx_seq_db_name 
_struct_ref_seq_dif.pdbx_seq_db_accession_code 
_struct_ref_seq_dif.db_mon_id 
_struct_ref_seq_dif.pdbx_seq_db_seq_num 
_struct_ref_seq_dif.details 
_struct_ref_seq_dif.pdbx_auth_seq_num 
_struct_ref_seq_dif.pdbx_ordinal 
1 1MBY GLY A 1  ? UNP Q64702 ?   ?   'cloning artifact'    838 1 
1 1MBY MET A 37 ? UNP Q64702 VAL 874 'engineered mutation' 874 2 
1 1MBY LEU A 72 ? UNP Q64702 CYS 909 'engineered mutation' 909 3 
1 1MBY VAL A 86 ? UNP Q64702 ASN 923 conflict              923 4 
2 1MBY GLY B 1  ? UNP Q64702 ?   ?   'cloning artifact'    838 5 
2 1MBY MET B 37 ? UNP Q64702 VAL 874 'engineered mutation' 874 6 
2 1MBY LEU B 72 ? UNP Q64702 CYS 909 'engineered mutation' 909 7 
2 1MBY VAL B 86 ? UNP Q64702 ASN 923 conflict              923 8 
# 
loop_
_pdbx_struct_assembly.id 
_pdbx_struct_assembly.details 
_pdbx_struct_assembly.method_details 
_pdbx_struct_assembly.oligomeric_details 
_pdbx_struct_assembly.oligomeric_count 
1 author_and_software_defined_assembly PISA dimeric    2 
2 software_defined_assembly            PISA tetrameric 4 
# 
loop_
_pdbx_struct_assembly_prop.biol_id 
_pdbx_struct_assembly_prop.type 
_pdbx_struct_assembly_prop.value 
_pdbx_struct_assembly_prop.details 
1 'ABSA (A^2)' 2460  ? 
1 MORE         -22   ? 
1 'SSA (A^2)'  9300  ? 
2 'ABSA (A^2)' 7020  ? 
2 MORE         -57   ? 
2 'SSA (A^2)'  16500 ? 
# 
loop_
_pdbx_struct_assembly_gen.assembly_id 
_pdbx_struct_assembly_gen.oper_expression 
_pdbx_struct_assembly_gen.asym_id_list 
1 1   A,B,C,D 
2 1,2 A,B,C,D 
# 
loop_
_pdbx_struct_oper_list.id 
_pdbx_struct_oper_list.type 
_pdbx_struct_oper_list.name 
_pdbx_struct_oper_list.symmetry_operation 
_pdbx_struct_oper_list.matrix[1][1] 
_pdbx_struct_oper_list.matrix[1][2] 
_pdbx_struct_oper_list.matrix[1][3] 
_pdbx_struct_oper_list.vector[1] 
_pdbx_struct_oper_list.matrix[2][1] 
_pdbx_struct_oper_list.matrix[2][2] 
_pdbx_struct_oper_list.matrix[2][3] 
_pdbx_struct_oper_list.vector[2] 
_pdbx_struct_oper_list.matrix[3][1] 
_pdbx_struct_oper_list.matrix[3][2] 
_pdbx_struct_oper_list.matrix[3][3] 
_pdbx_struct_oper_list.vector[3] 
1 'identity operation'         1_555 x,y,z            1.0000000000 0.0000000000 0.0000000000 0.0000000000  0.0000000000 1.0000000000  0.0000000000 0.0000000000   0.0000000000 0.0000000000 1.0000000000  0.0000000000  
2 'crystal symmetry operation' 4_665 -y+1,-x+1,-z+1/3 0.8652428272 0.3284432489 0.3787873840 -0.0951201554 0.3284432489 -0.9421657244 0.0666991757 -18.2626537999 0.3787873840 0.0666991757 -0.9230771028 16.3037835934 
# 
_struct_biol.id                    1 
_struct_biol.pdbx_parent_biol_id   ? 
_struct_biol.details               ? 
# 
loop_
_struct_conf.conf_type_id 
_struct_conf.id 
_struct_conf.pdbx_PDB_helix_id 
_struct_conf.beg_label_comp_id 
_struct_conf.beg_label_asym_id 
_struct_conf.beg_label_seq_id 
_struct_conf.pdbx_beg_PDB_ins_code 
_struct_conf.end_label_comp_id 
_struct_conf.end_label_asym_id 
_struct_conf.end_label_seq_id 
_struct_conf.pdbx_end_PDB_ins_code 
_struct_conf.beg_auth_comp_id 
_struct_conf.beg_auth_asym_id 
_struct_conf.beg_auth_seq_id 
_struct_conf.end_auth_comp_id 
_struct_conf.end_auth_asym_id 
_struct_conf.end_auth_seq_id 
_struct_conf.pdbx_PDB_helix_class 
_struct_conf.details 
_struct_conf.pdbx_PDB_helix_length 
HELX_P HELX_P1 1 PRO A 63 ? GLN A 71 ? PRO A 900 GLN A 908 1 ? 9  
HELX_P HELX_P2 2 PRO B 63 ? LEU B 72 ? PRO B 900 LEU B 909 1 ? 10 
# 
_struct_conf_type.id          HELX_P 
_struct_conf_type.criteria    ? 
_struct_conf_type.reference   ? 
# 
loop_
_struct_sheet.id 
_struct_sheet.type 
_struct_sheet.number_strands 
_struct_sheet.details 
A ? 6 ? 
B ? 6 ? 
# 
loop_
_struct_sheet_order.sheet_id 
_struct_sheet_order.range_id_1 
_struct_sheet_order.range_id_2 
_struct_sheet_order.offset 
_struct_sheet_order.sense 
A 1 2 ? anti-parallel 
A 2 3 ? anti-parallel 
A 3 4 ? anti-parallel 
A 4 5 ? anti-parallel 
A 5 6 ? anti-parallel 
B 1 2 ? anti-parallel 
B 2 3 ? anti-parallel 
B 3 4 ? anti-parallel 
B 4 5 ? anti-parallel 
B 5 6 ? anti-parallel 
# 
loop_
_struct_sheet_range.sheet_id 
_struct_sheet_range.id 
_struct_sheet_range.beg_label_comp_id 
_struct_sheet_range.beg_label_asym_id 
_struct_sheet_range.beg_label_seq_id 
_struct_sheet_range.pdbx_beg_PDB_ins_code 
_struct_sheet_range.end_label_comp_id 
_struct_sheet_range.end_label_asym_id 
_struct_sheet_range.end_label_seq_id 
_struct_sheet_range.pdbx_end_PDB_ins_code 
_struct_sheet_range.beg_auth_comp_id 
_struct_sheet_range.beg_auth_asym_id 
_struct_sheet_range.beg_auth_seq_id 
_struct_sheet_range.end_auth_comp_id 
_struct_sheet_range.end_auth_asym_id 
_struct_sheet_range.end_auth_seq_id 
A 1 ILE A 76 ? PHE A 80 ? ILE A 913 PHE A 917 
A 2 VAL A 11 ? THR A 18 ? VAL A 848 THR A 855 
A 3 SER A 22 ? PHE A 29 ? SER A 859 PHE A 866 
A 4 GLN A 34 ? GLY A 40 ? GLN A 871 GLY A 877 
A 5 SER B 43 ? THR B 47 ? SER B 880 THR B 884 
A 6 THR B 53 ? GLY B 57 ? THR B 890 GLY B 894 
B 1 ILE B 76 ? PHE B 80 ? ILE B 913 PHE B 917 
B 2 VAL B 11 ? THR B 18 ? VAL B 848 THR B 855 
B 3 SER B 22 ? PHE B 29 ? SER B 859 PHE B 866 
B 4 GLN B 34 ? GLY B 40 ? GLN B 871 GLY B 877 
B 5 SER A 43 ? THR A 47 ? SER A 880 THR A 884 
B 6 THR A 53 ? GLY A 57 ? THR A 890 GLY A 894 
# 
loop_
_pdbx_validate_torsion.id 
_pdbx_validate_torsion.PDB_model_num 
_pdbx_validate_torsion.auth_comp_id 
_pdbx_validate_torsion.auth_asym_id 
_pdbx_validate_torsion.auth_seq_id 
_pdbx_validate_torsion.PDB_ins_code 
_pdbx_validate_torsion.label_alt_id 
_pdbx_validate_torsion.phi 
_pdbx_validate_torsion.psi 
1 1 GLN A 856 ? ? -117.48 -127.73 
2 1 GLN B 856 ? ? -110.39 -117.35 
# 
loop_
_pdbx_unobs_or_zero_occ_residues.id 
_pdbx_unobs_or_zero_occ_residues.PDB_model_num 
_pdbx_unobs_or_zero_occ_residues.polymer_flag 
_pdbx_unobs_or_zero_occ_residues.occupancy_flag 
_pdbx_unobs_or_zero_occ_residues.auth_asym_id 
_pdbx_unobs_or_zero_occ_residues.auth_comp_id 
_pdbx_unobs_or_zero_occ_residues.auth_seq_id 
_pdbx_unobs_or_zero_occ_residues.PDB_ins_code 
_pdbx_unobs_or_zero_occ_residues.label_asym_id 
_pdbx_unobs_or_zero_occ_residues.label_comp_id 
_pdbx_unobs_or_zero_occ_residues.label_seq_id 
1  1 Y 1 A GLY 838 ? A GLY 1  
2  1 Y 1 A SER 839 ? A SER 2  
3  1 Y 1 A ALA 840 ? A ALA 3  
4  1 Y 1 A GLN 841 ? A GLN 4  
5  1 Y 1 A LEU 842 ? A LEU 5  
6  1 Y 1 A LEU 843 ? A LEU 6  
7  1 Y 1 A LYS 844 ? A LYS 7  
8  1 Y 1 A PRO 920 ? A PRO 83 
9  1 Y 1 A THR 921 ? A THR 84 
10 1 Y 1 A PRO 922 ? A PRO 85 
11 1 Y 1 A VAL 923 ? A VAL 86 
12 1 Y 1 A PHE 924 ? A PHE 87 
13 1 Y 1 A GLN 925 ? A GLN 88 
14 1 Y 1 B GLY 838 ? B GLY 1  
15 1 Y 1 B SER 839 ? B SER 2  
16 1 Y 1 B ALA 840 ? B ALA 3  
17 1 Y 1 B GLN 841 ? B GLN 4  
18 1 Y 1 B LEU 842 ? B LEU 5  
19 1 Y 1 B LEU 843 ? B LEU 6  
20 1 Y 1 B LYS 844 ? B LYS 7  
21 1 Y 1 B PRO 920 ? B PRO 83 
22 1 Y 1 B THR 921 ? B THR 84 
23 1 Y 1 B PRO 922 ? B PRO 85 
24 1 Y 1 B VAL 923 ? B VAL 86 
25 1 Y 1 B PHE 924 ? B PHE 87 
26 1 Y 1 B GLN 925 ? B GLN 88 
# 
loop_
_chem_comp_atom.comp_id 
_chem_comp_atom.atom_id 
_chem_comp_atom.type_symbol 
_chem_comp_atom.pdbx_aromatic_flag 
_chem_comp_atom.pdbx_stereo_config 
_chem_comp_atom.pdbx_ordinal 
ALA N    N N N 1   
ALA CA   C N S 2   
ALA C    C N N 3   
ALA O    O N N 4   
ALA CB   C N N 5   
ALA OXT  O N N 6   
ALA H    H N N 7   
ALA H2   H N N 8   
ALA HA   H N N 9   
ALA HB1  H N N 10  
ALA HB2  H N N 11  
ALA HB3  H N N 12  
ALA HXT  H N N 13  
ARG N    N N N 14  
ARG CA   C N S 15  
ARG C    C N N 16  
ARG O    O N N 17  
ARG CB   C N N 18  
ARG CG   C N N 19  
ARG CD   C N N 20  
ARG NE   N N N 21  
ARG CZ   C N N 22  
ARG NH1  N N N 23  
ARG NH2  N N N 24  
ARG OXT  O N N 25  
ARG H    H N N 26  
ARG H2   H N N 27  
ARG HA   H N N 28  
ARG HB2  H N N 29  
ARG HB3  H N N 30  
ARG HG2  H N N 31  
ARG HG3  H N N 32  
ARG HD2  H N N 33  
ARG HD3  H N N 34  
ARG HE   H N N 35  
ARG HH11 H N N 36  
ARG HH12 H N N 37  
ARG HH21 H N N 38  
ARG HH22 H N N 39  
ARG HXT  H N N 40  
ASN N    N N N 41  
ASN CA   C N S 42  
ASN C    C N N 43  
ASN O    O N N 44  
ASN CB   C N N 45  
ASN CG   C N N 46  
ASN OD1  O N N 47  
ASN ND2  N N N 48  
ASN OXT  O N N 49  
ASN H    H N N 50  
ASN H2   H N N 51  
ASN HA   H N N 52  
ASN HB2  H N N 53  
ASN HB3  H N N 54  
ASN HD21 H N N 55  
ASN HD22 H N N 56  
ASN HXT  H N N 57  
ASP N    N N N 58  
ASP CA   C N S 59  
ASP C    C N N 60  
ASP O    O N N 61  
ASP CB   C N N 62  
ASP CG   C N N 63  
ASP OD1  O N N 64  
ASP OD2  O N N 65  
ASP OXT  O N N 66  
ASP H    H N N 67  
ASP H2   H N N 68  
ASP HA   H N N 69  
ASP HB2  H N N 70  
ASP HB3  H N N 71  
ASP HD2  H N N 72  
ASP HXT  H N N 73  
CYS N    N N N 74  
CYS CA   C N R 75  
CYS C    C N N 76  
CYS O    O N N 77  
CYS CB   C N N 78  
CYS SG   S N N 79  
CYS OXT  O N N 80  
CYS H    H N N 81  
CYS H2   H N N 82  
CYS HA   H N N 83  
CYS HB2  H N N 84  
CYS HB3  H N N 85  
CYS HG   H N N 86  
CYS HXT  H N N 87  
GLN N    N N N 88  
GLN CA   C N S 89  
GLN C    C N N 90  
GLN O    O N N 91  
GLN CB   C N N 92  
GLN CG   C N N 93  
GLN CD   C N N 94  
GLN OE1  O N N 95  
GLN NE2  N N N 96  
GLN OXT  O N N 97  
GLN H    H N N 98  
GLN H2   H N N 99  
GLN HA   H N N 100 
GLN HB2  H N N 101 
GLN HB3  H N N 102 
GLN HG2  H N N 103 
GLN HG3  H N N 104 
GLN HE21 H N N 105 
GLN HE22 H N N 106 
GLN HXT  H N N 107 
GLU N    N N N 108 
GLU CA   C N S 109 
GLU C    C N N 110 
GLU O    O N N 111 
GLU CB   C N N 112 
GLU CG   C N N 113 
GLU CD   C N N 114 
GLU OE1  O N N 115 
GLU OE2  O N N 116 
GLU OXT  O N N 117 
GLU H    H N N 118 
GLU H2   H N N 119 
GLU HA   H N N 120 
GLU HB2  H N N 121 
GLU HB3  H N N 122 
GLU HG2  H N N 123 
GLU HG3  H N N 124 
GLU HE2  H N N 125 
GLU HXT  H N N 126 
GLY N    N N N 127 
GLY CA   C N N 128 
GLY C    C N N 129 
GLY O    O N N 130 
GLY OXT  O N N 131 
GLY H    H N N 132 
GLY H2   H N N 133 
GLY HA2  H N N 134 
GLY HA3  H N N 135 
GLY HXT  H N N 136 
HOH O    O N N 137 
HOH H1   H N N 138 
HOH H2   H N N 139 
ILE N    N N N 140 
ILE CA   C N S 141 
ILE C    C N N 142 
ILE O    O N N 143 
ILE CB   C N S 144 
ILE CG1  C N N 145 
ILE CG2  C N N 146 
ILE CD1  C N N 147 
ILE OXT  O N N 148 
ILE H    H N N 149 
ILE H2   H N N 150 
ILE HA   H N N 151 
ILE HB   H N N 152 
ILE HG12 H N N 153 
ILE HG13 H N N 154 
ILE HG21 H N N 155 
ILE HG22 H N N 156 
ILE HG23 H N N 157 
ILE HD11 H N N 158 
ILE HD12 H N N 159 
ILE HD13 H N N 160 
ILE HXT  H N N 161 
LEU N    N N N 162 
LEU CA   C N S 163 
LEU C    C N N 164 
LEU O    O N N 165 
LEU CB   C N N 166 
LEU CG   C N N 167 
LEU CD1  C N N 168 
LEU CD2  C N N 169 
LEU OXT  O N N 170 
LEU H    H N N 171 
LEU H2   H N N 172 
LEU HA   H N N 173 
LEU HB2  H N N 174 
LEU HB3  H N N 175 
LEU HG   H N N 176 
LEU HD11 H N N 177 
LEU HD12 H N N 178 
LEU HD13 H N N 179 
LEU HD21 H N N 180 
LEU HD22 H N N 181 
LEU HD23 H N N 182 
LEU HXT  H N N 183 
LYS N    N N N 184 
LYS CA   C N S 185 
LYS C    C N N 186 
LYS O    O N N 187 
LYS CB   C N N 188 
LYS CG   C N N 189 
LYS CD   C N N 190 
LYS CE   C N N 191 
LYS NZ   N N N 192 
LYS OXT  O N N 193 
LYS H    H N N 194 
LYS H2   H N N 195 
LYS HA   H N N 196 
LYS HB2  H N N 197 
LYS HB3  H N N 198 
LYS HG2  H N N 199 
LYS HG3  H N N 200 
LYS HD2  H N N 201 
LYS HD3  H N N 202 
LYS HE2  H N N 203 
LYS HE3  H N N 204 
LYS HZ1  H N N 205 
LYS HZ2  H N N 206 
LYS HZ3  H N N 207 
LYS HXT  H N N 208 
MET N    N N N 209 
MET CA   C N S 210 
MET C    C N N 211 
MET O    O N N 212 
MET CB   C N N 213 
MET CG   C N N 214 
MET SD   S N N 215 
MET CE   C N N 216 
MET OXT  O N N 217 
MET H    H N N 218 
MET H2   H N N 219 
MET HA   H N N 220 
MET HB2  H N N 221 
MET HB3  H N N 222 
MET HG2  H N N 223 
MET HG3  H N N 224 
MET HE1  H N N 225 
MET HE2  H N N 226 
MET HE3  H N N 227 
MET HXT  H N N 228 
PHE N    N N N 229 
PHE CA   C N S 230 
PHE C    C N N 231 
PHE O    O N N 232 
PHE CB   C N N 233 
PHE CG   C Y N 234 
PHE CD1  C Y N 235 
PHE CD2  C Y N 236 
PHE CE1  C Y N 237 
PHE CE2  C Y N 238 
PHE CZ   C Y N 239 
PHE OXT  O N N 240 
PHE H    H N N 241 
PHE H2   H N N 242 
PHE HA   H N N 243 
PHE HB2  H N N 244 
PHE HB3  H N N 245 
PHE HD1  H N N 246 
PHE HD2  H N N 247 
PHE HE1  H N N 248 
PHE HE2  H N N 249 
PHE HZ   H N N 250 
PHE HXT  H N N 251 
PRO N    N N N 252 
PRO CA   C N S 253 
PRO C    C N N 254 
PRO O    O N N 255 
PRO CB   C N N 256 
PRO CG   C N N 257 
PRO CD   C N N 258 
PRO OXT  O N N 259 
PRO H    H N N 260 
PRO HA   H N N 261 
PRO HB2  H N N 262 
PRO HB3  H N N 263 
PRO HG2  H N N 264 
PRO HG3  H N N 265 
PRO HD2  H N N 266 
PRO HD3  H N N 267 
PRO HXT  H N N 268 
SER N    N N N 269 
SER CA   C N S 270 
SER C    C N N 271 
SER O    O N N 272 
SER CB   C N N 273 
SER OG   O N N 274 
SER OXT  O N N 275 
SER H    H N N 276 
SER H2   H N N 277 
SER HA   H N N 278 
SER HB2  H N N 279 
SER HB3  H N N 280 
SER HG   H N N 281 
SER HXT  H N N 282 
THR N    N N N 283 
THR CA   C N S 284 
THR C    C N N 285 
THR O    O N N 286 
THR CB   C N R 287 
THR OG1  O N N 288 
THR CG2  C N N 289 
THR OXT  O N N 290 
THR H    H N N 291 
THR H2   H N N 292 
THR HA   H N N 293 
THR HB   H N N 294 
THR HG1  H N N 295 
THR HG21 H N N 296 
THR HG22 H N N 297 
THR HG23 H N N 298 
THR HXT  H N N 299 
TRP N    N N N 300 
TRP CA   C N S 301 
TRP C    C N N 302 
TRP O    O N N 303 
TRP CB   C N N 304 
TRP CG   C Y N 305 
TRP CD1  C Y N 306 
TRP CD2  C Y N 307 
TRP NE1  N Y N 308 
TRP CE2  C Y N 309 
TRP CE3  C Y N 310 
TRP CZ2  C Y N 311 
TRP CZ3  C Y N 312 
TRP CH2  C Y N 313 
TRP OXT  O N N 314 
TRP H    H N N 315 
TRP H2   H N N 316 
TRP HA   H N N 317 
TRP HB2  H N N 318 
TRP HB3  H N N 319 
TRP HD1  H N N 320 
TRP HE1  H N N 321 
TRP HE3  H N N 322 
TRP HZ2  H N N 323 
TRP HZ3  H N N 324 
TRP HH2  H N N 325 
TRP HXT  H N N 326 
TYR N    N N N 327 
TYR CA   C N S 328 
TYR C    C N N 329 
TYR O    O N N 330 
TYR CB   C N N 331 
TYR CG   C Y N 332 
TYR CD1  C Y N 333 
TYR CD2  C Y N 334 
TYR CE1  C Y N 335 
TYR CE2  C Y N 336 
TYR CZ   C Y N 337 
TYR OH   O N N 338 
TYR OXT  O N N 339 
TYR H    H N N 340 
TYR H2   H N N 341 
TYR HA   H N N 342 
TYR HB2  H N N 343 
TYR HB3  H N N 344 
TYR HD1  H N N 345 
TYR HD2  H N N 346 
TYR HE1  H N N 347 
TYR HE2  H N N 348 
TYR HH   H N N 349 
TYR HXT  H N N 350 
VAL N    N N N 351 
VAL CA   C N S 352 
VAL C    C N N 353 
VAL O    O N N 354 
VAL CB   C N N 355 
VAL CG1  C N N 356 
VAL CG2  C N N 357 
VAL OXT  O N N 358 
VAL H    H N N 359 
VAL H2   H N N 360 
VAL HA   H N N 361 
VAL HB   H N N 362 
VAL HG11 H N N 363 
VAL HG12 H N N 364 
VAL HG13 H N N 365 
VAL HG21 H N N 366 
VAL HG22 H N N 367 
VAL HG23 H N N 368 
VAL HXT  H N N 369 
# 
loop_
_chem_comp_bond.comp_id 
_chem_comp_bond.atom_id_1 
_chem_comp_bond.atom_id_2 
_chem_comp_bond.value_order 
_chem_comp_bond.pdbx_aromatic_flag 
_chem_comp_bond.pdbx_stereo_config 
_chem_comp_bond.pdbx_ordinal 
ALA N   CA   sing N N 1   
ALA N   H    sing N N 2   
ALA N   H2   sing N N 3   
ALA CA  C    sing N N 4   
ALA CA  CB   sing N N 5   
ALA CA  HA   sing N N 6   
ALA C   O    doub N N 7   
ALA C   OXT  sing N N 8   
ALA CB  HB1  sing N N 9   
ALA CB  HB2  sing N N 10  
ALA CB  HB3  sing N N 11  
ALA OXT HXT  sing N N 12  
ARG N   CA   sing N N 13  
ARG N   H    sing N N 14  
ARG N   H2   sing N N 15  
ARG CA  C    sing N N 16  
ARG CA  CB   sing N N 17  
ARG CA  HA   sing N N 18  
ARG C   O    doub N N 19  
ARG C   OXT  sing N N 20  
ARG CB  CG   sing N N 21  
ARG CB  HB2  sing N N 22  
ARG CB  HB3  sing N N 23  
ARG CG  CD   sing N N 24  
ARG CG  HG2  sing N N 25  
ARG CG  HG3  sing N N 26  
ARG CD  NE   sing N N 27  
ARG CD  HD2  sing N N 28  
ARG CD  HD3  sing N N 29  
ARG NE  CZ   sing N N 30  
ARG NE  HE   sing N N 31  
ARG CZ  NH1  sing N N 32  
ARG CZ  NH2  doub N N 33  
ARG NH1 HH11 sing N N 34  
ARG NH1 HH12 sing N N 35  
ARG NH2 HH21 sing N N 36  
ARG NH2 HH22 sing N N 37  
ARG OXT HXT  sing N N 38  
ASN N   CA   sing N N 39  
ASN N   H    sing N N 40  
ASN N   H2   sing N N 41  
ASN CA  C    sing N N 42  
ASN CA  CB   sing N N 43  
ASN CA  HA   sing N N 44  
ASN C   O    doub N N 45  
ASN C   OXT  sing N N 46  
ASN CB  CG   sing N N 47  
ASN CB  HB2  sing N N 48  
ASN CB  HB3  sing N N 49  
ASN CG  OD1  doub N N 50  
ASN CG  ND2  sing N N 51  
ASN ND2 HD21 sing N N 52  
ASN ND2 HD22 sing N N 53  
ASN OXT HXT  sing N N 54  
ASP N   CA   sing N N 55  
ASP N   H    sing N N 56  
ASP N   H2   sing N N 57  
ASP CA  C    sing N N 58  
ASP CA  CB   sing N N 59  
ASP CA  HA   sing N N 60  
ASP C   O    doub N N 61  
ASP C   OXT  sing N N 62  
ASP CB  CG   sing N N 63  
ASP CB  HB2  sing N N 64  
ASP CB  HB3  sing N N 65  
ASP CG  OD1  doub N N 66  
ASP CG  OD2  sing N N 67  
ASP OD2 HD2  sing N N 68  
ASP OXT HXT  sing N N 69  
CYS N   CA   sing N N 70  
CYS N   H    sing N N 71  
CYS N   H2   sing N N 72  
CYS CA  C    sing N N 73  
CYS CA  CB   sing N N 74  
CYS CA  HA   sing N N 75  
CYS C   O    doub N N 76  
CYS C   OXT  sing N N 77  
CYS CB  SG   sing N N 78  
CYS CB  HB2  sing N N 79  
CYS CB  HB3  sing N N 80  
CYS SG  HG   sing N N 81  
CYS OXT HXT  sing N N 82  
GLN N   CA   sing N N 83  
GLN N   H    sing N N 84  
GLN N   H2   sing N N 85  
GLN CA  C    sing N N 86  
GLN CA  CB   sing N N 87  
GLN CA  HA   sing N N 88  
GLN C   O    doub N N 89  
GLN C   OXT  sing N N 90  
GLN CB  CG   sing N N 91  
GLN CB  HB2  sing N N 92  
GLN CB  HB3  sing N N 93  
GLN CG  CD   sing N N 94  
GLN CG  HG2  sing N N 95  
GLN CG  HG3  sing N N 96  
GLN CD  OE1  doub N N 97  
GLN CD  NE2  sing N N 98  
GLN NE2 HE21 sing N N 99  
GLN NE2 HE22 sing N N 100 
GLN OXT HXT  sing N N 101 
GLU N   CA   sing N N 102 
GLU N   H    sing N N 103 
GLU N   H2   sing N N 104 
GLU CA  C    sing N N 105 
GLU CA  CB   sing N N 106 
GLU CA  HA   sing N N 107 
GLU C   O    doub N N 108 
GLU C   OXT  sing N N 109 
GLU CB  CG   sing N N 110 
GLU CB  HB2  sing N N 111 
GLU CB  HB3  sing N N 112 
GLU CG  CD   sing N N 113 
GLU CG  HG2  sing N N 114 
GLU CG  HG3  sing N N 115 
GLU CD  OE1  doub N N 116 
GLU CD  OE2  sing N N 117 
GLU OE2 HE2  sing N N 118 
GLU OXT HXT  sing N N 119 
GLY N   CA   sing N N 120 
GLY N   H    sing N N 121 
GLY N   H2   sing N N 122 
GLY CA  C    sing N N 123 
GLY CA  HA2  sing N N 124 
GLY CA  HA3  sing N N 125 
GLY C   O    doub N N 126 
GLY C   OXT  sing N N 127 
GLY OXT HXT  sing N N 128 
HOH O   H1   sing N N 129 
HOH O   H2   sing N N 130 
ILE N   CA   sing N N 131 
ILE N   H    sing N N 132 
ILE N   H2   sing N N 133 
ILE CA  C    sing N N 134 
ILE CA  CB   sing N N 135 
ILE CA  HA   sing N N 136 
ILE C   O    doub N N 137 
ILE C   OXT  sing N N 138 
ILE CB  CG1  sing N N 139 
ILE CB  CG2  sing N N 140 
ILE CB  HB   sing N N 141 
ILE CG1 CD1  sing N N 142 
ILE CG1 HG12 sing N N 143 
ILE CG1 HG13 sing N N 144 
ILE CG2 HG21 sing N N 145 
ILE CG2 HG22 sing N N 146 
ILE CG2 HG23 sing N N 147 
ILE CD1 HD11 sing N N 148 
ILE CD1 HD12 sing N N 149 
ILE CD1 HD13 sing N N 150 
ILE OXT HXT  sing N N 151 
LEU N   CA   sing N N 152 
LEU N   H    sing N N 153 
LEU N   H2   sing N N 154 
LEU CA  C    sing N N 155 
LEU CA  CB   sing N N 156 
LEU CA  HA   sing N N 157 
LEU C   O    doub N N 158 
LEU C   OXT  sing N N 159 
LEU CB  CG   sing N N 160 
LEU CB  HB2  sing N N 161 
LEU CB  HB3  sing N N 162 
LEU CG  CD1  sing N N 163 
LEU CG  CD2  sing N N 164 
LEU CG  HG   sing N N 165 
LEU CD1 HD11 sing N N 166 
LEU CD1 HD12 sing N N 167 
LEU CD1 HD13 sing N N 168 
LEU CD2 HD21 sing N N 169 
LEU CD2 HD22 sing N N 170 
LEU CD2 HD23 sing N N 171 
LEU OXT HXT  sing N N 172 
LYS N   CA   sing N N 173 
LYS N   H    sing N N 174 
LYS N   H2   sing N N 175 
LYS CA  C    sing N N 176 
LYS CA  CB   sing N N 177 
LYS CA  HA   sing N N 178 
LYS C   O    doub N N 179 
LYS C   OXT  sing N N 180 
LYS CB  CG   sing N N 181 
LYS CB  HB2  sing N N 182 
LYS CB  HB3  sing N N 183 
LYS CG  CD   sing N N 184 
LYS CG  HG2  sing N N 185 
LYS CG  HG3  sing N N 186 
LYS CD  CE   sing N N 187 
LYS CD  HD2  sing N N 188 
LYS CD  HD3  sing N N 189 
LYS CE  NZ   sing N N 190 
LYS CE  HE2  sing N N 191 
LYS CE  HE3  sing N N 192 
LYS NZ  HZ1  sing N N 193 
LYS NZ  HZ2  sing N N 194 
LYS NZ  HZ3  sing N N 195 
LYS OXT HXT  sing N N 196 
MET N   CA   sing N N 197 
MET N   H    sing N N 198 
MET N   H2   sing N N 199 
MET CA  C    sing N N 200 
MET CA  CB   sing N N 201 
MET CA  HA   sing N N 202 
MET C   O    doub N N 203 
MET C   OXT  sing N N 204 
MET CB  CG   sing N N 205 
MET CB  HB2  sing N N 206 
MET CB  HB3  sing N N 207 
MET CG  SD   sing N N 208 
MET CG  HG2  sing N N 209 
MET CG  HG3  sing N N 210 
MET SD  CE   sing N N 211 
MET CE  HE1  sing N N 212 
MET CE  HE2  sing N N 213 
MET CE  HE3  sing N N 214 
MET OXT HXT  sing N N 215 
PHE N   CA   sing N N 216 
PHE N   H    sing N N 217 
PHE N   H2   sing N N 218 
PHE CA  C    sing N N 219 
PHE CA  CB   sing N N 220 
PHE CA  HA   sing N N 221 
PHE C   O    doub N N 222 
PHE C   OXT  sing N N 223 
PHE CB  CG   sing N N 224 
PHE CB  HB2  sing N N 225 
PHE CB  HB3  sing N N 226 
PHE CG  CD1  doub Y N 227 
PHE CG  CD2  sing Y N 228 
PHE CD1 CE1  sing Y N 229 
PHE CD1 HD1  sing N N 230 
PHE CD2 CE2  doub Y N 231 
PHE CD2 HD2  sing N N 232 
PHE CE1 CZ   doub Y N 233 
PHE CE1 HE1  sing N N 234 
PHE CE2 CZ   sing Y N 235 
PHE CE2 HE2  sing N N 236 
PHE CZ  HZ   sing N N 237 
PHE OXT HXT  sing N N 238 
PRO N   CA   sing N N 239 
PRO N   CD   sing N N 240 
PRO N   H    sing N N 241 
PRO CA  C    sing N N 242 
PRO CA  CB   sing N N 243 
PRO CA  HA   sing N N 244 
PRO C   O    doub N N 245 
PRO C   OXT  sing N N 246 
PRO CB  CG   sing N N 247 
PRO CB  HB2  sing N N 248 
PRO CB  HB3  sing N N 249 
PRO CG  CD   sing N N 250 
PRO CG  HG2  sing N N 251 
PRO CG  HG3  sing N N 252 
PRO CD  HD2  sing N N 253 
PRO CD  HD3  sing N N 254 
PRO OXT HXT  sing N N 255 
SER N   CA   sing N N 256 
SER N   H    sing N N 257 
SER N   H2   sing N N 258 
SER CA  C    sing N N 259 
SER CA  CB   sing N N 260 
SER CA  HA   sing N N 261 
SER C   O    doub N N 262 
SER C   OXT  sing N N 263 
SER CB  OG   sing N N 264 
SER CB  HB2  sing N N 265 
SER CB  HB3  sing N N 266 
SER OG  HG   sing N N 267 
SER OXT HXT  sing N N 268 
THR N   CA   sing N N 269 
THR N   H    sing N N 270 
THR N   H2   sing N N 271 
THR CA  C    sing N N 272 
THR CA  CB   sing N N 273 
THR CA  HA   sing N N 274 
THR C   O    doub N N 275 
THR C   OXT  sing N N 276 
THR CB  OG1  sing N N 277 
THR CB  CG2  sing N N 278 
THR CB  HB   sing N N 279 
THR OG1 HG1  sing N N 280 
THR CG2 HG21 sing N N 281 
THR CG2 HG22 sing N N 282 
THR CG2 HG23 sing N N 283 
THR OXT HXT  sing N N 284 
TRP N   CA   sing N N 285 
TRP N   H    sing N N 286 
TRP N   H2   sing N N 287 
TRP CA  C    sing N N 288 
TRP CA  CB   sing N N 289 
TRP CA  HA   sing N N 290 
TRP C   O    doub N N 291 
TRP C   OXT  sing N N 292 
TRP CB  CG   sing N N 293 
TRP CB  HB2  sing N N 294 
TRP CB  HB3  sing N N 295 
TRP CG  CD1  doub Y N 296 
TRP CG  CD2  sing Y N 297 
TRP CD1 NE1  sing Y N 298 
TRP CD1 HD1  sing N N 299 
TRP CD2 CE2  doub Y N 300 
TRP CD2 CE3  sing Y N 301 
TRP NE1 CE2  sing Y N 302 
TRP NE1 HE1  sing N N 303 
TRP CE2 CZ2  sing Y N 304 
TRP CE3 CZ3  doub Y N 305 
TRP CE3 HE3  sing N N 306 
TRP CZ2 CH2  doub Y N 307 
TRP CZ2 HZ2  sing N N 308 
TRP CZ3 CH2  sing Y N 309 
TRP CZ3 HZ3  sing N N 310 
TRP CH2 HH2  sing N N 311 
TRP OXT HXT  sing N N 312 
TYR N   CA   sing N N 313 
TYR N   H    sing N N 314 
TYR N   H2   sing N N 315 
TYR CA  C    sing N N 316 
TYR CA  CB   sing N N 317 
TYR CA  HA   sing N N 318 
TYR C   O    doub N N 319 
TYR C   OXT  sing N N 320 
TYR CB  CG   sing N N 321 
TYR CB  HB2  sing N N 322 
TYR CB  HB3  sing N N 323 
TYR CG  CD1  doub Y N 324 
TYR CG  CD2  sing Y N 325 
TYR CD1 CE1  sing Y N 326 
TYR CD1 HD1  sing N N 327 
TYR CD2 CE2  doub Y N 328 
TYR CD2 HD2  sing N N 329 
TYR CE1 CZ   doub Y N 330 
TYR CE1 HE1  sing N N 331 
TYR CE2 CZ   sing Y N 332 
TYR CE2 HE2  sing N N 333 
TYR CZ  OH   sing N N 334 
TYR OH  HH   sing N N 335 
TYR OXT HXT  sing N N 336 
VAL N   CA   sing N N 337 
VAL N   H    sing N N 338 
VAL N   H2   sing N N 339 
VAL CA  C    sing N N 340 
VAL CA  CB   sing N N 341 
VAL CA  HA   sing N N 342 
VAL C   O    doub N N 343 
VAL C   OXT  sing N N 344 
VAL CB  CG1  sing N N 345 
VAL CB  CG2  sing N N 346 
VAL CB  HB   sing N N 347 
VAL CG1 HG11 sing N N 348 
VAL CG1 HG12 sing N N 349 
VAL CG1 HG13 sing N N 350 
VAL CG2 HG21 sing N N 351 
VAL CG2 HG22 sing N N 352 
VAL CG2 HG23 sing N N 353 
VAL OXT HXT  sing N N 354 
# 
_atom_sites.entry_id                    1MBY 
_atom_sites.fract_transf_matrix[1][1]   -0.01575798 
_atom_sites.fract_transf_matrix[1][2]   0.01164707 
_atom_sites.fract_transf_matrix[1][3]   0.01064461 
_atom_sites.fract_transf_matrix[2][1]   0.00577704 
_atom_sites.fract_transf_matrix[2][2]   0.01543858 
_atom_sites.fract_transf_matrix[2][3]   0.01501738 
_atom_sites.fract_transf_matrix[3][1]   0.00016704 
_atom_sites.fract_transf_matrix[3][2]   0.00471121 
_atom_sites.fract_transf_matrix[3][3]   -0.00490761 
_atom_sites.fract_transf_vector[1]      0.340796 
_atom_sites.fract_transf_vector[2]      0.696866 
_atom_sites.fract_transf_vector[3]      0.249689 
# 
loop_
_atom_type.symbol 
C 
N 
O 
S 
# 
loop_
_atom_site.group_PDB 
_atom_site.id 
_atom_site.type_symbol 
_atom_site.label_atom_id 
_atom_site.label_alt_id 
_atom_site.label_comp_id 
_atom_site.label_asym_id 
_atom_site.label_entity_id 
_atom_site.label_seq_id 
_atom_site.pdbx_PDB_ins_code 
_atom_site.Cartn_x 
_atom_site.Cartn_y 
_atom_site.Cartn_z 
_atom_site.occupancy 
_atom_site.B_iso_or_equiv 
_atom_site.pdbx_formal_charge 
_atom_site.auth_seq_id 
_atom_site.auth_comp_id 
_atom_site.auth_asym_id 
_atom_site.auth_atom_id 
_atom_site.pdbx_PDB_model_num 
ATOM   1    N N   . SER A 1 8  ? -22.678 -14.056 0.348   1.00 47.55 ? 845 SER A N   1 
ATOM   2    C CA  . SER A 1 8  ? -22.093 -12.683 0.457   1.00 47.07 ? 845 SER A CA  1 
ATOM   3    C C   . SER A 1 8  ? -20.700 -12.683 -0.187  1.00 45.01 ? 845 SER A C   1 
ATOM   4    O O   . SER A 1 8  ? -20.088 -13.741 -0.352  1.00 45.75 ? 845 SER A O   1 
ATOM   5    C CB  . SER A 1 8  ? -21.996 -12.269 1.933   1.00 48.49 ? 845 SER A CB  1 
ATOM   6    O OG  . SER A 1 8  ? -22.198 -10.870 2.072   1.00 50.47 ? 845 SER A OG  1 
ATOM   7    N N   . VAL A 1 9  ? -20.201 -11.508 -0.554  1.00 41.83 ? 846 VAL A N   1 
ATOM   8    C CA  . VAL A 1 9  ? -18.883 -11.418 -1.177  1.00 38.86 ? 846 VAL A CA  1 
ATOM   9    C C   . VAL A 1 9  ? -17.803 -11.126 -0.123  1.00 36.67 ? 846 VAL A C   1 
ATOM   10   O O   . VAL A 1 9  ? -17.984 -10.277 0.755   1.00 35.40 ? 846 VAL A O   1 
ATOM   11   C CB  . VAL A 1 9  ? -18.862 -10.304 -2.253  1.00 39.15 ? 846 VAL A CB  1 
ATOM   12   C CG1 . VAL A 1 9  ? -19.239 -8.964  -1.619  1.00 40.82 ? 846 VAL A CG1 1 
ATOM   13   C CG2 . VAL A 1 9  ? -17.482 -10.210 -2.892  1.00 39.80 ? 846 VAL A CG2 1 
ATOM   14   N N   . PHE A 1 10 ? -16.690 -11.844 -0.185  1.00 33.75 ? 847 PHE A N   1 
ATOM   15   C CA  . PHE A 1 10 ? -15.623 -11.582 0.762   1.00 33.36 ? 847 PHE A CA  1 
ATOM   16   C C   . PHE A 1 10 ? -14.281 -11.910 0.130   1.00 31.66 ? 847 PHE A C   1 
ATOM   17   O O   . PHE A 1 10 ? -14.212 -12.635 -0.872  1.00 29.02 ? 847 PHE A O   1 
ATOM   18   C CB  . PHE A 1 10 ? -15.860 -12.385 2.061   1.00 36.21 ? 847 PHE A CB  1 
ATOM   19   C CG  . PHE A 1 10 ? -16.003 -13.864 1.851   1.00 38.49 ? 847 PHE A CG  1 
ATOM   20   C CD1 . PHE A 1 10 ? -14.883 -14.690 1.834   1.00 39.36 ? 847 PHE A CD1 1 
ATOM   21   C CD2 . PHE A 1 10 ? -17.251 -14.429 1.628   1.00 40.33 ? 847 PHE A CD2 1 
ATOM   22   C CE1 . PHE A 1 10 ? -15.001 -16.052 1.597   1.00 38.97 ? 847 PHE A CE1 1 
ATOM   23   C CE2 . PHE A 1 10 ? -17.377 -15.806 1.387   1.00 40.13 ? 847 PHE A CE2 1 
ATOM   24   C CZ  . PHE A 1 10 ? -16.250 -16.615 1.371   1.00 39.15 ? 847 PHE A CZ  1 
ATOM   25   N N   . VAL A 1 11 ? -13.215 -11.341 0.693   1.00 28.88 ? 848 VAL A N   1 
ATOM   26   C CA  . VAL A 1 11 ? -11.860 -11.584 0.197   1.00 28.95 ? 848 VAL A CA  1 
ATOM   27   C C   . VAL A 1 11 ? -11.475 -13.038 0.476   1.00 29.58 ? 848 VAL A C   1 
ATOM   28   O O   . VAL A 1 11 ? -11.754 -13.562 1.551   1.00 31.80 ? 848 VAL A O   1 
ATOM   29   C CB  . VAL A 1 11 ? -10.836 -10.634 0.898   1.00 29.73 ? 848 VAL A CB  1 
ATOM   30   C CG1 . VAL A 1 11 ? -9.415  -10.902 0.375   1.00 29.60 ? 848 VAL A CG1 1 
ATOM   31   C CG2 . VAL A 1 11 ? -11.224 -9.180  0.638   1.00 27.93 ? 848 VAL A CG2 1 
ATOM   32   N N   . LYS A 1 12 ? -10.849 -13.694 -0.485  1.00 28.97 ? 849 LYS A N   1 
ATOM   33   C CA  . LYS A 1 12 ? -10.441 -15.076 -0.312  1.00 29.28 ? 849 LYS A CA  1 
ATOM   34   C C   . LYS A 1 12 ? -8.901  -15.160 -0.242  1.00 28.89 ? 849 LYS A C   1 
ATOM   35   O O   . LYS A 1 12 ? -8.350  -15.831 0.644   1.00 28.53 ? 849 LYS A O   1 
ATOM   36   C CB  . LYS A 1 12 ? -10.948 -15.902 -1.485  1.00 31.10 ? 849 LYS A CB  1 
ATOM   37   C CG  . LYS A 1 12 ? -10.501 -17.332 -1.501  1.00 34.59 ? 849 LYS A CG  1 
ATOM   38   C CD  . LYS A 1 12 ? -10.973 -17.989 -2.791  1.00 38.87 ? 849 LYS A CD  1 
ATOM   39   C CE  . LYS A 1 12 ? -10.659 -19.479 -2.782  1.00 42.52 ? 849 LYS A CE  1 
ATOM   40   N NZ  . LYS A 1 12 ? -11.321 -20.176 -3.922  1.00 45.41 ? 849 LYS A NZ  1 
ATOM   41   N N   . ASN A 1 13 ? -8.224  -14.490 -1.181  1.00 26.75 ? 850 ASN A N   1 
ATOM   42   C CA  . ASN A 1 13 ? -6.752  -14.462 -1.226  1.00 25.69 ? 850 ASN A CA  1 
ATOM   43   C C   . ASN A 1 13 ? -6.310  -13.039 -1.516  1.00 26.66 ? 850 ASN A C   1 
ATOM   44   O O   . ASN A 1 13 ? -6.970  -12.317 -2.282  1.00 24.38 ? 850 ASN A O   1 
ATOM   45   C CB  . ASN A 1 13 ? -6.177  -15.355 -2.335  1.00 25.72 ? 850 ASN A CB  1 
ATOM   46   C CG  . ASN A 1 13 ? -6.743  -16.762 -2.320  1.00 28.05 ? 850 ASN A CG  1 
ATOM   47   O OD1 . ASN A 1 13 ? -6.958  -17.345 -1.252  1.00 28.45 ? 850 ASN A OD1 1 
ATOM   48   N ND2 . ASN A 1 13 ? -6.964  -17.329 -3.507  1.00 26.70 ? 850 ASN A ND2 1 
ATOM   49   N N   . VAL A 1 14 ? -5.184  -12.639 -0.910  1.00 27.40 ? 851 VAL A N   1 
ATOM   50   C CA  . VAL A 1 14 ? -4.603  -11.306 -1.103  1.00 27.04 ? 851 VAL A CA  1 
ATOM   51   C C   . VAL A 1 14 ? -3.087  -11.440 -1.192  1.00 27.95 ? 851 VAL A C   1 
ATOM   52   O O   . VAL A 1 14 ? -2.475  -12.324 -0.562  1.00 25.07 ? 851 VAL A O   1 
ATOM   53   C CB  . VAL A 1 14 ? -4.899  -10.352 0.070   1.00 29.56 ? 851 VAL A CB  1 
ATOM   54   C CG1 . VAL A 1 14 ? -4.204  -9.019  -0.163  1.00 30.90 ? 851 VAL A CG1 1 
ATOM   55   C CG2 . VAL A 1 14 ? -6.361  -10.099 0.184   1.00 29.82 ? 851 VAL A CG2 1 
ATOM   56   N N   . GLY A 1 15 ? -2.475  -10.565 -1.977  1.00 27.09 ? 852 GLY A N   1 
ATOM   57   C CA  . GLY A 1 15 ? -1.034  -10.596 -2.108  1.00 25.98 ? 852 GLY A CA  1 
ATOM   58   C C   . GLY A 1 15 ? -0.535  -9.216  -2.474  1.00 25.20 ? 852 GLY A C   1 
ATOM   59   O O   . GLY A 1 15 ? -1.313  -8.338  -2.869  1.00 23.65 ? 852 GLY A O   1 
ATOM   60   N N   . TRP A 1 16 ? 0.759   -8.993  -2.309  1.00 23.21 ? 853 TRP A N   1 
ATOM   61   C CA  . TRP A 1 16 ? 1.314   -7.708  -2.678  1.00 22.53 ? 853 TRP A CA  1 
ATOM   62   C C   . TRP A 1 16 ? 2.784   -7.854  -2.905  1.00 21.37 ? 853 TRP A C   1 
ATOM   63   O O   . TRP A 1 16 ? 3.421   -8.840  -2.469  1.00 19.90 ? 853 TRP A O   1 
ATOM   64   C CB  . TRP A 1 16 ? 1.046   -6.633  -1.606  1.00 22.44 ? 853 TRP A CB  1 
ATOM   65   C CG  . TRP A 1 16 ? 1.844   -6.732  -0.313  1.00 26.17 ? 853 TRP A CG  1 
ATOM   66   C CD1 . TRP A 1 16 ? 3.216   -6.776  -0.175  1.00 25.56 ? 853 TRP A CD1 1 
ATOM   67   C CD2 . TRP A 1 16 ? 1.316   -6.668  1.019   1.00 27.23 ? 853 TRP A CD2 1 
ATOM   68   N NE1 . TRP A 1 16 ? 3.566   -6.733  1.165   1.00 26.09 ? 853 TRP A NE1 1 
ATOM   69   C CE2 . TRP A 1 16 ? 2.423   -6.671  1.914   1.00 28.23 ? 853 TRP A CE2 1 
ATOM   70   C CE3 . TRP A 1 16 ? 0.018   -6.611  1.547   1.00 29.82 ? 853 TRP A CE3 1 
ATOM   71   C CZ2 . TRP A 1 16 ? 2.255   -6.606  3.309   1.00 30.09 ? 853 TRP A CZ2 1 
ATOM   72   C CZ3 . TRP A 1 16 ? -0.142  -6.545  2.945   1.00 30.90 ? 853 TRP A CZ3 1 
ATOM   73   C CH2 . TRP A 1 16 ? 0.970   -6.546  3.802   1.00 29.35 ? 853 TRP A CH2 1 
ATOM   74   N N   . ALA A 1 17 ? 3.343   -6.875  -3.604  1.00 21.50 ? 854 ALA A N   1 
ATOM   75   C CA  . ALA A 1 17 ? 4.770   -6.896  -3.848  1.00 21.42 ? 854 ALA A CA  1 
ATOM   76   C C   . ALA A 1 17 ? 5.084   -5.436  -3.878  1.00 22.81 ? 854 ALA A C   1 
ATOM   77   O O   . ALA A 1 17 ? 4.529   -4.722  -4.717  1.00 21.78 ? 854 ALA A O   1 
ATOM   78   C CB  . ALA A 1 17 ? 5.067   -7.532  -5.183  1.00 19.91 ? 854 ALA A CB  1 
ATOM   79   N N   . THR A 1 18 ? 5.938   -4.983  -2.955  1.00 21.72 ? 855 THR A N   1 
ATOM   80   C CA  . THR A 1 18 ? 6.299   -3.573  -2.897  1.00 24.80 ? 855 THR A CA  1 
ATOM   81   C C   . THR A 1 18 ? 7.794   -3.351  -3.119  1.00 26.36 ? 855 THR A C   1 
ATOM   82   O O   . THR A 1 18 ? 8.619   -4.240  -2.893  1.00 25.24 ? 855 THR A O   1 
ATOM   83   C CB  . THR A 1 18 ? 5.905   -2.932  -1.539  1.00 26.48 ? 855 THR A CB  1 
ATOM   84   O OG1 . THR A 1 18 ? 6.633   -3.563  -0.476  1.00 25.58 ? 855 THR A OG1 1 
ATOM   85   C CG2 . THR A 1 18 ? 4.390   -3.112  -1.272  1.00 27.63 ? 855 THR A CG2 1 
ATOM   86   N N   . GLN A 1 19 ? 8.125   -2.160  -3.597  1.00 28.51 ? 856 GLN A N   1 
ATOM   87   C CA  . GLN A 1 19 ? 9.505   -1.779  -3.854  1.00 31.86 ? 856 GLN A CA  1 
ATOM   88   C C   . GLN A 1 19 ? 9.814   -0.602  -2.937  1.00 33.17 ? 856 GLN A C   1 
ATOM   89   O O   . GLN A 1 19 ? 9.583   -0.697  -1.734  1.00 37.10 ? 856 GLN A O   1 
ATOM   90   C CB  . GLN A 1 19 ? 9.664   -1.375  -5.306  1.00 33.51 ? 856 GLN A CB  1 
ATOM   91   C CG  . GLN A 1 19 ? 9.152   -2.416  -6.265  1.00 37.86 ? 856 GLN A CG  1 
ATOM   92   C CD  . GLN A 1 19 ? 9.848   -2.309  -7.601  1.00 43.09 ? 856 GLN A CD  1 
ATOM   93   O OE1 . GLN A 1 19 ? 11.084  -2.459  -7.682  1.00 44.57 ? 856 GLN A OE1 1 
ATOM   94   N NE2 . GLN A 1 19 ? 9.074   -2.032  -8.665  1.00 43.84 ? 856 GLN A NE2 1 
ATOM   95   N N   . LEU A 1 20 ? 10.322  0.508   -3.457  1.00 31.93 ? 857 LEU A N   1 
ATOM   96   C CA  . LEU A 1 20 ? 10.617  1.636   -2.555  1.00 30.19 ? 857 LEU A CA  1 
ATOM   97   C C   . LEU A 1 20 ? 9.454   2.595   -2.381  1.00 27.07 ? 857 LEU A C   1 
ATOM   98   O O   . LEU A 1 20 ? 9.030   2.867   -1.269  1.00 27.58 ? 857 LEU A O   1 
ATOM   99   C CB  . LEU A 1 20 ? 11.829  2.451   -3.030  1.00 31.42 ? 857 LEU A CB  1 
ATOM   100  C CG  . LEU A 1 20 ? 13.236  1.888   -2.794  1.00 35.07 ? 857 LEU A CG  1 
ATOM   101  C CD1 . LEU A 1 20 ? 14.241  3.059   -2.801  1.00 34.87 ? 857 LEU A CD1 1 
ATOM   102  C CD2 . LEU A 1 20 ? 13.297  1.200   -1.445  1.00 34.43 ? 857 LEU A CD2 1 
ATOM   103  N N   . THR A 1 21 ? 8.945   3.121   -3.484  1.00 24.20 ? 858 THR A N   1 
ATOM   104  C CA  . THR A 1 21 ? 7.831   4.078   -3.393  1.00 23.31 ? 858 THR A CA  1 
ATOM   105  C C   . THR A 1 21 ? 6.623   3.656   -4.238  1.00 23.22 ? 858 THR A C   1 
ATOM   106  O O   . THR A 1 21 ? 5.810   4.497   -4.622  1.00 23.48 ? 858 THR A O   1 
ATOM   107  C CB  . THR A 1 21 ? 8.265   5.490   -3.857  1.00 22.88 ? 858 THR A CB  1 
ATOM   108  O OG1 . THR A 1 21 ? 8.810   5.397   -5.171  1.00 23.64 ? 858 THR A OG1 1 
ATOM   109  C CG2 . THR A 1 21 ? 9.366   6.060   -2.932  1.00 22.54 ? 858 THR A CG2 1 
ATOM   110  N N   . SER A 1 22 ? 6.519   2.373   -4.559  1.00 22.33 ? 859 SER A N   1 
ATOM   111  C CA  . SER A 1 22 ? 5.377   1.911   -5.358  1.00 22.54 ? 859 SER A CA  1 
ATOM   112  C C   . SER A 1 22 ? 5.168   0.438   -5.062  1.00 22.86 ? 859 SER A C   1 
ATOM   113  O O   . SER A 1 22 ? 6.006   -0.216  -4.425  1.00 21.28 ? 859 SER A O   1 
ATOM   114  C CB  . SER A 1 22 ? 5.632   2.111   -6.858  1.00 22.65 ? 859 SER A CB  1 
ATOM   115  O OG  . SER A 1 22 ? 6.656   1.247   -7.320  1.00 24.68 ? 859 SER A OG  1 
ATOM   116  N N   . GLY A 1 23 ? 4.030   -0.091  -5.493  1.00 21.88 ? 860 GLY A N   1 
ATOM   117  C CA  . GLY A 1 23 ? 3.798   -1.495  -5.241  1.00 21.62 ? 860 GLY A CA  1 
ATOM   118  C C   . GLY A 1 23 ? 2.579   -1.953  -6.003  1.00 21.90 ? 860 GLY A C   1 
ATOM   119  O O   . GLY A 1 23 ? 1.893   -1.140  -6.635  1.00 20.10 ? 860 GLY A O   1 
ATOM   120  N N   . ALA A 1 24 ? 2.308   -3.251  -5.924  1.00 22.43 ? 861 ALA A N   1 
ATOM   121  C CA  . ALA A 1 24 ? 1.177   -3.835  -6.609  1.00 21.38 ? 861 ALA A CA  1 
ATOM   122  C C   . ALA A 1 24 ? 0.459   -4.697  -5.590  1.00 23.49 ? 861 ALA A C   1 
ATOM   123  O O   . ALA A 1 24 ? 1.083   -5.302  -4.690  1.00 22.42 ? 861 ALA A O   1 
ATOM   124  C CB  . ALA A 1 24 ? 1.671   -4.666  -7.801  1.00 21.35 ? 861 ALA A CB  1 
ATOM   125  N N   . VAL A 1 25 ? -0.868  -4.709  -5.682  1.00 21.72 ? 862 VAL A N   1 
ATOM   126  C CA  . VAL A 1 25 ? -1.670  -5.494  -4.761  1.00 23.76 ? 862 VAL A CA  1 
ATOM   127  C C   . VAL A 1 25 ? -2.577  -6.375  -5.578  1.00 24.23 ? 862 VAL A C   1 
ATOM   128  O O   . VAL A 1 25 ? -3.111  -5.925  -6.601  1.00 23.93 ? 862 VAL A O   1 
ATOM   129  C CB  . VAL A 1 25 ? -2.579  -4.604  -3.871  1.00 26.05 ? 862 VAL A CB  1 
ATOM   130  C CG1 . VAL A 1 25 ? -3.517  -5.497  -3.020  1.00 26.10 ? 862 VAL A CG1 1 
ATOM   131  C CG2 . VAL A 1 25 ? -1.734  -3.727  -2.967  1.00 31.11 ? 862 VAL A CG2 1 
ATOM   132  N N   . TRP A 1 26 ? -2.761  -7.615  -5.146  1.00 24.25 ? 863 TRP A N   1 
ATOM   133  C CA  . TRP A 1 26 ? -3.664  -8.528  -5.848  1.00 24.49 ? 863 TRP A CA  1 
ATOM   134  C C   . TRP A 1 26 ? -4.688  -9.019  -4.848  1.00 25.41 ? 863 TRP A C   1 
ATOM   135  O O   . TRP A 1 26 ? -4.378  -9.225  -3.647  1.00 23.08 ? 863 TRP A O   1 
ATOM   136  C CB  . TRP A 1 26 ? -2.927  -9.738  -6.402  1.00 28.72 ? 863 TRP A CB  1 
ATOM   137  C CG  . TRP A 1 26 ? -3.843  -10.913 -6.783  1.00 32.20 ? 863 TRP A CG  1 
ATOM   138  C CD1 . TRP A 1 26 ? -4.691  -10.987 -7.864  1.00 33.50 ? 863 TRP A CD1 1 
ATOM   139  C CD2 . TRP A 1 26 ? -3.928  -12.195 -6.121  1.00 33.87 ? 863 TRP A CD2 1 
ATOM   140  N NE1 . TRP A 1 26 ? -5.289  -12.241 -7.923  1.00 35.95 ? 863 TRP A NE1 1 
ATOM   141  C CE2 . TRP A 1 26 ? -4.837  -13.000 -6.865  1.00 35.35 ? 863 TRP A CE2 1 
ATOM   142  C CE3 . TRP A 1 26 ? -3.318  -12.746 -4.970  1.00 34.27 ? 863 TRP A CE3 1 
ATOM   143  C CZ2 . TRP A 1 26 ? -5.147  -14.322 -6.505  1.00 35.87 ? 863 TRP A CZ2 1 
ATOM   144  C CZ3 . TRP A 1 26 ? -3.625  -14.063 -4.609  1.00 34.20 ? 863 TRP A CZ3 1 
ATOM   145  C CH2 . TRP A 1 26 ? -4.533  -14.836 -5.379  1.00 35.90 ? 863 TRP A CH2 1 
ATOM   146  N N   . VAL A 1 27 ? -5.916  -9.225  -5.324  1.00 22.86 ? 864 VAL A N   1 
ATOM   147  C CA  . VAL A 1 27 ? -6.955  -9.703  -4.435  1.00 23.49 ? 864 VAL A CA  1 
ATOM   148  C C   . VAL A 1 27 ? -7.890  -10.600 -5.207  1.00 24.58 ? 864 VAL A C   1 
ATOM   149  O O   . VAL A 1 27 ? -8.240  -10.294 -6.350  1.00 21.32 ? 864 VAL A O   1 
ATOM   150  C CB  . VAL A 1 27 ? -7.757  -8.552  -3.829  1.00 25.20 ? 864 VAL A CB  1 
ATOM   151  C CG1 . VAL A 1 27 ? -8.827  -9.126  -2.884  1.00 25.19 ? 864 VAL A CG1 1 
ATOM   152  C CG2 . VAL A 1 27 ? -6.807  -7.620  -3.023  1.00 25.58 ? 864 VAL A CG2 1 
ATOM   153  N N   . GLN A 1 28 ? -8.235  -11.734 -4.606  1.00 23.14 ? 865 GLN A N   1 
ATOM   154  C CA  . GLN A 1 28 ? -9.164  -12.649 -5.241  1.00 27.34 ? 865 GLN A CA  1 
ATOM   155  C C   . GLN A 1 28 ? -10.346 -12.852 -4.298  1.00 26.40 ? 865 GLN A C   1 
ATOM   156  O O   . GLN A 1 28 ? -10.167 -13.160 -3.112  1.00 23.98 ? 865 GLN A O   1 
ATOM   157  C CB  . GLN A 1 28 ? -8.482  -13.973 -5.549  1.00 30.52 ? 865 GLN A CB  1 
ATOM   158  C CG  . GLN A 1 28 ? -9.426  -14.964 -6.154  1.00 37.65 ? 865 GLN A CG  1 
ATOM   159  C CD  . GLN A 1 28 ? -8.690  -16.118 -6.809  1.00 41.99 ? 865 GLN A CD  1 
ATOM   160  O OE1 . GLN A 1 28 ? -7.806  -16.742 -6.196  1.00 43.60 ? 865 GLN A OE1 1 
ATOM   161  N NE2 . GLN A 1 28 ? -9.052  -16.413 -8.066  1.00 42.95 ? 865 GLN A NE2 1 
ATOM   162  N N   . PHE A 1 29 ? -11.554 -12.658 -4.821  1.00 24.75 ? 866 PHE A N   1 
ATOM   163  C CA  . PHE A 1 29 ? -12.745 -12.784 -4.014  1.00 24.70 ? 866 PHE A CA  1 
ATOM   164  C C   . PHE A 1 29 ? -13.394 -14.153 -4.078  1.00 25.07 ? 866 PHE A C   1 
ATOM   165  O O   . PHE A 1 29 ? -13.039 -14.976 -4.929  1.00 24.61 ? 866 PHE A O   1 
ATOM   166  C CB  . PHE A 1 29 ? -13.750 -11.716 -4.409  1.00 26.58 ? 866 PHE A CB  1 
ATOM   167  C CG  . PHE A 1 29 ? -13.224 -10.325 -4.264  1.00 25.63 ? 866 PHE A CG  1 
ATOM   168  C CD1 . PHE A 1 29 ? -12.674 -9.658  -5.364  1.00 26.22 ? 866 PHE A CD1 1 
ATOM   169  C CD2 . PHE A 1 29 ? -13.280 -9.677  -3.029  1.00 25.52 ? 866 PHE A CD2 1 
ATOM   170  C CE1 . PHE A 1 29 ? -12.181 -8.360  -5.234  1.00 24.43 ? 866 PHE A CE1 1 
ATOM   171  C CE2 . PHE A 1 29 ? -12.798 -8.393  -2.881  1.00 25.07 ? 866 PHE A CE2 1 
ATOM   172  C CZ  . PHE A 1 29 ? -12.244 -7.722  -3.991  1.00 26.84 ? 866 PHE A CZ  1 
ATOM   173  N N   . ASN A 1 30 ? -14.367 -14.398 -3.208  1.00 25.40 ? 867 ASN A N   1 
ATOM   174  C CA  . ASN A 1 30 ? -14.977 -15.727 -3.197  1.00 28.37 ? 867 ASN A CA  1 
ATOM   175  C C   . ASN A 1 30 ? -15.741 -16.057 -4.466  1.00 27.80 ? 867 ASN A C   1 
ATOM   176  O O   . ASN A 1 30 ? -15.972 -17.231 -4.742  1.00 28.37 ? 867 ASN A O   1 
ATOM   177  C CB  . ASN A 1 30 ? -15.897 -15.900 -1.987  1.00 28.60 ? 867 ASN A CB  1 
ATOM   178  C CG  . ASN A 1 30 ? -17.091 -15.006 -2.051  1.00 33.92 ? 867 ASN A CG  1 
ATOM   179  O OD1 . ASN A 1 30 ? -16.956 -13.788 -2.205  1.00 34.59 ? 867 ASN A OD1 1 
ATOM   180  N ND2 . ASN A 1 30 ? -18.293 -15.597 -1.940  1.00 36.62 ? 867 ASN A ND2 1 
ATOM   181  N N   . ASP A 1 31 ? -16.128 -15.038 -5.237  1.00 26.69 ? 868 ASP A N   1 
ATOM   182  C CA  . ASP A 1 31 ? -16.874 -15.270 -6.468  1.00 27.04 ? 868 ASP A CA  1 
ATOM   183  C C   . ASP A 1 31 ? -15.969 -15.586 -7.640  1.00 27.64 ? 868 ASP A C   1 
ATOM   184  O O   . ASP A 1 31 ? -16.443 -15.751 -8.759  1.00 25.26 ? 868 ASP A O   1 
ATOM   185  C CB  . ASP A 1 31 ? -17.751 -14.065 -6.812  1.00 27.21 ? 868 ASP A CB  1 
ATOM   186  C CG  . ASP A 1 31 ? -16.943 -12.804 -7.094  1.00 27.15 ? 868 ASP A CG  1 
ATOM   187  O OD1 . ASP A 1 31 ? -15.703 -12.847 -7.101  1.00 25.45 ? 868 ASP A OD1 1 
ATOM   188  O OD2 . ASP A 1 31 ? -17.561 -11.760 -7.323  1.00 27.89 ? 868 ASP A OD2 1 
ATOM   189  N N   . GLY A 1 32 ? -14.667 -15.698 -7.380  1.00 26.83 ? 869 GLY A N   1 
ATOM   190  C CA  . GLY A 1 32 ? -13.738 -15.999 -8.455  1.00 25.75 ? 869 GLY A CA  1 
ATOM   191  C C   . GLY A 1 32 ? -13.173 -14.757 -9.127  1.00 25.58 ? 869 GLY A C   1 
ATOM   192  O O   . GLY A 1 32 ? -12.260 -14.862 -9.943  1.00 26.85 ? 869 GLY A O   1 
ATOM   193  N N   . SER A 1 33 ? -13.690 -13.578 -8.807  1.00 25.39 ? 870 SER A N   1 
ATOM   194  C CA  . SER A 1 33 ? -13.179 -12.384 -9.480  1.00 24.37 ? 870 SER A CA  1 
ATOM   195  C C   . SER A 1 33 ? -11.855 -11.974 -8.860  1.00 24.25 ? 870 SER A C   1 
ATOM   196  O O   . SER A 1 33 ? -11.479 -12.486 -7.792  1.00 22.02 ? 870 SER A O   1 
ATOM   197  C CB  . SER A 1 33 ? -14.181 -11.227 -9.408  1.00 23.52 ? 870 SER A CB  1 
ATOM   198  O OG  . SER A 1 33 ? -14.451 -10.808 -8.072  1.00 21.76 ? 870 SER A OG  1 
ATOM   199  N N   . GLN A 1 34 ? -11.148 -11.082 -9.542  1.00 22.89 ? 871 GLN A N   1 
ATOM   200  C CA  . GLN A 1 34 ? -9.841  -10.610 -9.073  1.00 24.56 ? 871 GLN A CA  1 
ATOM   201  C C   . GLN A 1 34 ? -9.576  -9.156  -9.441  1.00 24.21 ? 871 GLN A C   1 
ATOM   202  O O   . GLN A 1 34 ? -9.987  -8.679  -10.506 1.00 23.24 ? 871 GLN A O   1 
ATOM   203  C CB  . GLN A 1 34 ? -8.706  -11.413 -9.716  1.00 25.19 ? 871 GLN A CB  1 
ATOM   204  C CG  . GLN A 1 34 ? -8.822  -12.912 -9.707  1.00 30.40 ? 871 GLN A CG  1 
ATOM   205  C CD  . GLN A 1 34 ? -7.752  -13.535 -10.584 1.00 33.54 ? 871 GLN A CD  1 
ATOM   206  O OE1 . GLN A 1 34 ? -6.557  -13.448 -10.273 1.00 32.79 ? 871 GLN A OE1 1 
ATOM   207  N NE2 . GLN A 1 34 ? -8.166  -14.140 -11.704 1.00 32.46 ? 871 GLN A NE2 1 
ATOM   208  N N   . LEU A 1 35 ? -8.840  -8.477  -8.565  1.00 22.82 ? 872 LEU A N   1 
ATOM   209  C CA  . LEU A 1 35 ? -8.423  -7.098  -8.784  1.00 21.35 ? 872 LEU A CA  1 
ATOM   210  C C   . LEU A 1 35 ? -6.888  -7.122  -8.701  1.00 22.42 ? 872 LEU A C   1 
ATOM   211  O O   . LEU A 1 35 ? -6.326  -7.831  -7.855  1.00 19.09 ? 872 LEU A O   1 
ATOM   212  C CB  . LEU A 1 35 ? -8.926  -6.174  -7.667  1.00 20.77 ? 872 LEU A CB  1 
ATOM   213  C CG  . LEU A 1 35 ? -10.395 -5.750  -7.564  1.00 19.81 ? 872 LEU A CG  1 
ATOM   214  C CD1 . LEU A 1 35 ? -10.673 -5.093  -6.208  1.00 19.63 ? 872 LEU A CD1 1 
ATOM   215  C CD2 . LEU A 1 35 ? -10.678 -4.775  -8.705  1.00 19.87 ? 872 LEU A CD2 1 
ATOM   216  N N   . VAL A 1 36 ? -6.223  -6.400  -9.598  1.00 21.77 ? 873 VAL A N   1 
ATOM   217  C CA  . VAL A 1 36 ? -4.760  -6.260  -9.553  1.00 23.89 ? 873 VAL A CA  1 
ATOM   218  C C   . VAL A 1 36 ? -4.636  -4.747  -9.619  1.00 26.68 ? 873 VAL A C   1 
ATOM   219  O O   . VAL A 1 36 ? -5.175  -4.110  -10.544 1.00 25.04 ? 873 VAL A O   1 
ATOM   220  C CB  . VAL A 1 36 ? -4.036  -6.928  -10.762 1.00 26.38 ? 873 VAL A CB  1 
ATOM   221  C CG1 . VAL A 1 36 ? -2.539  -6.540  -10.755 1.00 25.49 ? 873 VAL A CG1 1 
ATOM   222  C CG2 . VAL A 1 36 ? -4.141  -8.448  -10.666 1.00 22.63 ? 873 VAL A CG2 1 
ATOM   223  N N   . MET A 1 37 ? -3.958  -4.165  -8.627  1.00 25.65 ? 874 MET A N   1 
ATOM   224  C CA  . MET A 1 37 ? -3.823  -2.726  -8.551  1.00 26.26 ? 874 MET A CA  1 
ATOM   225  C C   . MET A 1 37 ? -2.386  -2.295  -8.383  1.00 25.73 ? 874 MET A C   1 
ATOM   226  O O   . MET A 1 37 ? -1.575  -3.022  -7.777  1.00 27.70 ? 874 MET A O   1 
ATOM   227  C CB  . MET A 1 37 ? -4.643  -2.216  -7.365  1.00 25.44 ? 874 MET A CB  1 
ATOM   228  C CG  . MET A 1 37 ? -5.991  -2.929  -7.264  1.00 30.14 ? 874 MET A CG  1 
ATOM   229  S SD  . MET A 1 37 ? -7.062  -2.352  -5.970  1.00 32.21 ? 874 MET A SD  1 
ATOM   230  C CE  . MET A 1 37 ? -5.957  -2.445  -4.623  1.00 30.46 ? 874 MET A CE  1 
ATOM   231  N N   . GLN A 1 38 ? -2.037  -1.145  -8.950  1.00 23.37 ? 875 GLN A N   1 
ATOM   232  C CA  . GLN A 1 38 ? -0.681  -0.646  -8.759  1.00 22.97 ? 875 GLN A CA  1 
ATOM   233  C C   . GLN A 1 38 ? -0.880  0.657   -7.993  1.00 22.53 ? 875 GLN A C   1 
ATOM   234  O O   . GLN A 1 38 ? -1.863  1.379   -8.221  1.00 21.65 ? 875 GLN A O   1 
ATOM   235  C CB  . GLN A 1 38 ? 0.028   -0.470  -10.090 1.00 24.17 ? 875 GLN A CB  1 
ATOM   236  C CG  . GLN A 1 38 ? 0.402   -1.848  -10.668 1.00 26.79 ? 875 GLN A CG  1 
ATOM   237  C CD  . GLN A 1 38 ? 1.300   -1.754  -11.848 1.00 28.97 ? 875 GLN A CD  1 
ATOM   238  O OE1 . GLN A 1 38 ? 2.305   -1.054  -11.811 1.00 31.62 ? 875 GLN A OE1 1 
ATOM   239  N NE2 . GLN A 1 38 ? 0.967   -2.475  -12.911 1.00 31.46 ? 875 GLN A NE2 1 
ATOM   240  N N   . ALA A 1 39 ? 0.014   0.924   -7.041  1.00 21.23 ? 876 ALA A N   1 
ATOM   241  C CA  . ALA A 1 39 ? -0.094  2.109   -6.192  1.00 20.50 ? 876 ALA A CA  1 
ATOM   242  C C   . ALA A 1 39 ? 1.260   2.828   -6.067  1.00 21.59 ? 876 ALA A C   1 
ATOM   243  O O   . ALA A 1 39 ? 2.280   2.258   -6.400  1.00 19.34 ? 876 ALA A O   1 
ATOM   244  C CB  . ALA A 1 39 ? -0.592  1.682   -4.802  1.00 20.80 ? 876 ALA A CB  1 
ATOM   245  N N   . GLY A 1 40 ? 1.262   4.059   -5.559  1.00 21.15 ? 877 GLY A N   1 
ATOM   246  C CA  . GLY A 1 40 ? 2.518   4.801   -5.431  1.00 23.40 ? 877 GLY A CA  1 
ATOM   247  C C   . GLY A 1 40 ? 2.450   5.809   -4.295  1.00 22.86 ? 877 GLY A C   1 
ATOM   248  O O   . GLY A 1 40 ? 1.367   6.247   -3.914  1.00 22.47 ? 877 GLY A O   1 
ATOM   249  N N   . VAL A 1 41 ? 3.606   6.181   -3.750  1.00 22.89 ? 878 VAL A N   1 
ATOM   250  C CA  . VAL A 1 41 ? 3.664   7.131   -2.647  1.00 22.01 ? 878 VAL A CA  1 
ATOM   251  C C   . VAL A 1 41 ? 3.673   8.556   -3.235  1.00 21.72 ? 878 VAL A C   1 
ATOM   252  O O   . VAL A 1 41 ? 4.512   8.863   -4.106  1.00 21.08 ? 878 VAL A O   1 
ATOM   253  C CB  . VAL A 1 41 ? 4.958   6.879   -1.819  1.00 22.10 ? 878 VAL A CB  1 
ATOM   254  C CG1 . VAL A 1 41 ? 5.114   7.918   -0.714  1.00 22.14 ? 878 VAL A CG1 1 
ATOM   255  C CG2 . VAL A 1 41 ? 4.912   5.454   -1.220  1.00 21.24 ? 878 VAL A CG2 1 
ATOM   256  N N   . SER A 1 42 ? 2.764   9.426   -2.775  1.00 18.13 ? 879 SER A N   1 
ATOM   257  C CA  . SER A 1 42 ? 2.720   10.815  -3.275  1.00 19.79 ? 879 SER A CA  1 
ATOM   258  C C   . SER A 1 42 ? 3.515   11.760  -2.387  1.00 21.07 ? 879 SER A C   1 
ATOM   259  O O   . SER A 1 42 ? 3.810   12.889  -2.790  1.00 20.90 ? 879 SER A O   1 
ATOM   260  C CB  . SER A 1 42 ? 1.285   11.352  -3.324  1.00 19.38 ? 879 SER A CB  1 
ATOM   261  O OG  . SER A 1 42 ? 0.586   10.988  -2.139  1.00 18.21 ? 879 SER A OG  1 
ATOM   262  N N   . SER A 1 43 ? 3.785   11.347  -1.155  1.00 20.00 ? 880 SER A N   1 
ATOM   263  C CA  . SER A 1 43 ? 4.594   12.197  -0.268  1.00 20.47 ? 880 SER A CA  1 
ATOM   264  C C   . SER A 1 43 ? 5.165   11.413  0.889   1.00 20.54 ? 880 SER A C   1 
ATOM   265  O O   . SER A 1 43 ? 4.528   10.483  1.427   1.00 18.49 ? 880 SER A O   1 
ATOM   266  C CB  . SER A 1 43 ? 3.788   13.398  0.262   1.00 22.34 ? 880 SER A CB  1 
ATOM   267  O OG  . SER A 1 43 ? 2.777   12.998  1.171   1.00 27.90 ? 880 SER A OG  1 
ATOM   268  N N   . ILE A 1 44 ? 6.388   11.780  1.255   1.00 19.49 ? 881 ILE A N   1 
ATOM   269  C CA  . ILE A 1 44 ? 7.087   11.147  2.347   1.00 20.54 ? 881 ILE A CA  1 
ATOM   270  C C   . ILE A 1 44 ? 7.469   12.215  3.365   1.00 22.19 ? 881 ILE A C   1 
ATOM   271  O O   . ILE A 1 44 ? 8.150   13.201  3.035   1.00 20.82 ? 881 ILE A O   1 
ATOM   272  C CB  . ILE A 1 44 ? 8.365   10.442  1.849   1.00 22.31 ? 881 ILE A CB  1 
ATOM   273  C CG1 . ILE A 1 44 ? 7.999   9.365   0.807   1.00 22.18 ? 881 ILE A CG1 1 
ATOM   274  C CG2 . ILE A 1 44 ? 9.101   9.827   3.017   1.00 19.72 ? 881 ILE A CG2 1 
ATOM   275  C CD1 . ILE A 1 44 ? 9.187   8.590   0.217   1.00 23.31 ? 881 ILE A CD1 1 
ATOM   276  N N   . SER A 1 45 ? 7.006   12.030  4.592   1.00 21.03 ? 882 SER A N   1 
ATOM   277  C CA  . SER A 1 45 ? 7.313   12.956  5.677   1.00 22.60 ? 882 SER A CA  1 
ATOM   278  C C   . SER A 1 45 ? 8.193   12.164  6.633   1.00 22.78 ? 882 SER A C   1 
ATOM   279  O O   . SER A 1 45 ? 7.737   11.206  7.297   1.00 22.24 ? 882 SER A O   1 
ATOM   280  C CB  . SER A 1 45 ? 6.018   13.404  6.357   1.00 25.70 ? 882 SER A CB  1 
ATOM   281  O OG  . SER A 1 45 ? 6.259   14.364  7.372   1.00 27.90 ? 882 SER A OG  1 
ATOM   282  N N   . TYR A 1 46 ? 9.465   12.544  6.671   1.00 22.65 ? 883 TYR A N   1 
ATOM   283  C CA  . TYR A 1 46 ? 10.457  11.871  7.493   1.00 22.55 ? 883 TYR A CA  1 
ATOM   284  C C   . TYR A 1 46 ? 10.817  12.697  8.725   1.00 24.28 ? 883 TYR A C   1 
ATOM   285  O O   . TYR A 1 46 ? 11.180  13.880  8.624   1.00 23.43 ? 883 TYR A O   1 
ATOM   286  C CB  . TYR A 1 46 ? 11.724  11.627  6.671   1.00 22.32 ? 883 TYR A CB  1 
ATOM   287  C CG  . TYR A 1 46 ? 12.855  10.990  7.467   1.00 25.37 ? 883 TYR A CG  1 
ATOM   288  C CD1 . TYR A 1 46 ? 12.793  9.639   7.824   1.00 24.33 ? 883 TYR A CD1 1 
ATOM   289  C CD2 . TYR A 1 46 ? 13.997  11.738  7.868   1.00 24.12 ? 883 TYR A CD2 1 
ATOM   290  C CE1 . TYR A 1 46 ? 13.822  9.030   8.562   1.00 24.37 ? 883 TYR A CE1 1 
ATOM   291  C CE2 . TYR A 1 46 ? 15.038  11.134  8.607   1.00 23.53 ? 883 TYR A CE2 1 
ATOM   292  C CZ  . TYR A 1 46 ? 14.936  9.779   8.952   1.00 25.93 ? 883 TYR A CZ  1 
ATOM   293  O OH  . TYR A 1 46 ? 15.911  9.147   9.692   1.00 24.28 ? 883 TYR A OH  1 
ATOM   294  N N   . THR A 1 47 ? 10.690  12.076  9.889   1.00 23.62 ? 884 THR A N   1 
ATOM   295  C CA  . THR A 1 47 ? 11.055  12.720  11.136  1.00 24.08 ? 884 THR A CA  1 
ATOM   296  C C   . THR A 1 47 ? 12.331  12.034  11.611  1.00 23.37 ? 884 THR A C   1 
ATOM   297  O O   . THR A 1 47 ? 12.332  10.840  11.888  1.00 22.53 ? 884 THR A O   1 
ATOM   298  C CB  . THR A 1 47 ? 9.949   12.560  12.187  1.00 24.70 ? 884 THR A CB  1 
ATOM   299  O OG1 . THR A 1 47 ? 8.770   13.210  11.700  1.00 25.79 ? 884 THR A OG1 1 
ATOM   300  C CG2 . THR A 1 47 ? 10.351  13.226  13.531  1.00 24.86 ? 884 THR A CG2 1 
ATOM   301  N N   . SER A 1 48 ? 13.421  12.791  11.646  1.00 22.12 ? 885 SER A N   1 
ATOM   302  C CA  . SER A 1 48 ? 14.717  12.282  12.089  1.00 20.42 ? 885 SER A CA  1 
ATOM   303  C C   . SER A 1 48 ? 14.707  11.941  13.557  1.00 19.42 ? 885 SER A C   1 
ATOM   304  O O   . SER A 1 48 ? 13.829  12.376  14.311  1.00 19.34 ? 885 SER A O   1 
ATOM   305  C CB  . SER A 1 48 ? 15.803  13.353  11.860  1.00 22.04 ? 885 SER A CB  1 
ATOM   306  O OG  . SER A 1 48 ? 16.949  13.118  12.712  1.00 23.62 ? 885 SER A OG  1 
ATOM   307  N N   . PRO A 1 49 ? 15.684  11.138  14.000  1.00 19.82 ? 886 PRO A N   1 
ATOM   308  C CA  . PRO A 1 49 ? 15.719  10.811  15.420  1.00 21.05 ? 886 PRO A CA  1 
ATOM   309  C C   . PRO A 1 49 ? 15.892  12.116  16.214  1.00 23.30 ? 886 PRO A C   1 
ATOM   310  O O   . PRO A 1 49 ? 15.548  12.170  17.390  1.00 24.51 ? 886 PRO A O   1 
ATOM   311  C CB  . PRO A 1 49 ? 16.951  9.929   15.536  1.00 21.03 ? 886 PRO A CB  1 
ATOM   312  C CG  . PRO A 1 49 ? 17.003  9.253   14.201  1.00 22.27 ? 886 PRO A CG  1 
ATOM   313  C CD  . PRO A 1 49 ? 16.707  10.378  13.258  1.00 20.00 ? 886 PRO A CD  1 
ATOM   314  N N   . ASP A 1 50 ? 16.442  13.164  15.582  1.00 22.65 ? 887 ASP A N   1 
ATOM   315  C CA  . ASP A 1 50 ? 16.641  14.433  16.299  1.00 24.70 ? 887 ASP A CA  1 
ATOM   316  C C   . ASP A 1 50 ? 15.396  15.316  16.358  1.00 23.99 ? 887 ASP A C   1 
ATOM   317  O O   . ASP A 1 50 ? 15.454  16.444  16.839  1.00 23.78 ? 887 ASP A O   1 
ATOM   318  C CB  . ASP A 1 50 ? 17.856  15.225  15.750  1.00 21.88 ? 887 ASP A CB  1 
ATOM   319  C CG  . ASP A 1 50 ? 17.651  15.790  14.351  1.00 24.64 ? 887 ASP A CG  1 
ATOM   320  O OD1 . ASP A 1 50 ? 16.495  15.843  13.885  1.00 22.86 ? 887 ASP A OD1 1 
ATOM   321  O OD2 . ASP A 1 50 ? 18.669  16.212  13.713  1.00 22.31 ? 887 ASP A OD2 1 
ATOM   322  N N   . GLY A 1 51 ? 14.262  14.798  15.882  1.00 23.93 ? 888 GLY A N   1 
ATOM   323  C CA  . GLY A 1 51 ? 13.011  15.562  15.934  1.00 22.64 ? 888 GLY A CA  1 
ATOM   324  C C   . GLY A 1 51 ? 12.695  16.482  14.771  1.00 23.25 ? 888 GLY A C   1 
ATOM   325  O O   . GLY A 1 51 ? 11.600  17.040  14.716  1.00 25.45 ? 888 GLY A O   1 
ATOM   326  N N   . GLN A 1 52 ? 13.625  16.655  13.835  1.00 22.74 ? 889 GLN A N   1 
ATOM   327  C CA  . GLN A 1 52 ? 13.378  17.529  12.688  1.00 24.31 ? 889 GLN A CA  1 
ATOM   328  C C   . GLN A 1 52 ? 12.571  16.782  11.618  1.00 23.71 ? 889 GLN A C   1 
ATOM   329  O O   . GLN A 1 52 ? 12.900  15.649  11.278  1.00 22.37 ? 889 GLN A O   1 
ATOM   330  C CB  . GLN A 1 52 ? 14.700  17.992  12.069  1.00 25.55 ? 889 GLN A CB  1 
ATOM   331  C CG  . GLN A 1 52 ? 15.517  18.944  12.962  1.00 27.26 ? 889 GLN A CG  1 
ATOM   332  C CD  . GLN A 1 52 ? 14.783  20.249  13.163  1.00 28.20 ? 889 GLN A CD  1 
ATOM   333  O OE1 . GLN A 1 52 ? 14.173  20.480  14.203  1.00 28.60 ? 889 GLN A OE1 1 
ATOM   334  N NE2 . GLN A 1 52 ? 14.817  21.101  12.146  1.00 30.60 ? 889 GLN A NE2 1 
ATOM   335  N N   . THR A 1 53 ? 11.549  17.423  11.072  1.00 23.96 ? 890 THR A N   1 
ATOM   336  C CA  . THR A 1 53 ? 10.744  16.770  10.036  1.00 26.22 ? 890 THR A CA  1 
ATOM   337  C C   . THR A 1 53 ? 10.961  17.387  8.670   1.00 27.22 ? 890 THR A C   1 
ATOM   338  O O   . THR A 1 53 ? 11.010  18.614  8.542   1.00 28.02 ? 890 THR A O   1 
ATOM   339  C CB  . THR A 1 53 ? 9.228   16.823  10.361  1.00 26.01 ? 890 THR A CB  1 
ATOM   340  O OG1 . THR A 1 53 ? 8.967   16.034  11.525  1.00 27.10 ? 890 THR A OG1 1 
ATOM   341  C CG2 . THR A 1 53 ? 8.408   16.227  9.197   1.00 27.86 ? 890 THR A CG2 1 
ATOM   342  N N   . THR A 1 54 ? 11.104  16.529  7.654   1.00 24.96 ? 891 THR A N   1 
ATOM   343  C CA  . THR A 1 54 ? 11.304  16.971  6.280   1.00 25.21 ? 891 THR A CA  1 
ATOM   344  C C   . THR A 1 54 ? 10.330  16.219  5.367   1.00 24.23 ? 891 THR A C   1 
ATOM   345  O O   . THR A 1 54 ? 10.178  14.995  5.467   1.00 21.76 ? 891 THR A O   1 
ATOM   346  C CB  . THR A 1 54 ? 12.745  16.694  5.785   1.00 27.26 ? 891 THR A CB  1 
ATOM   347  O OG1 . THR A 1 54 ? 13.702  17.192  6.740   1.00 29.29 ? 891 THR A OG1 1 
ATOM   348  C CG2 . THR A 1 54 ? 12.968  17.384  4.459   1.00 28.65 ? 891 THR A CG2 1 
ATOM   349  N N   . ARG A 1 55 ? 9.639   16.958  4.507   1.00 23.84 ? 892 ARG A N   1 
ATOM   350  C CA  . ARG A 1 55 ? 8.691   16.346  3.588   1.00 23.81 ? 892 ARG A CA  1 
ATOM   351  C C   . ARG A 1 55 ? 9.274   16.297  2.169   1.00 25.42 ? 892 ARG A C   1 
ATOM   352  O O   . ARG A 1 55 ? 9.893   17.270  1.685   1.00 24.29 ? 892 ARG A O   1 
ATOM   353  C CB  . ARG A 1 55 ? 7.382   17.143  3.599   1.00 24.59 ? 892 ARG A CB  1 
ATOM   354  C CG  . ARG A 1 55 ? 6.309   16.622  2.641   1.00 32.74 ? 892 ARG A CG  1 
ATOM   355  C CD  . ARG A 1 55 ? 5.125   17.602  2.445   1.00 34.85 ? 892 ARG A CD  1 
ATOM   356  N NE  . ARG A 1 55 ? 4.415   17.245  1.215   1.00 42.09 ? 892 ARG A NE  1 
ATOM   357  C CZ  . ARG A 1 55 ? 4.813   17.563  -0.019  1.00 42.52 ? 892 ARG A CZ  1 
ATOM   358  N NH1 . ARG A 1 55 ? 5.919   18.279  -0.218  1.00 44.55 ? 892 ARG A NH1 1 
ATOM   359  N NH2 . ARG A 1 55 ? 4.126   17.119  -1.066  1.00 42.98 ? 892 ARG A NH2 1 
ATOM   360  N N   . TYR A 1 56 ? 9.102   15.157  1.507   1.00 22.94 ? 893 TYR A N   1 
ATOM   361  C CA  . TYR A 1 56 ? 9.563   15.013  0.130   1.00 24.10 ? 893 TYR A CA  1 
ATOM   362  C C   . TYR A 1 56 ? 8.372   14.710  -0.771  1.00 23.96 ? 893 TYR A C   1 
ATOM   363  O O   . TYR A 1 56 ? 7.640   13.736  -0.554  1.00 23.65 ? 893 TYR A O   1 
ATOM   364  C CB  . TYR A 1 56 ? 10.600  13.896  0.013   1.00 24.74 ? 893 TYR A CB  1 
ATOM   365  C CG  . TYR A 1 56 ? 11.805  14.129  0.899   1.00 25.46 ? 893 TYR A CG  1 
ATOM   366  C CD1 . TYR A 1 56 ? 11.754  13.820  2.261   1.00 25.25 ? 893 TYR A CD1 1 
ATOM   367  C CD2 . TYR A 1 56 ? 12.984  14.685  0.385   1.00 26.40 ? 893 TYR A CD2 1 
ATOM   368  C CE1 . TYR A 1 56 ? 12.839  14.053  3.095   1.00 27.98 ? 893 TYR A CE1 1 
ATOM   369  C CE2 . TYR A 1 56 ? 14.087  14.928  1.215   1.00 28.27 ? 893 TYR A CE2 1 
ATOM   370  C CZ  . TYR A 1 56 ? 13.999  14.605  2.569   1.00 29.75 ? 893 TYR A CZ  1 
ATOM   371  O OH  . TYR A 1 56 ? 15.065  14.835  3.406   1.00 33.43 ? 893 TYR A OH  1 
ATOM   372  N N   . GLY A 1 57 ? 8.148   15.584  -1.740  1.00 22.44 ? 894 GLY A N   1 
ATOM   373  C CA  . GLY A 1 57 ? 7.063   15.394  -2.672  1.00 25.69 ? 894 GLY A CA  1 
ATOM   374  C C   . GLY A 1 57 ? 7.444   14.294  -3.651  1.00 25.67 ? 894 GLY A C   1 
ATOM   375  O O   . GLY A 1 57 ? 8.604   13.869  -3.701  1.00 23.94 ? 894 GLY A O   1 
ATOM   376  N N   . GLU A 1 58 ? 6.480   13.858  -4.456  1.00 26.09 ? 895 GLU A N   1 
ATOM   377  C CA  . GLU A 1 58 ? 6.719   12.768  -5.385  1.00 26.78 ? 895 GLU A CA  1 
ATOM   378  C C   . GLU A 1 58 ? 7.794   13.071  -6.412  1.00 27.07 ? 895 GLU A C   1 
ATOM   379  O O   . GLU A 1 58 ? 8.501   12.158  -6.869  1.00 26.31 ? 895 GLU A O   1 
ATOM   380  C CB  . GLU A 1 58 ? 5.405   12.405  -6.080  1.00 28.97 ? 895 GLU A CB  1 
ATOM   381  C CG  . GLU A 1 58 ? 5.447   11.079  -6.804  1.00 31.47 ? 895 GLU A CG  1 
ATOM   382  C CD  . GLU A 1 58 ? 4.049   10.498  -7.109  1.00 34.27 ? 895 GLU A CD  1 
ATOM   383  O OE1 . GLU A 1 58 ? 4.015   9.450   -7.779  1.00 35.62 ? 895 GLU A OE1 1 
ATOM   384  O OE2 . GLU A 1 58 ? 3.002   11.066  -6.678  1.00 32.05 ? 895 GLU A OE2 1 
ATOM   385  N N   . ASN A 1 59 ? 7.915   14.346  -6.783  1.00 25.53 ? 896 ASN A N   1 
ATOM   386  C CA  . ASN A 1 59 ? 8.908   14.748  -7.772  1.00 27.19 ? 896 ASN A CA  1 
ATOM   387  C C   . ASN A 1 59 ? 10.245  15.276  -7.203  1.00 28.83 ? 896 ASN A C   1 
ATOM   388  O O   . ASN A 1 59 ? 10.996  15.947  -7.896  1.00 30.01 ? 896 ASN A O   1 
ATOM   389  C CB  . ASN A 1 59 ? 8.290   15.774  -8.725  1.00 26.47 ? 896 ASN A CB  1 
ATOM   390  C CG  . ASN A 1 59 ? 7.121   15.188  -9.502  1.00 28.80 ? 896 ASN A CG  1 
ATOM   391  O OD1 . ASN A 1 59 ? 7.067   13.964  -9.712  1.00 28.28 ? 896 ASN A OD1 1 
ATOM   392  N ND2 . ASN A 1 59 ? 6.199   16.032  -9.942  1.00 27.05 ? 896 ASN A ND2 1 
ATOM   393  N N   . GLU A 1 60 ? 10.548  14.952  -5.954  1.00 30.40 ? 897 GLU A N   1 
ATOM   394  C CA  . GLU A 1 60 ? 11.802  15.389  -5.368  1.00 31.99 ? 897 GLU A CA  1 
ATOM   395  C C   . GLU A 1 60 ? 12.703  14.186  -5.227  1.00 32.78 ? 897 GLU A C   1 
ATOM   396  O O   . GLU A 1 60 ? 12.240  13.068  -4.965  1.00 33.16 ? 897 GLU A O   1 
ATOM   397  C CB  . GLU A 1 60 ? 11.574  16.008  -4.002  1.00 30.74 ? 897 GLU A CB  1 
ATOM   398  C CG  . GLU A 1 60 ? 10.794  17.291  -4.043  1.00 33.45 ? 897 GLU A CG  1 
ATOM   399  C CD  . GLU A 1 60 ? 10.614  17.844  -2.654  1.00 34.00 ? 897 GLU A CD  1 
ATOM   400  O OE1 . GLU A 1 60 ? 11.635  18.186  -2.023  1.00 37.35 ? 897 GLU A OE1 1 
ATOM   401  O OE2 . GLU A 1 60 ? 9.469   17.929  -2.188  1.00 32.39 ? 897 GLU A OE2 1 
ATOM   402  N N   . LYS A 1 61 ? 13.998  14.402  -5.409  1.00 33.50 ? 898 LYS A N   1 
ATOM   403  C CA  . LYS A 1 61 ? 14.948  13.310  -5.278  1.00 34.01 ? 898 LYS A CA  1 
ATOM   404  C C   . LYS A 1 61 ? 15.051  12.971  -3.790  1.00 33.44 ? 898 LYS A C   1 
ATOM   405  O O   . LYS A 1 61 ? 15.033  13.871  -2.940  1.00 33.86 ? 898 LYS A O   1 
ATOM   406  C CB  . LYS A 1 61 ? 16.300  13.742  -5.840  1.00 36.55 ? 898 LYS A CB  1 
ATOM   407  C CG  . LYS A 1 61 ? 17.300  12.607  -5.958  1.00 41.45 ? 898 LYS A CG  1 
ATOM   408  C CD  . LYS A 1 61 ? 18.650  13.113  -6.467  1.00 44.29 ? 898 LYS A CD  1 
ATOM   409  C CE  . LYS A 1 61 ? 19.686  12.005  -6.471  1.00 44.74 ? 898 LYS A CE  1 
ATOM   410  N NZ  . LYS A 1 61 ? 20.959  12.503  -7.075  1.00 47.69 ? 898 LYS A NZ  1 
ATOM   411  N N   . LEU A 1 62 ? 15.126  11.687  -3.466  1.00 32.05 ? 899 LEU A N   1 
ATOM   412  C CA  . LEU A 1 62 ? 15.227  11.279  -2.075  1.00 33.14 ? 899 LEU A CA  1 
ATOM   413  C C   . LEU A 1 62 ? 16.680  11.061  -1.689  1.00 33.44 ? 899 LEU A C   1 
ATOM   414  O O   . LEU A 1 62 ? 17.448  10.452  -2.438  1.00 34.29 ? 899 LEU A O   1 
ATOM   415  C CB  . LEU A 1 62 ? 14.458  9.971   -1.814  1.00 32.95 ? 899 LEU A CB  1 
ATOM   416  C CG  . LEU A 1 62 ? 12.943  10.020  -2.044  1.00 35.06 ? 899 LEU A CG  1 
ATOM   417  C CD1 . LEU A 1 62 ? 12.328  8.673   -1.655  1.00 35.29 ? 899 LEU A CD1 1 
ATOM   418  C CD2 . LEU A 1 62 ? 12.327  11.160  -1.228  1.00 34.89 ? 899 LEU A CD2 1 
ATOM   419  N N   . PRO A 1 63 ? 17.088  11.579  -0.524  1.00 33.07 ? 900 PRO A N   1 
ATOM   420  C CA  . PRO A 1 63 ? 18.480  11.376  -0.113  1.00 32.15 ? 900 PRO A CA  1 
ATOM   421  C C   . PRO A 1 63 ? 18.687  9.881   0.124   1.00 32.47 ? 900 PRO A C   1 
ATOM   422  O O   . PRO A 1 63 ? 17.720  9.130   0.376   1.00 31.14 ? 900 PRO A O   1 
ATOM   423  C CB  . PRO A 1 63 ? 18.598  12.211  1.167   1.00 32.76 ? 900 PRO A CB  1 
ATOM   424  C CG  . PRO A 1 63 ? 17.185  12.239  1.706   1.00 32.85 ? 900 PRO A CG  1 
ATOM   425  C CD  . PRO A 1 63 ? 16.342  12.392  0.451   1.00 32.27 ? 900 PRO A CD  1 
ATOM   426  N N   . GLU A 1 64 ? 19.935  9.430   0.035   1.00 31.52 ? 901 GLU A N   1 
ATOM   427  C CA  . GLU A 1 64 ? 20.220  8.010   0.228   1.00 32.30 ? 901 GLU A CA  1 
ATOM   428  C C   . GLU A 1 64 ? 19.795  7.402   1.550   1.00 29.49 ? 901 GLU A C   1 
ATOM   429  O O   . GLU A 1 64 ? 19.337  6.259   1.582   1.00 26.90 ? 901 GLU A O   1 
ATOM   430  C CB  . GLU A 1 64 ? 21.715  7.708   0.035   1.00 36.47 ? 901 GLU A CB  1 
ATOM   431  C CG  . GLU A 1 64 ? 22.126  7.538   -1.416  1.00 41.60 ? 901 GLU A CG  1 
ATOM   432  C CD  . GLU A 1 64 ? 21.250  6.530   -2.156  1.00 44.51 ? 901 GLU A CD  1 
ATOM   433  O OE1 . GLU A 1 64 ? 21.188  5.352   -1.726  1.00 46.75 ? 901 GLU A OE1 1 
ATOM   434  O OE2 . GLU A 1 64 ? 20.626  6.928   -3.167  1.00 45.99 ? 901 GLU A OE2 1 
ATOM   435  N N   . TYR A 1 65 ? 19.953  8.136   2.648   1.00 27.49 ? 902 TYR A N   1 
ATOM   436  C CA  . TYR A 1 65 ? 19.590  7.549   3.930   1.00 27.12 ? 902 TYR A CA  1 
ATOM   437  C C   . TYR A 1 65 ? 18.088  7.223   4.044   1.00 24.82 ? 902 TYR A C   1 
ATOM   438  O O   . TYR A 1 65 ? 17.699  6.293   4.769   1.00 23.19 ? 902 TYR A O   1 
ATOM   439  C CB  . TYR A 1 65 ? 20.053  8.446   5.080   1.00 27.10 ? 902 TYR A CB  1 
ATOM   440  C CG  . TYR A 1 65 ? 19.391  9.799   5.183   1.00 27.17 ? 902 TYR A CG  1 
ATOM   441  C CD1 . TYR A 1 65 ? 18.185  9.965   5.872   1.00 25.51 ? 902 TYR A CD1 1 
ATOM   442  C CD2 . TYR A 1 65 ? 19.996  10.924  4.624   1.00 26.81 ? 902 TYR A CD2 1 
ATOM   443  C CE1 . TYR A 1 65 ? 17.609  11.214  6.004   1.00 27.31 ? 902 TYR A CE1 1 
ATOM   444  C CE2 . TYR A 1 65 ? 19.429  12.170  4.743   1.00 28.77 ? 902 TYR A CE2 1 
ATOM   445  C CZ  . TYR A 1 65 ? 18.245  12.311  5.433   1.00 29.82 ? 902 TYR A CZ  1 
ATOM   446  O OH  . TYR A 1 65 ? 17.720  13.566  5.561   1.00 33.48 ? 902 TYR A OH  1 
ATOM   447  N N   . ILE A 1 66 ? 17.252  7.972   3.328   1.00 25.20 ? 903 ILE A N   1 
ATOM   448  C CA  . ILE A 1 66 ? 15.811  7.699   3.333   1.00 26.39 ? 903 ILE A CA  1 
ATOM   449  C C   . ILE A 1 66 ? 15.529  6.482   2.428   1.00 26.68 ? 903 ILE A C   1 
ATOM   450  O O   . ILE A 1 66 ? 14.715  5.629   2.766   1.00 27.11 ? 903 ILE A O   1 
ATOM   451  C CB  . ILE A 1 66 ? 15.001  8.937   2.866   1.00 26.58 ? 903 ILE A CB  1 
ATOM   452  C CG1 . ILE A 1 66 ? 15.029  10.001  3.980   1.00 29.08 ? 903 ILE A CG1 1 
ATOM   453  C CG2 . ILE A 1 66 ? 13.540  8.545   2.569   1.00 27.43 ? 903 ILE A CG2 1 
ATOM   454  C CD1 . ILE A 1 66 ? 14.157  11.198  3.717   1.00 30.16 ? 903 ILE A CD1 1 
ATOM   455  N N   . LYS A 1 67 ? 16.205  6.397   1.287   1.00 27.91 ? 904 LYS A N   1 
ATOM   456  C CA  . LYS A 1 67 ? 16.028  5.252   0.395   1.00 29.38 ? 904 LYS A CA  1 
ATOM   457  C C   . LYS A 1 67 ? 16.405  3.946   1.120   1.00 29.85 ? 904 LYS A C   1 
ATOM   458  O O   . LYS A 1 67 ? 15.688  2.955   1.026   1.00 28.01 ? 904 LYS A O   1 
ATOM   459  C CB  . LYS A 1 67 ? 16.893  5.399   -0.860  1.00 30.38 ? 904 LYS A CB  1 
ATOM   460  C CG  . LYS A 1 67 ? 16.515  6.554   -1.757  1.00 32.38 ? 904 LYS A CG  1 
ATOM   461  C CD  . LYS A 1 67 ? 17.377  6.566   -3.023  1.00 36.43 ? 904 LYS A CD  1 
ATOM   462  C CE  . LYS A 1 67 ? 16.949  7.703   -3.949  1.00 40.14 ? 904 LYS A CE  1 
ATOM   463  N NZ  . LYS A 1 67 ? 17.802  7.801   -5.182  1.00 44.58 ? 904 LYS A NZ  1 
ATOM   464  N N   . GLN A 1 68 ? 17.519  3.948   1.859   1.00 30.12 ? 905 GLN A N   1 
ATOM   465  C CA  . GLN A 1 68 ? 17.957  2.754   2.578   1.00 29.47 ? 905 GLN A CA  1 
ATOM   466  C C   . GLN A 1 68 ? 16.935  2.326   3.626   1.00 29.74 ? 905 GLN A C   1 
ATOM   467  O O   . GLN A 1 68 ? 16.773  1.125   3.884   1.00 30.02 ? 905 GLN A O   1 
ATOM   468  C CB  . GLN A 1 68 ? 19.308  2.994   3.267   1.00 33.01 ? 905 GLN A CB  1 
ATOM   469  C CG  . GLN A 1 68 ? 20.386  3.540   2.356   1.00 35.71 ? 905 GLN A CG  1 
ATOM   470  C CD  . GLN A 1 68 ? 21.762  3.538   3.020   1.00 39.88 ? 905 GLN A CD  1 
ATOM   471  O OE1 . GLN A 1 68 ? 21.886  3.684   4.247   1.00 42.71 ? 905 GLN A OE1 1 
ATOM   472  N NE2 . GLN A 1 68 ? 22.804  3.385   2.209   1.00 40.73 ? 905 GLN A NE2 1 
ATOM   473  N N   . LYS A 1 69 ? 16.259  3.291   4.261   1.00 26.78 ? 906 LYS A N   1 
ATOM   474  C CA  . LYS A 1 69 ? 15.247  2.934   5.251   1.00 26.10 ? 906 LYS A CA  1 
ATOM   475  C C   . LYS A 1 69 ? 13.977  2.440   4.540   1.00 24.70 ? 906 LYS A C   1 
ATOM   476  O O   . LYS A 1 69 ? 13.309  1.528   5.033   1.00 24.05 ? 906 LYS A O   1 
ATOM   477  C CB  . LYS A 1 69 ? 14.941  4.110   6.192   1.00 23.05 ? 906 LYS A CB  1 
ATOM   478  C CG  . LYS A 1 69 ? 15.890  4.130   7.417   1.00 21.87 ? 906 LYS A CG  1 
ATOM   479  C CD  . LYS A 1 69 ? 15.957  5.505   8.122   1.00 19.54 ? 906 LYS A CD  1 
ATOM   480  C CE  . LYS A 1 69 ? 16.822  5.417   9.394   1.00 20.65 ? 906 LYS A CE  1 
ATOM   481  N NZ  . LYS A 1 69 ? 16.880  6.711   10.150  1.00 20.86 ? 906 LYS A NZ  1 
ATOM   482  N N   . LEU A 1 70 ? 13.659  3.024   3.384   1.00 26.08 ? 907 LEU A N   1 
ATOM   483  C CA  . LEU A 1 70 ? 12.488  2.584   2.598   1.00 27.98 ? 907 LEU A CA  1 
ATOM   484  C C   . LEU A 1 70 ? 12.682  1.135   2.162   1.00 29.99 ? 907 LEU A C   1 
ATOM   485  O O   . LEU A 1 70 ? 11.742  0.344   2.153   1.00 31.87 ? 907 LEU A O   1 
ATOM   486  C CB  . LEU A 1 70 ? 12.326  3.434   1.332   1.00 27.23 ? 907 LEU A CB  1 
ATOM   487  C CG  . LEU A 1 70 ? 11.722  4.820   1.510   1.00 28.37 ? 907 LEU A CG  1 
ATOM   488  C CD1 . LEU A 1 70 ? 11.849  5.632   0.225   1.00 28.59 ? 907 LEU A CD1 1 
ATOM   489  C CD2 . LEU A 1 70 ? 10.265  4.640   1.919   1.00 26.77 ? 907 LEU A CD2 1 
ATOM   490  N N   . GLN A 1 71 ? 13.907  0.791   1.782   1.00 31.27 ? 908 GLN A N   1 
ATOM   491  C CA  . GLN A 1 71 ? 14.191  -0.563  1.340   1.00 33.89 ? 908 GLN A CA  1 
ATOM   492  C C   . GLN A 1 71 ? 13.929  -1.597  2.423   1.00 34.10 ? 908 GLN A C   1 
ATOM   493  O O   . GLN A 1 71 ? 13.730  -2.770  2.122   1.00 33.80 ? 908 GLN A O   1 
ATOM   494  C CB  . GLN A 1 71 ? 15.636  -0.677  0.863   1.00 36.26 ? 908 GLN A CB  1 
ATOM   495  C CG  . GLN A 1 71 ? 16.067  -2.112  0.572   1.00 42.00 ? 908 GLN A CG  1 
ATOM   496  C CD  . GLN A 1 71 ? 15.304  -2.737  -0.592  1.00 45.50 ? 908 GLN A CD  1 
ATOM   497  O OE1 . GLN A 1 71 ? 15.262  -2.166  -1.690  1.00 47.23 ? 908 GLN A OE1 1 
ATOM   498  N NE2 . GLN A 1 71 ? 14.702  -3.917  -0.363  1.00 45.34 ? 908 GLN A NE2 1 
ATOM   499  N N   . LEU A 1 72 ? 13.928  -1.178  3.685   1.00 32.87 ? 909 LEU A N   1 
ATOM   500  C CA  . LEU A 1 72 ? 13.687  -2.127  4.765   1.00 32.81 ? 909 LEU A CA  1 
ATOM   501  C C   . LEU A 1 72 ? 12.213  -2.527  4.740   1.00 33.11 ? 909 LEU A C   1 
ATOM   502  O O   . LEU A 1 72 ? 11.812  -3.512  5.361   1.00 31.50 ? 909 LEU A O   1 
ATOM   503  C CB  . LEU A 1 72 ? 14.044  -1.506  6.129   1.00 30.82 ? 909 LEU A CB  1 
ATOM   504  C CG  . LEU A 1 72 ? 15.534  -1.191  6.397   1.00 30.29 ? 909 LEU A CG  1 
ATOM   505  C CD1 . LEU A 1 72 ? 15.700  -0.485  7.756   1.00 27.81 ? 909 LEU A CD1 1 
ATOM   506  C CD2 . LEU A 1 72 ? 16.332  -2.493  6.371   1.00 30.00 ? 909 LEU A CD2 1 
ATOM   507  N N   . LEU A 1 73 ? 11.413  -1.759  4.005   1.00 32.72 ? 910 LEU A N   1 
ATOM   508  C CA  . LEU A 1 73 ? 9.976   -2.027  3.910   1.00 33.81 ? 910 LEU A CA  1 
ATOM   509  C C   . LEU A 1 73 ? 9.568   -2.893  2.719   1.00 32.63 ? 910 LEU A C   1 
ATOM   510  O O   . LEU A 1 73 ? 8.497   -3.515  2.733   1.00 33.32 ? 910 LEU A O   1 
ATOM   511  C CB  . LEU A 1 73 ? 9.202   -0.701  3.867   1.00 35.28 ? 910 LEU A CB  1 
ATOM   512  C CG  . LEU A 1 73 ? 9.343   0.099   5.165   1.00 37.42 ? 910 LEU A CG  1 
ATOM   513  C CD1 . LEU A 1 73 ? 8.954   1.556   4.940   1.00 37.87 ? 910 LEU A CD1 1 
ATOM   514  C CD2 . LEU A 1 73 ? 8.471   -0.563  6.230   1.00 37.72 ? 910 LEU A CD2 1 
ATOM   515  N N   . SER A 1 74 ? 10.411  -2.955  1.700   1.00 30.99 ? 911 SER A N   1 
ATOM   516  C CA  . SER A 1 74 ? 10.075  -3.740  0.513   1.00 29.90 ? 911 SER A CA  1 
ATOM   517  C C   . SER A 1 74 ? 9.801   -5.209  0.842   1.00 29.33 ? 911 SER A C   1 
ATOM   518  O O   . SER A 1 74 ? 10.625  -5.884  1.482   1.00 27.15 ? 911 SER A O   1 
ATOM   519  C CB  . SER A 1 74 ? 11.202  -3.651  -0.504  1.00 30.28 ? 911 SER A CB  1 
ATOM   520  O OG  . SER A 1 74 ? 11.575  -2.289  -0.695  1.00 37.30 ? 911 SER A OG  1 
ATOM   521  N N   . SER A 1 75 ? 8.666   -5.724  0.368   1.00 27.21 ? 912 SER A N   1 
ATOM   522  C CA  . SER A 1 75 ? 8.327   -7.112  0.647   1.00 25.21 ? 912 SER A CA  1 
ATOM   523  C C   . SER A 1 75 ? 7.311   -7.695  -0.317  1.00 25.16 ? 912 SER A C   1 
ATOM   524  O O   . SER A 1 75 ? 6.674   -6.963  -1.077  1.00 21.93 ? 912 SER A O   1 
ATOM   525  C CB  . SER A 1 75 ? 7.774   -7.245  2.063   1.00 26.98 ? 912 SER A CB  1 
ATOM   526  O OG  . SER A 1 75 ? 6.462   -6.705  2.157   1.00 27.61 ? 912 SER A OG  1 
ATOM   527  N N   . ILE A 1 76 ? 7.186   -9.022  -0.268  1.00 24.41 ? 913 ILE A N   1 
ATOM   528  C CA  . ILE A 1 76 ? 6.240   -9.787  -1.089  1.00 24.95 ? 913 ILE A CA  1 
ATOM   529  C C   . ILE A 1 76 ? 5.417   -10.570 -0.076  1.00 25.08 ? 913 ILE A C   1 
ATOM   530  O O   . ILE A 1 76 ? 5.987   -11.258 0.782   1.00 24.07 ? 913 ILE A O   1 
ATOM   531  C CB  . ILE A 1 76 ? 6.923   -10.853 -1.943  1.00 26.86 ? 913 ILE A CB  1 
ATOM   532  C CG1 . ILE A 1 76 ? 7.937   -10.218 -2.878  1.00 29.55 ? 913 ILE A CG1 1 
ATOM   533  C CG2 . ILE A 1 76 ? 5.847   -11.691 -2.653  1.00 27.48 ? 913 ILE A CG2 1 
ATOM   534  C CD1 . ILE A 1 76 ? 7.329   -9.378  -3.916  1.00 33.33 ? 913 ILE A CD1 1 
ATOM   535  N N   . LEU A 1 77 ? 4.096   -10.486 -0.168  1.00 22.73 ? 914 LEU A N   1 
ATOM   536  C CA  . LEU A 1 77 ? 3.264   -11.217 0.752   1.00 23.84 ? 914 LEU A CA  1 
ATOM   537  C C   . LEU A 1 77 ? 2.163   -11.926 -0.034  1.00 23.98 ? 914 LEU A C   1 
ATOM   538  O O   . LEU A 1 77 ? 1.667   -11.405 -1.032  1.00 23.14 ? 914 LEU A O   1 
ATOM   539  C CB  . LEU A 1 77 ? 2.647   -10.268 1.777   1.00 26.02 ? 914 LEU A CB  1 
ATOM   540  C CG  . LEU A 1 77 ? 1.612   -10.930 2.719   1.00 29.74 ? 914 LEU A CG  1 
ATOM   541  C CD1 . LEU A 1 77 ? 1.721   -10.328 4.126   1.00 29.57 ? 914 LEU A CD1 1 
ATOM   542  C CD2 . LEU A 1 77 ? 0.223   -10.750 2.158   1.00 31.16 ? 914 LEU A CD2 1 
ATOM   543  N N   . LEU A 1 78 ? 1.829   -13.133 0.393   1.00 23.73 ? 915 LEU A N   1 
ATOM   544  C CA  . LEU A 1 78 ? 0.748   -13.906 -0.217  1.00 25.08 ? 915 LEU A CA  1 
ATOM   545  C C   . LEU A 1 78 ? -0.031  -14.484 0.958   1.00 25.44 ? 915 LEU A C   1 
ATOM   546  O O   . LEU A 1 78 ? 0.568   -15.088 1.844   1.00 25.36 ? 915 LEU A O   1 
ATOM   547  C CB  . LEU A 1 78 ? 1.323   -15.046 -1.060  1.00 26.86 ? 915 LEU A CB  1 
ATOM   548  C CG  . LEU A 1 78 ? 1.999   -14.690 -2.379  1.00 28.53 ? 915 LEU A CG  1 
ATOM   549  C CD1 . LEU A 1 78 ? 2.660   -15.919 -2.992  1.00 30.02 ? 915 LEU A CD1 1 
ATOM   550  C CD2 . LEU A 1 78 ? 0.933   -14.148 -3.327  1.00 31.81 ? 915 LEU A CD2 1 
ATOM   551  N N   . MET A 1 79 ? -1.349  -14.288 0.987   1.00 24.42 ? 916 MET A N   1 
ATOM   552  C CA  . MET A 1 79 ? -2.180  -14.829 2.060   1.00 25.49 ? 916 MET A CA  1 
ATOM   553  C C   . MET A 1 79 ? -3.406  -15.500 1.437   1.00 26.16 ? 916 MET A C   1 
ATOM   554  O O   . MET A 1 79 ? -4.081  -14.891 0.595   1.00 25.19 ? 916 MET A O   1 
ATOM   555  C CB  . MET A 1 79 ? -2.633  -13.723 3.018   1.00 27.60 ? 916 MET A CB  1 
ATOM   556  C CG  . MET A 1 79 ? -3.431  -14.234 4.226   1.00 33.94 ? 916 MET A CG  1 
ATOM   557  S SD  . MET A 1 79 ? -3.814  -12.963 5.505   1.00 38.48 ? 916 MET A SD  1 
ATOM   558  C CE  . MET A 1 79 ? -2.502  -11.778 5.180   1.00 36.27 ? 916 MET A CE  1 
ATOM   559  N N   . PHE A 1 80 ? -3.689  -16.740 1.847   1.00 26.66 ? 917 PHE A N   1 
ATOM   560  C CA  . PHE A 1 80 ? -4.828  -17.511 1.322   1.00 28.28 ? 917 PHE A CA  1 
ATOM   561  C C   . PHE A 1 80 ? -5.728  -18.035 2.436   1.00 29.99 ? 917 PHE A C   1 
ATOM   562  O O   . PHE A 1 80 ? -5.232  -18.471 3.473   1.00 26.03 ? 917 PHE A O   1 
ATOM   563  C CB  . PHE A 1 80 ? -4.347  -18.746 0.539   1.00 29.89 ? 917 PHE A CB  1 
ATOM   564  C CG  . PHE A 1 80 ? -3.253  -18.461 -0.447  1.00 31.47 ? 917 PHE A CG  1 
ATOM   565  C CD1 . PHE A 1 80 ? -1.957  -18.178 -0.010  1.00 34.23 ? 917 PHE A CD1 1 
ATOM   566  C CD2 . PHE A 1 80 ? -3.524  -18.431 -1.811  1.00 33.79 ? 917 PHE A CD2 1 
ATOM   567  C CE1 . PHE A 1 80 ? -0.942  -17.862 -0.922  1.00 34.34 ? 917 PHE A CE1 1 
ATOM   568  C CE2 . PHE A 1 80 ? -2.513  -18.113 -2.737  1.00 34.66 ? 917 PHE A CE2 1 
ATOM   569  C CZ  . PHE A 1 80 ? -1.228  -17.829 -2.285  1.00 34.41 ? 917 PHE A CZ  1 
ATOM   570  N N   . SER A 1 81 ? -7.042  -18.018 2.216   1.00 31.47 ? 918 SER A N   1 
ATOM   571  C CA  . SER A 1 81 ? -7.967  -18.590 3.191   1.00 35.92 ? 918 SER A CA  1 
ATOM   572  C C   . SER A 1 81 ? -7.700  -20.101 3.096   1.00 37.84 ? 918 SER A C   1 
ATOM   573  O O   . SER A 1 81 ? -7.558  -20.638 1.998   1.00 38.67 ? 918 SER A O   1 
ATOM   574  C CB  . SER A 1 81 ? -9.420  -18.309 2.803   1.00 36.10 ? 918 SER A CB  1 
ATOM   575  O OG  . SER A 1 81 ? -9.682  -16.908 2.834   1.00 40.41 ? 918 SER A OG  1 
ATOM   576  N N   . ASN A 1 82 ? -7.618  -20.781 4.236   1.00 39.87 ? 919 ASN A N   1 
ATOM   577  C CA  . ASN A 1 82 ? -7.335  -22.217 4.259   1.00 42.79 ? 919 ASN A CA  1 
ATOM   578  C C   . ASN A 1 82 ? -8.490  -22.976 4.933   1.00 45.11 ? 919 ASN A C   1 
ATOM   579  O O   . ASN A 1 82 ? -8.263  -23.649 5.973   1.00 45.06 ? 919 ASN A O   1 
ATOM   580  C CB  . ASN A 1 82 ? -6.022  -22.454 5.026   1.00 44.12 ? 919 ASN A CB  1 
ATOM   581  C CG  . ASN A 1 82 ? -5.525  -23.895 4.939   1.00 44.62 ? 919 ASN A CG  1 
ATOM   582  O OD1 . ASN A 1 82 ? -4.704  -24.327 5.755   1.00 46.36 ? 919 ASN A OD1 1 
ATOM   583  N ND2 . ASN A 1 82 ? -6.004  -24.635 3.947   1.00 44.93 ? 919 ASN A ND2 1 
ATOM   584  N N   . SER B 1 8  ? 22.102  -2.898  10.950  1.00 46.65 ? 845 SER B N   1 
ATOM   585  C CA  . SER B 1 8  ? 21.773  -2.509  12.355  1.00 45.64 ? 845 SER B CA  1 
ATOM   586  C C   . SER B 1 8  ? 20.397  -1.813  12.460  1.00 44.17 ? 845 SER B C   1 
ATOM   587  O O   . SER B 1 8  ? 19.635  -2.063  13.404  1.00 45.41 ? 845 SER B O   1 
ATOM   588  C CB  . SER B 1 8  ? 22.867  -1.583  12.902  1.00 46.84 ? 845 SER B CB  1 
ATOM   589  O OG  . SER B 1 8  ? 22.672  -1.317  14.282  1.00 49.95 ? 845 SER B OG  1 
ATOM   590  N N   . VAL B 1 9  ? 20.084  -0.941  11.501  1.00 40.04 ? 846 VAL B N   1 
ATOM   591  C CA  . VAL B 1 9  ? 18.804  -0.227  11.500  1.00 35.61 ? 846 VAL B CA  1 
ATOM   592  C C   . VAL B 1 9  ? 17.671  -1.197  11.186  1.00 33.45 ? 846 VAL B C   1 
ATOM   593  O O   . VAL B 1 9  ? 17.801  -2.001  10.281  1.00 31.66 ? 846 VAL B O   1 
ATOM   594  C CB  . VAL B 1 9  ? 18.782  0.903   10.422  1.00 35.13 ? 846 VAL B CB  1 
ATOM   595  C CG1 . VAL B 1 9  ? 17.378  1.520   10.331  1.00 32.66 ? 846 VAL B CG1 1 
ATOM   596  C CG2 . VAL B 1 9  ? 19.799  1.992   10.777  1.00 33.73 ? 846 VAL B CG2 1 
ATOM   597  N N   . PHE B 1 10 ? 16.572  -1.149  11.936  1.00 31.66 ? 847 PHE B N   1 
ATOM   598  C CA  . PHE B 1 10 ? 15.456  -2.033  11.621  1.00 31.75 ? 847 PHE B CA  1 
ATOM   599  C C   . PHE B 1 10 ? 14.092  -1.432  11.949  1.00 29.89 ? 847 PHE B C   1 
ATOM   600  O O   . PHE B 1 10 ? 13.975  -0.474  12.740  1.00 26.55 ? 847 PHE B O   1 
ATOM   601  C CB  . PHE B 1 10 ? 15.628  -3.426  12.282  1.00 33.57 ? 847 PHE B CB  1 
ATOM   602  C CG  . PHE B 1 10 ? 15.671  -3.410  13.798  1.00 38.37 ? 847 PHE B CG  1 
ATOM   603  C CD1 . PHE B 1 10 ? 14.494  -3.435  14.545  1.00 39.12 ? 847 PHE B CD1 1 
ATOM   604  C CD2 . PHE B 1 10 ? 16.892  -3.357  14.477  1.00 39.71 ? 847 PHE B CD2 1 
ATOM   605  C CE1 . PHE B 1 10 ? 14.520  -3.402  15.947  1.00 39.97 ? 847 PHE B CE1 1 
ATOM   606  C CE2 . PHE B 1 10 ? 16.931  -3.321  15.886  1.00 40.15 ? 847 PHE B CE2 1 
ATOM   607  C CZ  . PHE B 1 10 ? 15.743  -3.343  16.619  1.00 40.06 ? 847 PHE B CZ  1 
ATOM   608  N N   . VAL B 1 11 ? 13.062  -1.976  11.299  1.00 28.69 ? 848 VAL B N   1 
ATOM   609  C CA  . VAL B 1 11 ? 11.695  -1.522  11.520  1.00 27.06 ? 848 VAL B CA  1 
ATOM   610  C C   . VAL B 1 11 ? 11.274  -1.965  12.897  1.00 26.17 ? 848 VAL B C   1 
ATOM   611  O O   . VAL B 1 11 ? 11.495  -3.116  13.267  1.00 27.06 ? 848 VAL B O   1 
ATOM   612  C CB  . VAL B 1 11 ? 10.701  -2.135  10.499  1.00 26.64 ? 848 VAL B CB  1 
ATOM   613  C CG1 . VAL B 1 11 ? 9.260   -1.680  10.849  1.00 25.73 ? 848 VAL B CG1 1 
ATOM   614  C CG2 . VAL B 1 11 ? 11.058  -1.678  9.078   1.00 27.02 ? 848 VAL B CG2 1 
ATOM   615  N N   . LYS B 1 12 ? 10.665  -1.068  13.667  1.00 25.60 ? 849 LYS B N   1 
ATOM   616  C CA  . LYS B 1 12 ? 10.234  -1.441  14.999  1.00 27.71 ? 849 LYS B CA  1 
ATOM   617  C C   . LYS B 1 12 ? 8.718   -1.536  15.056  1.00 27.43 ? 849 LYS B C   1 
ATOM   618  O O   . LYS B 1 12 ? 8.166   -2.519  15.555  1.00 25.99 ? 849 LYS B O   1 
ATOM   619  C CB  . LYS B 1 12 ? 10.708  -0.421  16.024  1.00 30.24 ? 849 LYS B CB  1 
ATOM   620  C CG  . LYS B 1 12 ? 10.735  -0.992  17.424  1.00 35.27 ? 849 LYS B CG  1 
ATOM   621  C CD  . LYS B 1 12 ? 10.891  0.091   18.477  1.00 38.59 ? 849 LYS B CD  1 
ATOM   622  C CE  . LYS B 1 12 ? 10.706  -0.510  19.867  1.00 38.61 ? 849 LYS B CE  1 
ATOM   623  N NZ  . LYS B 1 12 ? 10.543  0.569   20.885  1.00 43.07 ? 849 LYS B NZ  1 
ATOM   624  N N   . ASN B 1 13 ? 8.058   -0.494  14.559  1.00 25.85 ? 850 ASN B N   1 
ATOM   625  C CA  . ASN B 1 13 ? 6.604   -0.436  14.531  1.00 25.52 ? 850 ASN B CA  1 
ATOM   626  C C   . ASN B 1 13 ? 6.201   -0.015  13.124  1.00 25.56 ? 850 ASN B C   1 
ATOM   627  O O   . ASN B 1 13 ? 6.965   0.676   12.416  1.00 22.74 ? 850 ASN B O   1 
ATOM   628  C CB  . ASN B 1 13 ? 6.084   0.587   15.538  1.00 26.55 ? 850 ASN B CB  1 
ATOM   629  C CG  . ASN B 1 13 ? 6.642   0.354   16.942  1.00 29.83 ? 850 ASN B CG  1 
ATOM   630  O OD1 . ASN B 1 13 ? 6.720   -0.785  17.405  1.00 28.51 ? 850 ASN B OD1 1 
ATOM   631  N ND2 . ASN B 1 13 ? 7.017   1.429   17.626  1.00 28.66 ? 850 ASN B ND2 1 
ATOM   632  N N   . VAL B 1 14 ? 5.019   -0.454  12.707  1.00 23.42 ? 851 VAL B N   1 
ATOM   633  C CA  . VAL B 1 14 ? 4.498   -0.109  11.387  1.00 24.09 ? 851 VAL B CA  1 
ATOM   634  C C   . VAL B 1 14 ? 2.980   -0.078  11.480  1.00 25.36 ? 851 VAL B C   1 
ATOM   635  O O   . VAL B 1 14 ? 2.374   -0.802  12.294  1.00 23.77 ? 851 VAL B O   1 
ATOM   636  C CB  . VAL B 1 14 ? 4.924   -1.127  10.343  1.00 25.31 ? 851 VAL B CB  1 
ATOM   637  C CG1 . VAL B 1 14 ? 4.455   -2.508  10.740  1.00 28.72 ? 851 VAL B CG1 1 
ATOM   638  C CG2 . VAL B 1 14 ? 4.330   -0.755  8.994   1.00 28.09 ? 851 VAL B CG2 1 
ATOM   639  N N   . GLY B 1 15 ? 2.361   0.784   10.690  1.00 24.37 ? 852 GLY B N   1 
ATOM   640  C CA  . GLY B 1 15 ? 0.916   0.855   10.715  1.00 26.32 ? 852 GLY B CA  1 
ATOM   641  C C   . GLY B 1 15 ? 0.393   1.513   9.453   1.00 26.65 ? 852 GLY B C   1 
ATOM   642  O O   . GLY B 1 15 ? 1.157   2.109   8.680   1.00 23.77 ? 852 GLY B O   1 
ATOM   643  N N   . TRP B 1 16 ? -0.904  1.370   9.212   1.00 24.82 ? 853 TRP B N   1 
ATOM   644  C CA  . TRP B 1 16 ? -1.503  2.019   8.056   1.00 24.33 ? 853 TRP B CA  1 
ATOM   645  C C   . TRP B 1 16 ? -2.999  2.187   8.263   1.00 22.17 ? 853 TRP B C   1 
ATOM   646  O O   . TRP B 1 16 ? -3.588  1.611   9.175   1.00 19.67 ? 853 TRP B O   1 
ATOM   647  C CB  . TRP B 1 16 ? -1.236  1.220   6.778   1.00 24.57 ? 853 TRP B CB  1 
ATOM   648  C CG  . TRP B 1 16 ? -1.966  -0.087  6.691   1.00 28.68 ? 853 TRP B CG  1 
ATOM   649  C CD1 . TRP B 1 16 ? -3.326  -0.286  6.724   1.00 28.36 ? 853 TRP B CD1 1 
ATOM   650  C CD2 . TRP B 1 16 ? -1.383  -1.365  6.441   1.00 29.83 ? 853 TRP B CD2 1 
ATOM   651  N NE1 . TRP B 1 16 ? -3.620  -1.616  6.500   1.00 30.79 ? 853 TRP B NE1 1 
ATOM   652  C CE2 . TRP B 1 16 ? -2.444  -2.301  6.330   1.00 32.16 ? 853 TRP B CE2 1 
ATOM   653  C CE3 . TRP B 1 16 ? -0.063  -1.817  6.306   1.00 31.66 ? 853 TRP B CE3 1 
ATOM   654  C CZ2 . TRP B 1 16 ? -2.220  -3.662  6.078   1.00 32.79 ? 853 TRP B CZ2 1 
ATOM   655  C CZ3 . TRP B 1 16 ? 0.157   -3.168  6.055   1.00 32.52 ? 853 TRP B CZ3 1 
ATOM   656  C CH2 . TRP B 1 16 ? -0.914  -4.072  5.948   1.00 33.65 ? 853 TRP B CH2 1 
ATOM   657  N N   . ALA B 1 17 ? -3.598  3.014   7.425   1.00 20.00 ? 854 ALA B N   1 
ATOM   658  C CA  . ALA B 1 17 ? -5.027  3.247   7.468   1.00 20.97 ? 854 ALA B CA  1 
ATOM   659  C C   . ALA B 1 17 ? -5.334  3.453   5.994   1.00 22.18 ? 854 ALA B C   1 
ATOM   660  O O   . ALA B 1 17 ? -4.745  4.329   5.360   1.00 20.03 ? 854 ALA B O   1 
ATOM   661  C CB  . ALA B 1 17 ? -5.331  4.501   8.260   1.00 19.52 ? 854 ALA B CB  1 
ATOM   662  N N   . THR B 1 18 ? -6.192  2.614   5.419   1.00 21.90 ? 855 THR B N   1 
ATOM   663  C CA  . THR B 1 18 ? -6.523  2.771   4.014   1.00 23.51 ? 855 THR B CA  1 
ATOM   664  C C   . THR B 1 18 ? -8.045  2.956   3.866   1.00 25.91 ? 855 THR B C   1 
ATOM   665  O O   . THR B 1 18 ? -8.829  2.481   4.709   1.00 22.59 ? 855 THR B O   1 
ATOM   666  C CB  . THR B 1 18 ? -6.062  1.549   3.187   1.00 24.62 ? 855 THR B CB  1 
ATOM   667  O OG1 . THR B 1 18 ? -6.713  0.371   3.674   1.00 24.95 ? 855 THR B OG1 1 
ATOM   668  C CG2 . THR B 1 18 ? -4.531  1.343   3.302   1.00 24.61 ? 855 THR B CG2 1 
ATOM   669  N N   . GLN B 1 19 ? -8.451  3.684   2.833   1.00 26.80 ? 856 GLN B N   1 
ATOM   670  C CA  . GLN B 1 19 ? -9.871  3.893   2.585   1.00 33.83 ? 856 GLN B CA  1 
ATOM   671  C C   . GLN B 1 19 ? -10.246 3.126   1.326   1.00 36.07 ? 856 GLN B C   1 
ATOM   672  O O   . GLN B 1 19 ? -10.128 1.898   1.294   1.00 40.72 ? 856 GLN B O   1 
ATOM   673  C CB  . GLN B 1 19 ? -10.196 5.376   2.397   1.00 36.03 ? 856 GLN B CB  1 
ATOM   674  C CG  . GLN B 1 19 ? -9.847  6.261   3.587   1.00 40.64 ? 856 GLN B CG  1 
ATOM   675  C CD  . GLN B 1 19 ? -8.342  6.457   3.747   1.00 44.69 ? 856 GLN B CD  1 
ATOM   676  O OE1 . GLN B 1 19 ? -7.610  6.554   2.748   1.00 47.37 ? 856 GLN B OE1 1 
ATOM   677  N NE2 . GLN B 1 19 ? -7.870  6.528   5.001   1.00 45.52 ? 856 GLN B NE2 1 
ATOM   678  N N   . LEU B 1 20 ? -10.685 3.812   0.280   1.00 35.52 ? 857 LEU B N   1 
ATOM   679  C CA  . LEU B 1 20 ? -11.079 3.091   -0.922  1.00 33.73 ? 857 LEU B CA  1 
ATOM   680  C C   . LEU B 1 20 ? -9.887  2.897   -1.855  1.00 32.93 ? 857 LEU B C   1 
ATOM   681  O O   . LEU B 1 20 ? -9.448  1.772   -2.087  1.00 34.16 ? 857 LEU B O   1 
ATOM   682  C CB  . LEU B 1 20 ? -12.204 3.834   -1.656  1.00 36.64 ? 857 LEU B CB  1 
ATOM   683  C CG  . LEU B 1 20 ? -12.974 2.932   -2.632  1.00 38.88 ? 857 LEU B CG  1 
ATOM   684  C CD1 . LEU B 1 20 ? -13.879 2.016   -1.806  1.00 40.32 ? 857 LEU B CD1 1 
ATOM   685  C CD2 . LEU B 1 20 ? -13.815 3.747   -3.598  1.00 41.16 ? 857 LEU B CD2 1 
ATOM   686  N N   . THR B 1 21 ? -9.351  3.991   -2.380  1.00 29.35 ? 858 THR B N   1 
ATOM   687  C CA  . THR B 1 21 ? -8.207  3.910   -3.293  1.00 30.06 ? 858 THR B CA  1 
ATOM   688  C C   . THR B 1 21 ? -6.978  4.647   -2.737  1.00 28.78 ? 858 THR B C   1 
ATOM   689  O O   . THR B 1 21 ? -6.001  4.884   -3.458  1.00 29.23 ? 858 THR B O   1 
ATOM   690  C CB  . THR B 1 21 ? -8.539  4.570   -4.619  1.00 28.17 ? 858 THR B CB  1 
ATOM   691  O OG1 . THR B 1 21 ? -9.020  5.893   -4.352  1.00 30.80 ? 858 THR B OG1 1 
ATOM   692  C CG2 . THR B 1 21 ? -9.639  3.783   -5.374  1.00 29.30 ? 858 THR B CG2 1 
ATOM   693  N N   . SER B 1 22 ? -7.033  5.040   -1.476  1.00 28.03 ? 859 SER B N   1 
ATOM   694  C CA  . SER B 1 22 ? -5.912  5.778   -0.923  1.00 27.21 ? 859 SER B CA  1 
ATOM   695  C C   . SER B 1 22 ? -5.582  5.318   0.462   1.00 25.42 ? 859 SER B C   1 
ATOM   696  O O   . SER B 1 22 ? -6.386  4.640   1.103   1.00 23.76 ? 859 SER B O   1 
ATOM   697  C CB  . SER B 1 22 ? -6.238  7.271   -0.931  1.00 28.04 ? 859 SER B CB  1 
ATOM   698  O OG  . SER B 1 22 ? -7.305  7.529   -0.044  1.00 32.79 ? 859 SER B OG  1 
ATOM   699  N N   . GLY B 1 23 ? -4.395  5.687   0.933   1.00 23.40 ? 860 GLY B N   1 
ATOM   700  C CA  . GLY B 1 23 ? -4.010  5.283   2.267   1.00 23.53 ? 860 GLY B CA  1 
ATOM   701  C C   . GLY B 1 23 ? -2.770  5.997   2.754   1.00 22.85 ? 860 GLY B C   1 
ATOM   702  O O   . GLY B 1 23 ? -2.124  6.729   1.998   1.00 19.43 ? 860 GLY B O   1 
ATOM   703  N N   . ALA B 1 24 ? -2.453  5.788   4.028   1.00 22.99 ? 861 ALA B N   1 
ATOM   704  C CA  . ALA B 1 24 ? -1.267  6.361   4.626   1.00 24.00 ? 861 ALA B CA  1 
ATOM   705  C C   . ALA B 1 24 ? -0.622  5.212   5.383   1.00 24.31 ? 861 ALA B C   1 
ATOM   706  O O   . ALA B 1 24 ? -1.319  4.358   5.962   1.00 23.13 ? 861 ALA B O   1 
ATOM   707  C CB  . ALA B 1 24 ? -1.653  7.501   5.571   1.00 23.97 ? 861 ALA B CB  1 
ATOM   708  N N   . VAL B 1 25 ? 0.706   5.166   5.321   1.00 24.53 ? 862 VAL B N   1 
ATOM   709  C CA  . VAL B 1 25 ? 1.519   4.148   5.990   1.00 25.48 ? 862 VAL B CA  1 
ATOM   710  C C   . VAL B 1 25 ? 2.456   4.873   6.941   1.00 26.05 ? 862 VAL B C   1 
ATOM   711  O O   . VAL B 1 25 ? 2.995   5.922   6.582   1.00 24.83 ? 862 VAL B O   1 
ATOM   712  C CB  . VAL B 1 25 ? 2.435   3.395   5.008   1.00 28.33 ? 862 VAL B CB  1 
ATOM   713  C CG1 . VAL B 1 25 ? 3.329   2.392   5.789   1.00 28.58 ? 862 VAL B CG1 1 
ATOM   714  C CG2 . VAL B 1 25 ? 1.618   2.679   3.966   1.00 30.81 ? 862 VAL B CG2 1 
ATOM   715  N N   . TRP B 1 26 ? 2.634   4.332   8.142   1.00 24.31 ? 863 TRP B N   1 
ATOM   716  C CA  . TRP B 1 26 ? 3.530   4.912   9.136   1.00 26.24 ? 863 TRP B CA  1 
ATOM   717  C C   . TRP B 1 26 ? 4.565   3.836   9.535   1.00 25.57 ? 863 TRP B C   1 
ATOM   718  O O   . TRP B 1 26 ? 4.237   2.635   9.646   1.00 21.95 ? 863 TRP B O   1 
ATOM   719  C CB  . TRP B 1 26 ? 2.736   5.340   10.369  1.00 30.96 ? 863 TRP B CB  1 
ATOM   720  C CG  . TRP B 1 26 ? 3.565   5.464   11.600  1.00 37.86 ? 863 TRP B CG  1 
ATOM   721  C CD1 . TRP B 1 26 ? 4.443   6.478   11.912  1.00 39.70 ? 863 TRP B CD1 1 
ATOM   722  C CD2 . TRP B 1 26 ? 3.587   4.556   12.720  1.00 40.27 ? 863 TRP B CD2 1 
ATOM   723  N NE1 . TRP B 1 26 ? 5.003   6.255   13.166  1.00 41.13 ? 863 TRP B NE1 1 
ATOM   724  C CE2 . TRP B 1 26 ? 4.493   5.087   13.678  1.00 41.09 ? 863 TRP B CE2 1 
ATOM   725  C CE3 . TRP B 1 26 ? 2.926   3.347   13.005  1.00 41.59 ? 863 TRP B CE3 1 
ATOM   726  C CZ2 . TRP B 1 26 ? 4.748   4.452   14.902  1.00 42.05 ? 863 TRP B CZ2 1 
ATOM   727  C CZ3 . TRP B 1 26 ? 3.181   2.715   14.222  1.00 42.03 ? 863 TRP B CZ3 1 
ATOM   728  C CH2 . TRP B 1 26 ? 4.086   3.274   15.157  1.00 42.46 ? 863 TRP B CH2 1 
ATOM   729  N N   . VAL B 1 27 ? 5.808   4.262   9.746   1.00 23.60 ? 864 VAL B N   1 
ATOM   730  C CA  . VAL B 1 27 ? 6.878   3.347   10.127  1.00 22.60 ? 864 VAL B CA  1 
ATOM   731  C C   . VAL B 1 27 ? 7.777   3.991   11.180  1.00 24.68 ? 864 VAL B C   1 
ATOM   732  O O   . VAL B 1 27 ? 8.156   5.154   11.045  1.00 23.54 ? 864 VAL B O   1 
ATOM   733  C CB  . VAL B 1 27 ? 7.802   3.025   8.938   1.00 23.81 ? 864 VAL B CB  1 
ATOM   734  C CG1 . VAL B 1 27 ? 8.853   2.017   9.383   1.00 22.72 ? 864 VAL B CG1 1 
ATOM   735  C CG2 . VAL B 1 27 ? 6.985   2.497   7.735   1.00 25.00 ? 864 VAL B CG2 1 
ATOM   736  N N   . GLN B 1 28 ? 8.117   3.242   12.221  1.00 24.45 ? 865 GLN B N   1 
ATOM   737  C CA  . GLN B 1 28 ? 9.029   3.739   13.247  1.00 26.46 ? 865 GLN B CA  1 
ATOM   738  C C   . GLN B 1 28 ? 10.220  2.788   13.239  1.00 24.08 ? 865 GLN B C   1 
ATOM   739  O O   . GLN B 1 28 ? 10.049  1.568   13.304  1.00 24.15 ? 865 GLN B O   1 
ATOM   740  C CB  . GLN B 1 28 ? 8.387   3.697   14.621  1.00 30.46 ? 865 GLN B CB  1 
ATOM   741  C CG  . GLN B 1 28 ? 7.967   5.035   15.132  1.00 38.64 ? 865 GLN B CG  1 
ATOM   742  C CD  . GLN B 1 28 ? 7.498   4.967   16.575  1.00 43.10 ? 865 GLN B CD  1 
ATOM   743  O OE1 . GLN B 1 28 ? 8.180   4.398   17.434  1.00 46.00 ? 865 GLN B OE1 1 
ATOM   744  N NE2 . GLN B 1 28 ? 6.337   5.555   16.852  1.00 44.70 ? 865 GLN B NE2 1 
ATOM   745  N N   . PHE B 1 29 ? 11.422  3.337   13.156  1.00 22.39 ? 866 PHE B N   1 
ATOM   746  C CA  . PHE B 1 29 ? 12.620  2.507   13.154  1.00 21.79 ? 866 PHE B CA  1 
ATOM   747  C C   . PHE B 1 29 ? 13.197  2.443   14.564  1.00 22.83 ? 866 PHE B C   1 
ATOM   748  O O   . PHE B 1 29 ? 12.834  3.249   15.429  1.00 23.60 ? 866 PHE B O   1 
ATOM   749  C CB  . PHE B 1 29 ? 13.638  3.069   12.160  1.00 20.55 ? 866 PHE B CB  1 
ATOM   750  C CG  . PHE B 1 29 ? 13.142  3.067   10.750  1.00 21.12 ? 866 PHE B CG  1 
ATOM   751  C CD1 . PHE B 1 29 ? 12.559  4.193   10.210  1.00 21.25 ? 866 PHE B CD1 1 
ATOM   752  C CD2 . PHE B 1 29 ? 13.209  1.906   9.976   1.00 22.04 ? 866 PHE B CD2 1 
ATOM   753  C CE1 . PHE B 1 29 ? 12.038  4.179   8.906   1.00 21.96 ? 866 PHE B CE1 1 
ATOM   754  C CE2 . PHE B 1 29 ? 12.697  1.878   8.679   1.00 21.64 ? 866 PHE B CE2 1 
ATOM   755  C CZ  . PHE B 1 29 ? 12.111  3.017   8.140   1.00 22.73 ? 866 PHE B CZ  1 
ATOM   756  N N   . ASN B 1 30 ? 14.100  1.497   14.798  1.00 24.69 ? 867 ASN B N   1 
ATOM   757  C CA  . ASN B 1 30 ? 14.687  1.329   16.114  1.00 27.19 ? 867 ASN B CA  1 
ATOM   758  C C   . ASN B 1 30 ? 15.542  2.522   16.539  1.00 27.09 ? 867 ASN B C   1 
ATOM   759  O O   . ASN B 1 30 ? 15.801  2.695   17.719  1.00 27.50 ? 867 ASN B O   1 
ATOM   760  C CB  . ASN B 1 30 ? 15.511  0.050   16.146  1.00 29.82 ? 867 ASN B CB  1 
ATOM   761  C CG  . ASN B 1 30 ? 16.765  0.137   15.302  1.00 31.05 ? 867 ASN B CG  1 
ATOM   762  O OD1 . ASN B 1 30 ? 16.744  0.607   14.167  1.00 32.99 ? 867 ASN B OD1 1 
ATOM   763  N ND2 . ASN B 1 30 ? 17.878  -0.322  15.865  1.00 35.35 ? 867 ASN B ND2 1 
ATOM   764  N N   . ASP B 1 31 ? 15.961  3.358   15.592  1.00 27.50 ? 868 ASP B N   1 
ATOM   765  C CA  . ASP B 1 31 ? 16.789  4.518   15.952  1.00 28.13 ? 868 ASP B CA  1 
ATOM   766  C C   . ASP B 1 31 ? 15.910  5.695   16.333  1.00 27.69 ? 868 ASP B C   1 
ATOM   767  O O   . ASP B 1 31 ? 16.403  6.790   16.582  1.00 28.05 ? 868 ASP B O   1 
ATOM   768  C CB  . ASP B 1 31 ? 17.742  4.910   14.802  1.00 24.72 ? 868 ASP B CB  1 
ATOM   769  C CG  . ASP B 1 31 ? 17.014  5.377   13.564  1.00 24.30 ? 868 ASP B CG  1 
ATOM   770  O OD1 . ASP B 1 31 ? 15.760  5.347   13.533  1.00 22.63 ? 868 ASP B OD1 1 
ATOM   771  O OD2 . ASP B 1 31 ? 17.700  5.782   12.608  1.00 24.53 ? 868 ASP B OD2 1 
ATOM   772  N N   . GLY B 1 32 ? 14.600  5.460   16.380  1.00 27.51 ? 869 GLY B N   1 
ATOM   773  C CA  . GLY B 1 32 ? 13.673  6.519   16.751  1.00 26.87 ? 869 GLY B CA  1 
ATOM   774  C C   . GLY B 1 32 ? 13.155  7.386   15.604  1.00 25.54 ? 869 GLY B C   1 
ATOM   775  O O   . GLY B 1 32 ? 12.317  8.262   15.829  1.00 27.40 ? 869 GLY B O   1 
ATOM   776  N N   . SER B 1 33 ? 13.642  7.178   14.389  1.00 23.05 ? 870 SER B N   1 
ATOM   777  C CA  . SER B 1 33 ? 13.154  7.989   13.275  1.00 22.45 ? 870 SER B CA  1 
ATOM   778  C C   . SER B 1 33 ? 11.795  7.447   12.831  1.00 21.94 ? 870 SER B C   1 
ATOM   779  O O   . SER B 1 33 ? 11.433  6.302   13.183  1.00 20.92 ? 870 SER B O   1 
ATOM   780  C CB  . SER B 1 33 ? 14.132  7.960   12.125  1.00 19.16 ? 870 SER B CB  1 
ATOM   781  O OG  . SER B 1 33 ? 14.335  6.630   11.642  1.00 20.75 ? 870 SER B OG  1 
ATOM   782  N N   . GLN B 1 34 ? 11.049  8.263   12.087  1.00 22.53 ? 871 GLN B N   1 
ATOM   783  C CA  . GLN B 1 34 ? 9.695   7.904   11.625  1.00 24.67 ? 871 GLN B CA  1 
ATOM   784  C C   . GLN B 1 34 ? 9.412   8.365   10.200  1.00 25.48 ? 871 GLN B C   1 
ATOM   785  O O   . GLN B 1 34 ? 9.861   9.451   9.784   1.00 24.70 ? 871 GLN B O   1 
ATOM   786  C CB  . GLN B 1 34 ? 8.627   8.574   12.482  1.00 27.02 ? 871 GLN B CB  1 
ATOM   787  C CG  . GLN B 1 34 ? 8.757   8.394   13.965  1.00 34.24 ? 871 GLN B CG  1 
ATOM   788  C CD  . GLN B 1 34 ? 7.655   9.119   14.704  1.00 37.10 ? 871 GLN B CD  1 
ATOM   789  O OE1 . GLN B 1 34 ? 6.465   8.744   14.619  1.00 37.26 ? 871 GLN B OE1 1 
ATOM   790  N NE2 . GLN B 1 34 ? 8.030   10.183  15.423  1.00 38.53 ? 871 GLN B NE2 1 
ATOM   791  N N   . LEU B 1 35 ? 8.659   7.548   9.466   1.00 22.93 ? 872 LEU B N   1 
ATOM   792  C CA  . LEU B 1 35 ? 8.237   7.869   8.094   1.00 23.57 ? 872 LEU B CA  1 
ATOM   793  C C   . LEU B 1 35 ? 6.708   7.830   8.042   1.00 24.00 ? 872 LEU B C   1 
ATOM   794  O O   . LEU B 1 35 ? 6.096   6.877   8.539   1.00 22.60 ? 872 LEU B O   1 
ATOM   795  C CB  . LEU B 1 35 ? 8.745   6.816   7.098   1.00 24.87 ? 872 LEU B CB  1 
ATOM   796  C CG  . LEU B 1 35 ? 10.161  6.894   6.560   1.00 26.23 ? 872 LEU B CG  1 
ATOM   797  C CD1 . LEU B 1 35 ? 10.574  5.557   5.944   1.00 26.00 ? 872 LEU B CD1 1 
ATOM   798  C CD2 . LEU B 1 35 ? 10.237  8.029   5.531   1.00 23.79 ? 872 LEU B CD2 1 
ATOM   799  N N   . VAL B 1 36 ? 6.088   8.875   7.498   1.00 23.46 ? 873 VAL B N   1 
ATOM   800  C CA  . VAL B 1 36 ? 4.641   8.874   7.302   1.00 24.10 ? 873 VAL B CA  1 
ATOM   801  C C   . VAL B 1 36 ? 4.517   9.092   5.788   1.00 25.01 ? 873 VAL B C   1 
ATOM   802  O O   . VAL B 1 36 ? 5.022   10.102  5.252   1.00 22.79 ? 873 VAL B O   1 
ATOM   803  C CB  . VAL B 1 36 ? 3.921   10.003  8.057   1.00 24.21 ? 873 VAL B CB  1 
ATOM   804  C CG1 . VAL B 1 36 ? 2.419   9.942   7.754   1.00 26.16 ? 873 VAL B CG1 1 
ATOM   805  C CG2 . VAL B 1 36 ? 4.138   9.864   9.541   1.00 24.66 ? 873 VAL B CG2 1 
ATOM   806  N N   . MET B 1 37 ? 3.906   8.123   5.094   1.00 23.05 ? 874 MET B N   1 
ATOM   807  C CA  . MET B 1 37 ? 3.771   8.182   3.634   1.00 22.68 ? 874 MET B CA  1 
ATOM   808  C C   . MET B 1 37 ? 2.333   8.143   3.172   1.00 22.50 ? 874 MET B C   1 
ATOM   809  O O   . MET B 1 37 ? 1.550   7.305   3.638   1.00 23.17 ? 874 MET B O   1 
ATOM   810  C CB  . MET B 1 37 ? 4.519   7.009   3.001   1.00 22.71 ? 874 MET B CB  1 
ATOM   811  C CG  . MET B 1 37 ? 5.776   6.708   3.774   1.00 26.04 ? 874 MET B CG  1 
ATOM   812  S SD  . MET B 1 37 ? 7.006   5.849   2.899   1.00 26.70 ? 874 MET B SD  1 
ATOM   813  C CE  . MET B 1 37 ? 6.512   4.224   3.066   1.00 26.34 ? 874 MET B CE  1 
ATOM   814  N N   . GLN B 1 38 ? 1.994   9.037   2.252   1.00 21.09 ? 875 GLN B N   1 
ATOM   815  C CA  . GLN B 1 38 ? 0.643   9.107   1.695   1.00 21.56 ? 875 GLN B CA  1 
ATOM   816  C C   . GLN B 1 38 ? 0.754   8.306   0.394   1.00 21.49 ? 875 GLN B C   1 
ATOM   817  O O   . GLN B 1 38 ? 1.730   8.448   -0.325  1.00 19.42 ? 875 GLN B O   1 
ATOM   818  C CB  . GLN B 1 38 ? 0.275   10.568  1.403   1.00 23.88 ? 875 GLN B CB  1 
ATOM   819  C CG  . GLN B 1 38 ? 0.059   11.438  2.680   1.00 26.47 ? 875 GLN B CG  1 
ATOM   820  C CD  . GLN B 1 38 ? -1.029  10.871  3.600   1.00 29.08 ? 875 GLN B CD  1 
ATOM   821  O OE1 . GLN B 1 38 ? -1.977  10.238  3.130   1.00 29.45 ? 875 GLN B OE1 1 
ATOM   822  N NE2 . GLN B 1 38 ? -0.902  11.104  4.905   1.00 28.64 ? 875 GLN B NE2 1 
ATOM   823  N N   . ALA B 1 39 ? -0.240  7.482   0.085   1.00 19.11 ? 876 ALA B N   1 
ATOM   824  C CA  . ALA B 1 39 ? -0.175  6.651   -1.104  1.00 20.63 ? 876 ALA B CA  1 
ATOM   825  C C   . ALA B 1 39 ? -1.537  6.524   -1.759  1.00 21.22 ? 876 ALA B C   1 
ATOM   826  O O   . ALA B 1 39 ? -2.572  6.854   -1.161  1.00 20.65 ? 876 ALA B O   1 
ATOM   827  C CB  . ALA B 1 39 ? 0.370   5.253   -0.743  1.00 20.95 ? 876 ALA B CB  1 
ATOM   828  N N   . GLY B 1 40 ? -1.535  6.070   -3.004  1.00 21.29 ? 877 GLY B N   1 
ATOM   829  C CA  . GLY B 1 40 ? -2.802  5.909   -3.699  1.00 22.60 ? 877 GLY B CA  1 
ATOM   830  C C   . GLY B 1 40 ? -2.694  4.943   -4.855  1.00 22.77 ? 877 GLY B C   1 
ATOM   831  O O   . GLY B 1 40 ? -1.635  4.782   -5.479  1.00 21.33 ? 877 GLY B O   1 
ATOM   832  N N   . VAL B 1 41 ? -3.812  4.286   -5.136  1.00 23.45 ? 878 VAL B N   1 
ATOM   833  C CA  . VAL B 1 41 ? -3.899  3.357   -6.245  1.00 22.65 ? 878 VAL B CA  1 
ATOM   834  C C   . VAL B 1 41 ? -4.005  4.202   -7.497  1.00 21.21 ? 878 VAL B C   1 
ATOM   835  O O   . VAL B 1 41 ? -4.801  5.114   -7.546  1.00 20.44 ? 878 VAL B O   1 
ATOM   836  C CB  . VAL B 1 41 ? -5.144  2.489   -6.090  1.00 23.98 ? 878 VAL B CB  1 
ATOM   837  C CG1 . VAL B 1 41 ? -5.364  1.637   -7.334  1.00 23.94 ? 878 VAL B CG1 1 
ATOM   838  C CG2 . VAL B 1 41 ? -4.965  1.603   -4.858  1.00 25.98 ? 878 VAL B CG2 1 
ATOM   839  N N   . SER B 1 42 ? -3.208  3.898   -8.515  1.00 22.01 ? 879 SER B N   1 
ATOM   840  C CA  . SER B 1 42 ? -3.218  4.681   -9.745  1.00 21.18 ? 879 SER B CA  1 
ATOM   841  C C   . SER B 1 42 ? -3.824  3.920   -10.941 1.00 24.43 ? 879 SER B C   1 
ATOM   842  O O   . SER B 1 42 ? -4.159  4.534   -11.960 1.00 25.28 ? 879 SER B O   1 
ATOM   843  C CB  . SER B 1 42 ? -1.791  5.122   -10.059 1.00 19.17 ? 879 SER B CB  1 
ATOM   844  O OG  . SER B 1 42 ? -0.963  3.983   -10.084 1.00 21.34 ? 879 SER B OG  1 
ATOM   845  N N   . SER B 1 43 ? -3.891  2.591   -10.847 1.00 24.56 ? 880 SER B N   1 
ATOM   846  C CA  . SER B 1 43 ? -4.534  1.766   -11.884 1.00 24.94 ? 880 SER B CA  1 
ATOM   847  C C   . SER B 1 43 ? -5.144  0.521   -11.255 1.00 26.29 ? 880 SER B C   1 
ATOM   848  O O   . SER B 1 43 ? -4.598  -0.067  -10.311 1.00 24.41 ? 880 SER B O   1 
ATOM   849  C CB  . SER B 1 43 ? -3.601  1.379   -13.060 1.00 23.50 ? 880 SER B CB  1 
ATOM   850  O OG  . SER B 1 43 ? -2.395  0.769   -12.669 1.00 28.57 ? 880 SER B OG  1 
ATOM   851  N N   . ILE B 1 44 ? -6.309  0.133   -11.773 1.00 25.28 ? 881 ILE B N   1 
ATOM   852  C CA  . ILE B 1 44 ? -7.018  -1.032  -11.290 1.00 24.80 ? 881 ILE B CA  1 
ATOM   853  C C   . ILE B 1 44 ? -7.350  -1.904  -12.490 1.00 26.01 ? 881 ILE B C   1 
ATOM   854  O O   . ILE B 1 44 ? -7.777  -1.404  -13.540 1.00 23.90 ? 881 ILE B O   1 
ATOM   855  C CB  . ILE B 1 44 ? -8.305  -0.605  -10.543 1.00 27.42 ? 881 ILE B CB  1 
ATOM   856  C CG1 . ILE B 1 44 ? -7.923  0.156   -9.273  1.00 26.37 ? 881 ILE B CG1 1 
ATOM   857  C CG2 . ILE B 1 44 ? -9.169  -1.825  -10.217 1.00 26.96 ? 881 ILE B CG2 1 
ATOM   858  C CD1 . ILE B 1 44 ? -9.093  0.646   -8.447  1.00 28.02 ? 881 ILE B CD1 1 
ATOM   859  N N   . SER B 1 45 ? -7.110  -3.199  -12.330 1.00 25.60 ? 882 SER B N   1 
ATOM   860  C CA  . SER B 1 45 ? -7.355  -4.181  -13.368 1.00 25.92 ? 882 SER B CA  1 
ATOM   861  C C   . SER B 1 45 ? -8.259  -5.253  -12.745 1.00 26.07 ? 882 SER B C   1 
ATOM   862  O O   . SER B 1 45 ? -7.812  -6.035  -11.888 1.00 26.72 ? 882 SER B O   1 
ATOM   863  C CB  . SER B 1 45 ? -6.020  -4.758  -13.813 1.00 28.69 ? 882 SER B CB  1 
ATOM   864  O OG  . SER B 1 45 ? -6.163  -5.724  -14.840 1.00 33.00 ? 882 SER B OG  1 
ATOM   865  N N   . TYR B 1 46 ? -9.539  -5.241  -13.135 1.00 23.13 ? 883 TYR B N   1 
ATOM   866  C CA  . TYR B 1 46 ? -10.530 -6.193  -12.642 1.00 22.07 ? 883 TYR B CA  1 
ATOM   867  C C   . TYR B 1 46 ? -10.717 -7.366  -13.604 1.00 23.70 ? 883 TYR B C   1 
ATOM   868  O O   . TYR B 1 46 ? -11.003 -7.174  -14.798 1.00 24.10 ? 883 TYR B O   1 
ATOM   869  C CB  . TYR B 1 46 ? -11.903 -5.525  -12.477 1.00 21.10 ? 883 TYR B CB  1 
ATOM   870  C CG  . TYR B 1 46 ? -13.004 -6.485  -12.032 1.00 21.47 ? 883 TYR B CG  1 
ATOM   871  C CD1 . TYR B 1 46 ? -13.093 -6.892  -10.711 1.00 20.80 ? 883 TYR B CD1 1 
ATOM   872  C CD2 . TYR B 1 46 ? -13.974 -6.962  -12.938 1.00 22.24 ? 883 TYR B CD2 1 
ATOM   873  C CE1 . TYR B 1 46 ? -14.110 -7.739  -10.272 1.00 22.20 ? 883 TYR B CE1 1 
ATOM   874  C CE2 . TYR B 1 46 ? -15.011 -7.816  -12.515 1.00 21.77 ? 883 TYR B CE2 1 
ATOM   875  C CZ  . TYR B 1 46 ? -15.065 -8.199  -11.173 1.00 22.48 ? 883 TYR B CZ  1 
ATOM   876  O OH  . TYR B 1 46 ? -16.046 -9.044  -10.713 1.00 22.53 ? 883 TYR B OH  1 
ATOM   877  N N   . THR B 1 47 ? -10.581 -8.580  -13.094 1.00 22.63 ? 884 THR B N   1 
ATOM   878  C CA  . THR B 1 47 ? -10.800 -9.754  -13.943 1.00 23.41 ? 884 THR B CA  1 
ATOM   879  C C   . THR B 1 47 ? -12.027 -10.461 -13.404 1.00 21.48 ? 884 THR B C   1 
ATOM   880  O O   . THR B 1 47 ? -12.024 -10.921 -12.262 1.00 21.40 ? 884 THR B O   1 
ATOM   881  C CB  . THR B 1 47 ? -9.612  -10.697 -13.906 1.00 23.58 ? 884 THR B CB  1 
ATOM   882  O OG1 . THR B 1 47 ? -8.481  -10.018 -14.461 1.00 25.78 ? 884 THR B OG1 1 
ATOM   883  C CG2 . THR B 1 47 ? -9.895  -11.961 -14.742 1.00 24.55 ? 884 THR B CG2 1 
ATOM   884  N N   . SER B 1 48 ? -13.081 -10.520 -14.216 1.00 20.62 ? 885 SER B N   1 
ATOM   885  C CA  . SER B 1 48 ? -14.341 -11.135 -13.807 1.00 19.68 ? 885 SER B CA  1 
ATOM   886  C C   . SER B 1 48 ? -14.171 -12.618 -13.569 1.00 20.21 ? 885 SER B C   1 
ATOM   887  O O   . SER B 1 48 ? -13.165 -13.209 -13.972 1.00 20.77 ? 885 SER B O   1 
ATOM   888  C CB  . SER B 1 48 ? -15.404 -10.932 -14.884 1.00 19.79 ? 885 SER B CB  1 
ATOM   889  O OG  . SER B 1 48 ? -15.041 -11.646 -16.079 1.00 20.44 ? 885 SER B OG  1 
ATOM   890  N N   . PRO B 1 49 ? -15.169 -13.256 -12.940 1.00 20.80 ? 886 PRO B N   1 
ATOM   891  C CA  . PRO B 1 49 ? -15.070 -14.694 -12.679 1.00 21.42 ? 886 PRO B CA  1 
ATOM   892  C C   . PRO B 1 49 ? -14.870 -15.476 -13.955 1.00 22.31 ? 886 PRO B C   1 
ATOM   893  O O   . PRO B 1 49 ? -14.247 -16.542 -13.933 1.00 22.96 ? 886 PRO B O   1 
ATOM   894  C CB  . PRO B 1 49 ? -16.395 -15.010 -11.993 1.00 19.67 ? 886 PRO B CB  1 
ATOM   895  C CG  . PRO B 1 49 ? -16.657 -13.726 -11.230 1.00 19.88 ? 886 PRO B CG  1 
ATOM   896  C CD  . PRO B 1 49 ? -16.382 -12.697 -12.317 1.00 19.25 ? 886 PRO B CD  1 
ATOM   897  N N   . ASP B 1 50 ? -15.370 -14.948 -15.070 1.00 22.40 ? 887 ASP B N   1 
ATOM   898  C CA  . ASP B 1 50 ? -15.220 -15.618 -16.365 1.00 24.50 ? 887 ASP B CA  1 
ATOM   899  C C   . ASP B 1 50 ? -13.929 -15.267 -17.129 1.00 26.54 ? 887 ASP B C   1 
ATOM   900  O O   . ASP B 1 50 ? -13.745 -15.652 -18.304 1.00 24.08 ? 887 ASP B O   1 
ATOM   901  C CB  . ASP B 1 50 ? -16.448 -15.359 -17.251 1.00 24.53 ? 887 ASP B CB  1 
ATOM   902  C CG  . ASP B 1 50 ? -17.673 -16.143 -16.777 1.00 23.14 ? 887 ASP B CG  1 
ATOM   903  O OD1 . ASP B 1 50 ? -17.672 -17.392 -16.885 1.00 25.84 ? 887 ASP B OD1 1 
ATOM   904  O OD2 . ASP B 1 50 ? -18.623 -15.523 -16.264 1.00 21.10 ? 887 ASP B OD2 1 
ATOM   905  N N   . GLY B 1 51 ? -13.033 -14.538 -16.463 1.00 25.82 ? 888 GLY B N   1 
ATOM   906  C CA  . GLY B 1 51 ? -11.758 -14.223 -17.078 1.00 26.67 ? 888 GLY B CA  1 
ATOM   907  C C   . GLY B 1 51 ? -11.693 -13.014 -17.986 1.00 28.06 ? 888 GLY B C   1 
ATOM   908  O O   . GLY B 1 51 ? -10.757 -12.902 -18.768 1.00 30.08 ? 888 GLY B O   1 
ATOM   909  N N   . GLN B 1 52 ? -12.669 -12.123 -17.935 1.00 27.83 ? 889 GLN B N   1 
ATOM   910  C CA  . GLN B 1 52 ? -12.589 -10.933 -18.784 1.00 29.96 ? 889 GLN B CA  1 
ATOM   911  C C   . GLN B 1 52 ? -11.977 -9.781  -17.963 1.00 28.82 ? 889 GLN B C   1 
ATOM   912  O O   . GLN B 1 52 ? -12.428 -9.488  -16.844 1.00 27.16 ? 889 GLN B O   1 
ATOM   913  C CB  . GLN B 1 52 ? -13.978 -10.547 -19.300 1.00 32.90 ? 889 GLN B CB  1 
ATOM   914  C CG  . GLN B 1 52 ? -14.716 -11.767 -19.939 1.00 38.75 ? 889 GLN B CG  1 
ATOM   915  C CD  . GLN B 1 52 ? -13.783 -12.602 -20.855 1.00 41.93 ? 889 GLN B CD  1 
ATOM   916  O OE1 . GLN B 1 52 ? -13.372 -12.147 -21.943 1.00 43.80 ? 889 GLN B OE1 1 
ATOM   917  N NE2 . GLN B 1 52 ? -13.428 -13.819 -20.400 1.00 42.57 ? 889 GLN B NE2 1 
ATOM   918  N N   . THR B 1 53 ? -10.964 -9.129  -18.528 1.00 28.03 ? 890 THR B N   1 
ATOM   919  C CA  . THR B 1 53 ? -10.270 -8.036  -17.827 1.00 27.41 ? 890 THR B CA  1 
ATOM   920  C C   . THR B 1 53 ? -10.615 -6.634  -18.333 1.00 26.97 ? 890 THR B C   1 
ATOM   921  O O   . THR B 1 53 ? -10.673 -6.384  -19.534 1.00 26.40 ? 890 THR B O   1 
ATOM   922  C CB  . THR B 1 53 ? -8.736  -8.253  -17.892 1.00 26.41 ? 890 THR B CB  1 
ATOM   923  O OG1 . THR B 1 53 ? -8.432  -9.497  -17.245 1.00 24.55 ? 890 THR B OG1 1 
ATOM   924  C CG2 . THR B 1 53 ? -7.966  -7.103  -17.148 1.00 27.48 ? 890 THR B CG2 1 
ATOM   925  N N   . THR B 1 54 ? -10.870 -5.739  -17.389 1.00 25.91 ? 891 THR B N   1 
ATOM   926  C CA  . THR B 1 54 ? -11.191 -4.355  -17.673 1.00 25.43 ? 891 THR B CA  1 
ATOM   927  C C   . THR B 1 54 ? -10.235 -3.548  -16.826 1.00 24.29 ? 891 THR B C   1 
ATOM   928  O O   . THR B 1 54 ? -10.108 -3.786  -15.616 1.00 21.45 ? 891 THR B O   1 
ATOM   929  C CB  . THR B 1 54 ? -12.644 -4.038  -17.280 1.00 26.30 ? 891 THR B CB  1 
ATOM   930  O OG1 . THR B 1 54 ? -13.515 -4.866  -18.062 1.00 27.51 ? 891 THR B OG1 1 
ATOM   931  C CG2 . THR B 1 54 ? -12.982 -2.586  -17.563 1.00 26.98 ? 891 THR B CG2 1 
ATOM   932  N N   . ARG B 1 55 ? -9.544  -2.617  -17.469 1.00 24.59 ? 892 ARG B N   1 
ATOM   933  C CA  . ARG B 1 55 ? -8.569  -1.785  -16.774 1.00 28.29 ? 892 ARG B CA  1 
ATOM   934  C C   . ARG B 1 55 ? -9.039  -0.353  -16.597 1.00 27.52 ? 892 ARG B C   1 
ATOM   935  O O   . ARG B 1 55 ? -9.750  0.194   -17.444 1.00 27.20 ? 892 ARG B O   1 
ATOM   936  C CB  . ARG B 1 55 ? -7.244  -1.814  -17.538 1.00 30.45 ? 892 ARG B CB  1 
ATOM   937  C CG  . ARG B 1 55 ? -6.696  -3.229  -17.649 1.00 36.62 ? 892 ARG B CG  1 
ATOM   938  C CD  . ARG B 1 55 ? -5.378  -3.309  -18.415 1.00 40.16 ? 892 ARG B CD  1 
ATOM   939  N NE  . ARG B 1 55 ? -4.966  -4.696  -18.593 1.00 42.96 ? 892 ARG B NE  1 
ATOM   940  C CZ  . ARG B 1 55 ? -5.450  -5.508  -19.533 1.00 45.47 ? 892 ARG B CZ  1 
ATOM   941  N NH1 . ARG B 1 55 ? -6.368  -5.070  -20.398 1.00 45.46 ? 892 ARG B NH1 1 
ATOM   942  N NH2 . ARG B 1 55 ? -5.021  -6.769  -19.602 1.00 45.66 ? 892 ARG B NH2 1 
ATOM   943  N N   . TYR B 1 56 ? -8.671  0.242   -15.470 1.00 27.30 ? 893 TYR B N   1 
ATOM   944  C CA  . TYR B 1 56 ? -9.040  1.616   -15.196 1.00 28.29 ? 893 TYR B CA  1 
ATOM   945  C C   . TYR B 1 56 ? -7.818  2.372   -14.738 1.00 28.88 ? 893 TYR B C   1 
ATOM   946  O O   . TYR B 1 56 ? -7.034  1.884   -13.914 1.00 28.25 ? 893 TYR B O   1 
ATOM   947  C CB  . TYR B 1 56 ? -10.102 1.708   -14.113 1.00 29.22 ? 893 TYR B CB  1 
ATOM   948  C CG  . TYR B 1 56 ? -11.348 0.915   -14.419 1.00 33.48 ? 893 TYR B CG  1 
ATOM   949  C CD1 . TYR B 1 56 ? -11.402 -0.459  -14.161 1.00 32.53 ? 893 TYR B CD1 1 
ATOM   950  C CD2 . TYR B 1 56 ? -12.495 1.545   -14.921 1.00 33.59 ? 893 TYR B CD2 1 
ATOM   951  C CE1 . TYR B 1 56 ? -12.572 -1.186  -14.378 1.00 35.51 ? 893 TYR B CE1 1 
ATOM   952  C CE2 . TYR B 1 56 ? -13.674 0.822   -15.152 1.00 37.05 ? 893 TYR B CE2 1 
ATOM   953  C CZ  . TYR B 1 56 ? -13.704 -0.540  -14.869 1.00 36.68 ? 893 TYR B CZ  1 
ATOM   954  O OH  . TYR B 1 56 ? -14.878 -1.247  -15.008 1.00 39.21 ? 893 TYR B OH  1 
ATOM   955  N N   . GLY B 1 57 ? -7.654  3.552   -15.323 1.00 28.70 ? 894 GLY B N   1 
ATOM   956  C CA  . GLY B 1 57 ? -6.562  4.433   -14.992 1.00 26.92 ? 894 GLY B CA  1 
ATOM   957  C C   . GLY B 1 57 ? -7.041  5.539   -14.084 1.00 27.44 ? 894 GLY B C   1 
ATOM   958  O O   . GLY B 1 57 ? -8.226  5.647   -13.766 1.00 25.48 ? 894 GLY B O   1 
ATOM   959  N N   . GLU B 1 58 ? -6.093  6.385   -13.693 1.00 28.85 ? 895 GLU B N   1 
ATOM   960  C CA  . GLU B 1 58 ? -6.335  7.498   -12.779 1.00 31.01 ? 895 GLU B CA  1 
ATOM   961  C C   . GLU B 1 58 ? -7.364  8.501   -13.262 1.00 29.67 ? 895 GLU B C   1 
ATOM   962  O O   . GLU B 1 58 ? -8.050  9.117   -12.464 1.00 28.65 ? 895 GLU B O   1 
ATOM   963  C CB  . GLU B 1 58 ? -5.006  8.217   -12.523 1.00 32.60 ? 895 GLU B CB  1 
ATOM   964  C CG  . GLU B 1 58 ? -4.890  8.764   -11.156 1.00 36.52 ? 895 GLU B CG  1 
ATOM   965  C CD  . GLU B 1 58 ? -3.451  9.022   -10.766 1.00 37.61 ? 895 GLU B CD  1 
ATOM   966  O OE1 . GLU B 1 58 ? -3.236  9.165   -9.553  1.00 39.19 ? 895 GLU B OE1 1 
ATOM   967  O OE2 . GLU B 1 58 ? -2.563  9.070   -11.657 1.00 35.73 ? 895 GLU B OE2 1 
ATOM   968  N N   . ASN B 1 59 ? -7.465  8.663   -14.574 1.00 29.60 ? 896 ASN B N   1 
ATOM   969  C CA  . ASN B 1 59 ? -8.412  9.604   -15.166 1.00 30.67 ? 896 ASN B CA  1 
ATOM   970  C C   . ASN B 1 59 ? -9.800  8.967   -15.409 1.00 30.66 ? 896 ASN B C   1 
ATOM   971  O O   . ASN B 1 59 ? -10.668 9.604   -15.987 1.00 28.83 ? 896 ASN B O   1 
ATOM   972  C CB  . ASN B 1 59 ? -7.850  10.104  -16.508 1.00 31.78 ? 896 ASN B CB  1 
ATOM   973  C CG  . ASN B 1 59 ? -8.596  11.318  -17.055 1.00 34.02 ? 896 ASN B CG  1 
ATOM   974  O OD1 . ASN B 1 59 ? -8.763  11.456  -18.278 1.00 36.16 ? 896 ASN B OD1 1 
ATOM   975  N ND2 . ASN B 1 59 ? -9.009  12.219  -16.165 1.00 32.45 ? 896 ASN B ND2 1 
ATOM   976  N N   . GLU B 1 60 ? -10.009 7.719   -14.983 1.00 31.84 ? 897 GLU B N   1 
ATOM   977  C CA  . GLU B 1 60 ? -11.306 7.048   -15.209 1.00 33.09 ? 897 GLU B CA  1 
ATOM   978  C C   . GLU B 1 60 ? -12.097 6.809   -13.930 1.00 34.34 ? 897 GLU B C   1 
ATOM   979  O O   . GLU B 1 60 ? -11.530 6.691   -12.840 1.00 34.69 ? 897 GLU B O   1 
ATOM   980  C CB  . GLU B 1 60 ? -11.084 5.708   -15.926 1.00 33.04 ? 897 GLU B CB  1 
ATOM   981  C CG  . GLU B 1 60 ? -10.383 5.843   -17.296 1.00 33.74 ? 897 GLU B CG  1 
ATOM   982  C CD  . GLU B 1 60 ? -10.074 4.489   -17.970 1.00 37.38 ? 897 GLU B CD  1 
ATOM   983  O OE1 . GLU B 1 60 ? -8.929  3.972   -17.843 1.00 36.26 ? 897 GLU B OE1 1 
ATOM   984  O OE2 . GLU B 1 60 ? -10.987 3.940   -18.628 1.00 37.34 ? 897 GLU B OE2 1 
ATOM   985  N N   . LYS B 1 61 ? -13.420 6.772   -14.052 1.00 34.58 ? 898 LYS B N   1 
ATOM   986  C CA  . LYS B 1 61 ? -14.275 6.516   -12.898 1.00 34.67 ? 898 LYS B CA  1 
ATOM   987  C C   . LYS B 1 61 ? -14.547 5.005   -12.791 1.00 33.73 ? 898 LYS B C   1 
ATOM   988  O O   . LYS B 1 61 ? -14.642 4.305   -13.808 1.00 32.48 ? 898 LYS B O   1 
ATOM   989  C CB  . LYS B 1 61 ? -15.592 7.285   -13.040 1.00 37.32 ? 898 LYS B CB  1 
ATOM   990  C CG  . LYS B 1 61 ? -16.663 6.871   -12.035 1.00 40.98 ? 898 LYS B CG  1 
ATOM   991  C CD  . LYS B 1 61 ? -17.770 7.916   -11.888 1.00 44.39 ? 898 LYS B CD  1 
ATOM   992  C CE  . LYS B 1 61 ? -18.395 8.320   -13.218 1.00 46.53 ? 898 LYS B CE  1 
ATOM   993  N NZ  . LYS B 1 61 ? -19.340 9.484   -13.035 1.00 48.46 ? 898 LYS B NZ  1 
ATOM   994  N N   . LEU B 1 62 ? -14.645 4.509   -11.560 1.00 31.87 ? 899 LEU B N   1 
ATOM   995  C CA  . LEU B 1 62 ? -14.896 3.092   -11.308 1.00 32.06 ? 899 LEU B CA  1 
ATOM   996  C C   . LEU B 1 62 ? -16.385 2.830   -11.128 1.00 32.22 ? 899 LEU B C   1 
ATOM   997  O O   . LEU B 1 62 ? -17.094 3.660   -10.558 1.00 31.77 ? 899 LEU B O   1 
ATOM   998  C CB  . LEU B 1 62 ? -14.194 2.628   -10.021 1.00 30.85 ? 899 LEU B CB  1 
ATOM   999  C CG  . LEU B 1 62 ? -12.667 2.650   -9.948  1.00 32.13 ? 899 LEU B CG  1 
ATOM   1000 C CD1 . LEU B 1 62 ? -12.228 2.362   -8.529  1.00 31.87 ? 899 LEU B CD1 1 
ATOM   1001 C CD2 . LEU B 1 62 ? -12.104 1.598   -10.904 1.00 31.68 ? 899 LEU B CD2 1 
ATOM   1002 N N   . PRO B 1 63 ? -16.873 1.670   -11.618 1.00 32.35 ? 900 PRO B N   1 
ATOM   1003 C CA  . PRO B 1 63 ? -18.277 1.260   -11.509 1.00 32.16 ? 900 PRO B CA  1 
ATOM   1004 C C   . PRO B 1 63 ? -18.504 0.929   -10.053 1.00 32.29 ? 900 PRO B C   1 
ATOM   1005 O O   . PRO B 1 63 ? -17.541 0.584   -9.342  1.00 30.11 ? 900 PRO B O   1 
ATOM   1006 C CB  . PRO B 1 63 ? -18.357 -0.006  -12.367 1.00 32.18 ? 900 PRO B CB  1 
ATOM   1007 C CG  . PRO B 1 63 ? -17.191 0.138   -13.327 1.00 33.74 ? 900 PRO B CG  1 
ATOM   1008 C CD  . PRO B 1 63 ? -16.116 0.745   -12.485 1.00 33.22 ? 900 PRO B CD  1 
ATOM   1009 N N   . GLU B 1 64 ? -19.767 1.003   -9.610  1.00 32.20 ? 901 GLU B N   1 
ATOM   1010 C CA  . GLU B 1 64 ? -20.118 0.716   -8.216  1.00 31.44 ? 901 GLU B CA  1 
ATOM   1011 C C   . GLU B 1 64 ? -19.806 -0.685  -7.740  1.00 30.81 ? 901 GLU B C   1 
ATOM   1012 O O   . GLU B 1 64 ? -19.453 -0.885  -6.564  1.00 30.24 ? 901 GLU B O   1 
ATOM   1013 C CB  . GLU B 1 64 ? -21.605 0.974   -7.946  1.00 33.66 ? 901 GLU B CB  1 
ATOM   1014 C CG  . GLU B 1 64 ? -21.966 2.451   -7.830  1.00 39.13 ? 901 GLU B CG  1 
ATOM   1015 C CD  . GLU B 1 64 ? -21.149 3.176   -6.767  1.00 40.51 ? 901 GLU B CD  1 
ATOM   1016 O OE1 . GLU B 1 64 ? -21.009 2.628   -5.642  1.00 41.69 ? 901 GLU B OE1 1 
ATOM   1017 O OE2 . GLU B 1 64 ? -20.653 4.295   -7.059  1.00 44.35 ? 901 GLU B OE2 1 
ATOM   1018 N N   . TYR B 1 65 ? -19.948 -1.682  -8.606  1.00 28.06 ? 902 TYR B N   1 
ATOM   1019 C CA  . TYR B 1 65 ? -19.663 -3.030  -8.124  1.00 28.85 ? 902 TYR B CA  1 
ATOM   1020 C C   . TYR B 1 65 ? -18.158 -3.193  -7.873  1.00 27.21 ? 902 TYR B C   1 
ATOM   1021 O O   . TYR B 1 65 ? -17.748 -4.020  -7.070  1.00 27.93 ? 902 TYR B O   1 
ATOM   1022 C CB  . TYR B 1 65 ? -20.181 -4.086  -9.109  1.00 28.86 ? 902 TYR B CB  1 
ATOM   1023 C CG  . TYR B 1 65 ? -19.353 -4.243  -10.351 1.00 28.28 ? 902 TYR B CG  1 
ATOM   1024 C CD1 . TYR B 1 65 ? -18.421 -5.276  -10.451 1.00 30.60 ? 902 TYR B CD1 1 
ATOM   1025 C CD2 . TYR B 1 65 ? -19.538 -3.412  -11.447 1.00 27.97 ? 902 TYR B CD2 1 
ATOM   1026 C CE1 . TYR B 1 65 ? -17.709 -5.492  -11.610 1.00 29.77 ? 902 TYR B CE1 1 
ATOM   1027 C CE2 . TYR B 1 65 ? -18.817 -3.609  -12.625 1.00 29.71 ? 902 TYR B CE2 1 
ATOM   1028 C CZ  . TYR B 1 65 ? -17.911 -4.652  -12.699 1.00 30.50 ? 902 TYR B CZ  1 
ATOM   1029 O OH  . TYR B 1 65 ? -17.195 -4.874  -13.849 1.00 30.91 ? 902 TYR B OH  1 
ATOM   1030 N N   . ILE B 1 66 ? -17.339 -2.406  -8.562  1.00 27.73 ? 903 ILE B N   1 
ATOM   1031 C CA  . ILE B 1 66 ? -15.887 -2.460  -8.343  1.00 29.70 ? 903 ILE B CA  1 
ATOM   1032 C C   . ILE B 1 66 ? -15.575 -1.763  -7.001  1.00 30.08 ? 903 ILE B C   1 
ATOM   1033 O O   . ILE B 1 66 ? -14.816 -2.279  -6.191  1.00 30.26 ? 903 ILE B O   1 
ATOM   1034 C CB  . ILE B 1 66 ? -15.113 -1.717  -9.454  1.00 30.45 ? 903 ILE B CB  1 
ATOM   1035 C CG1 . ILE B 1 66 ? -15.423 -2.339  -10.824 1.00 33.52 ? 903 ILE B CG1 1 
ATOM   1036 C CG2 . ILE B 1 66 ? -13.596 -1.723  -9.145  1.00 31.18 ? 903 ILE B CG2 1 
ATOM   1037 C CD1 . ILE B 1 66 ? -14.727 -3.596  -11.116 1.00 30.53 ? 903 ILE B CD1 1 
ATOM   1038 N N   . LYS B 1 67 ? -16.176 -0.598  -6.774  1.00 30.53 ? 904 LYS B N   1 
ATOM   1039 C CA  . LYS B 1 67 ? -15.957 0.166   -5.541  1.00 33.59 ? 904 LYS B CA  1 
ATOM   1040 C C   . LYS B 1 67 ? -16.372 -0.673  -4.341  1.00 34.20 ? 904 LYS B C   1 
ATOM   1041 O O   . LYS B 1 67 ? -15.651 -0.742  -3.337  1.00 34.67 ? 904 LYS B O   1 
ATOM   1042 C CB  . LYS B 1 67 ? -16.771 1.462   -5.543  1.00 33.18 ? 904 LYS B CB  1 
ATOM   1043 C CG  . LYS B 1 67 ? -16.687 2.260   -6.848  1.00 37.68 ? 904 LYS B CG  1 
ATOM   1044 C CD  . LYS B 1 67 ? -16.095 3.667   -6.648  1.00 40.72 ? 904 LYS B CD  1 
ATOM   1045 C CE  . LYS B 1 67 ? -16.985 4.558   -5.809  1.00 41.58 ? 904 LYS B CE  1 
ATOM   1046 N NZ  . LYS B 1 67 ? -18.169 5.072   -6.544  1.00 45.16 ? 904 LYS B NZ  1 
ATOM   1047 N N   . GLN B 1 68 ? -17.541 -1.299  -4.447  1.00 33.52 ? 905 GLN B N   1 
ATOM   1048 C CA  . GLN B 1 68 ? -18.053 -2.149  -3.393  1.00 34.63 ? 905 GLN B CA  1 
ATOM   1049 C C   . GLN B 1 68 ? -16.972 -3.154  -3.020  1.00 33.72 ? 905 GLN B C   1 
ATOM   1050 O O   . GLN B 1 68 ? -16.735 -3.435  -1.845  1.00 34.87 ? 905 GLN B O   1 
ATOM   1051 C CB  . GLN B 1 68 ? -19.277 -2.913  -3.893  1.00 39.08 ? 905 GLN B CB  1 
ATOM   1052 C CG  . GLN B 1 68 ? -20.429 -2.042  -4.300  1.00 44.05 ? 905 GLN B CG  1 
ATOM   1053 C CD  . GLN B 1 68 ? -21.429 -1.895  -3.184  1.00 47.61 ? 905 GLN B CD  1 
ATOM   1054 O OE1 . GLN B 1 68 ? -21.134 -1.295  -2.133  1.00 49.22 ? 905 GLN B OE1 1 
ATOM   1055 N NE2 . GLN B 1 68 ? -22.627 -2.457  -3.390  1.00 48.50 ? 905 GLN B NE2 1 
ATOM   1056 N N   . LYS B 1 69 ? -16.315 -3.721  -4.019  1.00 31.19 ? 906 LYS B N   1 
ATOM   1057 C CA  . LYS B 1 69 ? -15.286 -4.704  -3.717  1.00 30.30 ? 906 LYS B CA  1 
ATOM   1058 C C   . LYS B 1 69 ? -14.081 -4.033  -3.063  1.00 29.46 ? 906 LYS B C   1 
ATOM   1059 O O   . LYS B 1 69 ? -13.458 -4.611  -2.169  1.00 30.15 ? 906 LYS B O   1 
ATOM   1060 C CB  . LYS B 1 69 ? -14.910 -5.481  -4.984  1.00 27.57 ? 906 LYS B CB  1 
ATOM   1061 C CG  . LYS B 1 69 ? -15.769 -6.739  -5.113  1.00 29.07 ? 906 LYS B CG  1 
ATOM   1062 C CD  . LYS B 1 69 ? -15.771 -7.405  -6.490  1.00 24.54 ? 906 LYS B CD  1 
ATOM   1063 C CE  . LYS B 1 69 ? -16.484 -8.773  -6.389  1.00 25.27 ? 906 LYS B CE  1 
ATOM   1064 N NZ  . LYS B 1 69 ? -16.736 -9.372  -7.739  1.00 20.26 ? 906 LYS B NZ  1 
ATOM   1065 N N   . LEU B 1 70 ? -13.776 -2.814  -3.498  1.00 29.80 ? 907 LEU B N   1 
ATOM   1066 C CA  . LEU B 1 70 ? -12.679 -2.035  -2.924  1.00 33.21 ? 907 LEU B CA  1 
ATOM   1067 C C   . LEU B 1 70 ? -12.904 -1.767  -1.442  1.00 32.31 ? 907 LEU B C   1 
ATOM   1068 O O   . LEU B 1 70 ? -11.966 -1.795  -0.667  1.00 33.63 ? 907 LEU B O   1 
ATOM   1069 C CB  . LEU B 1 70 ? -12.525 -0.694  -3.637  1.00 31.58 ? 907 LEU B CB  1 
ATOM   1070 C CG  . LEU B 1 70 ? -11.700 -0.719  -4.913  1.00 34.15 ? 907 LEU B CG  1 
ATOM   1071 C CD1 . LEU B 1 70 ? -11.708 0.674   -5.539  1.00 33.82 ? 907 LEU B CD1 1 
ATOM   1072 C CD2 . LEU B 1 70 ? -10.275 -1.155  -4.578  1.00 33.95 ? 907 LEU B CD2 1 
ATOM   1073 N N   . GLN B 1 71 ? -14.147 -1.512  -1.047  1.00 35.18 ? 908 GLN B N   1 
ATOM   1074 C CA  . GLN B 1 71 ? -14.442 -1.232  0.360   1.00 36.36 ? 908 GLN B CA  1 
ATOM   1075 C C   . GLN B 1 71 ? -14.066 -2.388  1.282   1.00 36.22 ? 908 GLN B C   1 
ATOM   1076 O O   . GLN B 1 71 ? -13.726 -2.149  2.452   1.00 35.03 ? 908 GLN B O   1 
ATOM   1077 C CB  . GLN B 1 71 ? -15.925 -0.908  0.565   1.00 38.30 ? 908 GLN B CB  1 
ATOM   1078 C CG  . GLN B 1 71 ? -16.482 0.103   -0.409  1.00 43.28 ? 908 GLN B CG  1 
ATOM   1079 C CD  . GLN B 1 71 ? -17.963 0.397   -0.168  1.00 47.08 ? 908 GLN B CD  1 
ATOM   1080 O OE1 . GLN B 1 71 ? -18.655 0.921   -1.046  1.00 49.47 ? 908 GLN B OE1 1 
ATOM   1081 N NE2 . GLN B 1 71 ? -18.451 0.063   1.028   1.00 49.59 ? 908 GLN B NE2 1 
ATOM   1082 N N   . LEU B 1 72 ? -14.116 -3.628  0.778   1.00 34.21 ? 909 LEU B N   1 
ATOM   1083 C CA  . LEU B 1 72 ? -13.785 -4.791  1.612   1.00 33.60 ? 909 LEU B CA  1 
ATOM   1084 C C   . LEU B 1 72 ? -12.300 -4.821  1.955   1.00 33.64 ? 909 LEU B C   1 
ATOM   1085 O O   . LEU B 1 72 ? -11.887 -5.597  2.817   1.00 31.65 ? 909 LEU B O   1 
ATOM   1086 C CB  . LEU B 1 72 ? -14.143 -6.115  0.910   1.00 34.75 ? 909 LEU B CB  1 
ATOM   1087 C CG  . LEU B 1 72 ? -15.584 -6.409  0.465   1.00 34.77 ? 909 LEU B CG  1 
ATOM   1088 C CD1 . LEU B 1 72 ? -15.601 -7.622  -0.485  1.00 34.45 ? 909 LEU B CD1 1 
ATOM   1089 C CD2 . LEU B 1 72 ? -16.446 -6.676  1.697   1.00 34.92 ? 909 LEU B CD2 1 
ATOM   1090 N N   . LEU B 1 73 ? -11.506 -3.973  1.296   1.00 32.55 ? 910 LEU B N   1 
ATOM   1091 C CA  . LEU B 1 73 ? -10.060 -3.944  1.534   1.00 33.85 ? 910 LEU B CA  1 
ATOM   1092 C C   . LEU B 1 73 ? -9.619  -2.905  2.566   1.00 33.24 ? 910 LEU B C   1 
ATOM   1093 O O   . LEU B 1 73 ? -8.542  -3.022  3.137   1.00 34.63 ? 910 LEU B O   1 
ATOM   1094 C CB  . LEU B 1 73 ? -9.315  -3.687  0.218   1.00 35.05 ? 910 LEU B CB  1 
ATOM   1095 C CG  . LEU B 1 73 ? -9.712  -4.610  -0.937  1.00 37.23 ? 910 LEU B CG  1 
ATOM   1096 C CD1 . LEU B 1 73 ? -9.277  -3.991  -2.277  1.00 38.68 ? 910 LEU B CD1 1 
ATOM   1097 C CD2 . LEU B 1 73 ? -9.101  -5.989  -0.722  1.00 37.27 ? 910 LEU B CD2 1 
ATOM   1098 N N   . SER B 1 74 ? -10.452 -1.894  2.792   1.00 32.48 ? 911 SER B N   1 
ATOM   1099 C CA  . SER B 1 74 ? -10.165 -0.834  3.746   1.00 29.94 ? 911 SER B CA  1 
ATOM   1100 C C   . SER B 1 74 ? -9.831  -1.372  5.132   1.00 28.75 ? 911 SER B C   1 
ATOM   1101 O O   . SER B 1 74 ? -10.588 -2.166  5.708   1.00 28.50 ? 911 SER B O   1 
ATOM   1102 C CB  . SER B 1 74 ? -11.360 0.108   3.840   1.00 30.18 ? 911 SER B CB  1 
ATOM   1103 O OG  . SER B 1 74 ? -11.651 0.639   2.554   1.00 35.73 ? 911 SER B OG  1 
ATOM   1104 N N   . SER B 1 75 ? -8.689  -0.955  5.672   1.00 26.58 ? 912 SER B N   1 
ATOM   1105 C CA  . SER B 1 75 ? -8.298  -1.403  7.009   1.00 23.76 ? 912 SER B CA  1 
ATOM   1106 C C   . SER B 1 75 ? -7.385  -0.412  7.703   1.00 23.10 ? 912 SER B C   1 
ATOM   1107 O O   . SER B 1 75 ? -6.930  0.560   7.114   1.00 19.92 ? 912 SER B O   1 
ATOM   1108 C CB  . SER B 1 75 ? -7.614  -2.763  6.946   1.00 25.25 ? 912 SER B CB  1 
ATOM   1109 O OG  . SER B 1 75 ? -6.377  -2.716  6.231   1.00 25.57 ? 912 SER B OG  1 
ATOM   1110 N N   . ILE B 1 76 ? -7.194  -0.661  8.987   1.00 22.80 ? 913 ILE B N   1 
ATOM   1111 C CA  . ILE B 1 76 ? -6.352  0.118   9.864   1.00 23.91 ? 913 ILE B CA  1 
ATOM   1112 C C   . ILE B 1 76 ? -5.556  -0.999  10.555  1.00 23.80 ? 913 ILE B C   1 
ATOM   1113 O O   . ILE B 1 76 ? -6.154  -1.922  11.154  1.00 22.78 ? 913 ILE B O   1 
ATOM   1114 C CB  . ILE B 1 76 ? -7.190  0.886   10.924  1.00 26.24 ? 913 ILE B CB  1 
ATOM   1115 C CG1 . ILE B 1 76 ? -7.979  2.015   10.252  1.00 28.59 ? 913 ILE B CG1 1 
ATOM   1116 C CG2 . ILE B 1 76 ? -6.277  1.468   11.980  1.00 27.13 ? 913 ILE B CG2 1 
ATOM   1117 C CD1 . ILE B 1 76 ? -8.744  2.887   11.238  1.00 33.23 ? 913 ILE B CD1 1 
ATOM   1118 N N   . LEU B 1 77 ? -4.236  -0.952  10.430  1.00 23.20 ? 914 LEU B N   1 
ATOM   1119 C CA  . LEU B 1 77 ? -3.360  -1.972  11.035  1.00 23.99 ? 914 LEU B CA  1 
ATOM   1120 C C   . LEU B 1 77 ? -2.280  -1.299  11.870  1.00 24.42 ? 914 LEU B C   1 
ATOM   1121 O O   . LEU B 1 77 ? -1.755  -0.249  11.482  1.00 22.52 ? 914 LEU B O   1 
ATOM   1122 C CB  . LEU B 1 77 ? -2.690  -2.816  9.948   1.00 23.91 ? 914 LEU B CB  1 
ATOM   1123 C CG  . LEU B 1 77 ? -1.706  -3.906  10.451  1.00 26.66 ? 914 LEU B CG  1 
ATOM   1124 C CD1 . LEU B 1 77 ? -1.885  -5.188  9.645   1.00 27.56 ? 914 LEU B CD1 1 
ATOM   1125 C CD2 . LEU B 1 77 ? -0.272  -3.413  10.327  1.00 26.92 ? 914 LEU B CD2 1 
ATOM   1126 N N   . LEU B 1 78 ? -1.998  -1.871  13.038  1.00 23.94 ? 915 LEU B N   1 
ATOM   1127 C CA  . LEU B 1 78 ? -0.945  -1.376  13.916  1.00 25.25 ? 915 LEU B CA  1 
ATOM   1128 C C   . LEU B 1 78 ? -0.149  -2.605  14.307  1.00 26.11 ? 915 LEU B C   1 
ATOM   1129 O O   . LEU B 1 78 ? -0.731  -3.594  14.747  1.00 24.70 ? 915 LEU B O   1 
ATOM   1130 C CB  . LEU B 1 78 ? -1.539  -0.743  15.177  1.00 26.26 ? 915 LEU B CB  1 
ATOM   1131 C CG  . LEU B 1 78 ? -2.406  0.498   14.903  1.00 27.97 ? 915 LEU B CG  1 
ATOM   1132 C CD1 . LEU B 1 78 ? -3.290  0.880   16.109  1.00 29.40 ? 915 LEU B CD1 1 
ATOM   1133 C CD2 . LEU B 1 78 ? -1.456  1.625   14.537  1.00 31.48 ? 915 LEU B CD2 1 
ATOM   1134 N N   . MET B 1 79 ? 1.165   -2.562  14.109  1.00 25.67 ? 916 MET B N   1 
ATOM   1135 C CA  . MET B 1 79 ? 2.045   -3.671  14.486  1.00 27.63 ? 916 MET B CA  1 
ATOM   1136 C C   . MET B 1 79 ? 3.271   -3.131  15.253  1.00 27.55 ? 916 MET B C   1 
ATOM   1137 O O   . MET B 1 79 ? 3.937   -2.197  14.789  1.00 24.75 ? 916 MET B O   1 
ATOM   1138 C CB  . MET B 1 79 ? 2.517   -4.452  13.264  1.00 28.06 ? 916 MET B CB  1 
ATOM   1139 C CG  . MET B 1 79 ? 3.211   -5.743  13.685  1.00 35.25 ? 916 MET B CG  1 
ATOM   1140 S SD  . MET B 1 79 ? 3.599   -6.834  12.314  1.00 40.80 ? 916 MET B SD  1 
ATOM   1141 C CE  . MET B 1 79 ? 2.446   -6.278  11.070  1.00 37.94 ? 916 MET B CE  1 
ATOM   1142 N N   . PHE B 1 80 ? 3.546   -3.701  16.427  1.00 27.13 ? 917 PHE B N   1 
ATOM   1143 C CA  . PHE B 1 80 ? 4.672   -3.268  17.259  1.00 30.08 ? 917 PHE B CA  1 
ATOM   1144 C C   . PHE B 1 80 ? 5.530   -4.451  17.679  1.00 33.16 ? 917 PHE B C   1 
ATOM   1145 O O   . PHE B 1 80 ? 5.011   -5.556  17.913  1.00 30.01 ? 917 PHE B O   1 
ATOM   1146 C CB  . PHE B 1 80 ? 4.199   -2.599  18.563  1.00 29.04 ? 917 PHE B CB  1 
ATOM   1147 C CG  . PHE B 1 80 ? 3.074   -1.601  18.391  1.00 30.01 ? 917 PHE B CG  1 
ATOM   1148 C CD1 . PHE B 1 80 ? 1.752   -2.035  18.251  1.00 30.40 ? 917 PHE B CD1 1 
ATOM   1149 C CD2 . PHE B 1 80 ? 3.334   -0.227  18.414  1.00 31.06 ? 917 PHE B CD2 1 
ATOM   1150 C CE1 . PHE B 1 80 ? 0.699   -1.115  18.138  1.00 31.13 ? 917 PHE B CE1 1 
ATOM   1151 C CE2 . PHE B 1 80 ? 2.289   0.716   18.302  1.00 31.57 ? 917 PHE B CE2 1 
ATOM   1152 C CZ  . PHE B 1 80 ? 0.965   0.264   18.163  1.00 30.17 ? 917 PHE B CZ  1 
ATOM   1153 N N   . SER B 1 81 ? 6.842   -4.234  17.772  1.00 35.97 ? 918 SER B N   1 
ATOM   1154 C CA  . SER B 1 81 ? 7.737   -5.287  18.267  1.00 40.51 ? 918 SER B CA  1 
ATOM   1155 C C   . SER B 1 81 ? 7.408   -5.408  19.776  1.00 42.34 ? 918 SER B C   1 
ATOM   1156 O O   . SER B 1 81 ? 7.290   -4.403  20.466  1.00 44.86 ? 918 SER B O   1 
ATOM   1157 C CB  . SER B 1 81 ? 9.203   -4.878  18.091  1.00 39.87 ? 918 SER B CB  1 
ATOM   1158 O OG  . SER B 1 81 ? 9.515   -4.734  16.719  1.00 40.39 ? 918 SER B OG  1 
ATOM   1159 N N   . ASN B 1 82 ? 7.263   -6.626  20.285  1.00 44.80 ? 919 ASN B N   1 
ATOM   1160 C CA  . ASN B 1 82 ? 6.923   -6.847  21.694  1.00 46.28 ? 919 ASN B CA  1 
ATOM   1161 C C   . ASN B 1 82 ? 8.179   -7.086  22.554  1.00 48.50 ? 919 ASN B C   1 
ATOM   1162 O O   . ASN B 1 82 ? 8.369   -8.233  23.045  1.00 47.94 ? 919 ASN B O   1 
ATOM   1163 C CB  . ASN B 1 82 ? 5.971   -8.050  21.800  1.00 46.09 ? 919 ASN B CB  1 
ATOM   1164 C CG  . ASN B 1 82 ? 5.200   -8.097  23.124  1.00 46.70 ? 919 ASN B CG  1 
ATOM   1165 O OD1 . ASN B 1 82 ? 4.390   -9.016  23.354  1.00 46.56 ? 919 ASN B OD1 1 
ATOM   1166 N ND2 . ASN B 1 82 ? 5.442   -7.119  23.994  1.00 45.41 ? 919 ASN B ND2 1 
HETATM 1167 O O   . HOH C 2 .  ? 6.947   17.142  -5.629  1.00 22.93 ? 2   HOH A O   1 
HETATM 1168 O O   . HOH C 2 .  ? 0.006   8.321   -5.153  1.00 21.41 ? 3   HOH A O   1 
HETATM 1169 O O   . HOH C 2 .  ? 7.293   11.617  9.968   1.00 21.86 ? 5   HOH A O   1 
HETATM 1170 O O   . HOH C 2 .  ? 0.334   13.412  -0.791  1.00 29.15 ? 7   HOH A O   1 
HETATM 1171 O O   . HOH C 2 .  ? -1.457  9.466   -3.030  1.00 29.58 ? 8   HOH A O   1 
HETATM 1172 O O   . HOH C 2 .  ? 17.402  17.892  18.015  1.00 25.71 ? 9   HOH A O   1 
HETATM 1173 O O   . HOH C 2 .  ? 9.918   19.956  4.533   1.00 27.75 ? 10  HOH A O   1 
HETATM 1174 O O   . HOH C 2 .  ? 18.434  17.373  11.376  1.00 30.28 ? 15  HOH A O   1 
HETATM 1175 O O   . HOH C 2 .  ? 5.056   13.244  9.977   1.00 25.80 ? 16  HOH A O   1 
HETATM 1176 O O   . HOH C 2 .  ? 19.518  4.887   6.447   1.00 29.81 ? 17  HOH A O   1 
HETATM 1177 O O   . HOH C 2 .  ? 2.401   9.319   -9.442  1.00 21.46 ? 18  HOH A O   1 
HETATM 1178 O O   . HOH C 2 .  ? -3.406  -2.587  -12.400 1.00 34.64 ? 20  HOH A O   1 
HETATM 1179 O O   . HOH C 2 .  ? -17.163 -18.329 -9.617  1.00 32.87 ? 21  HOH A O   1 
HETATM 1180 O O   . HOH C 2 .  ? 8.489   11.377  -2.299  1.00 31.11 ? 22  HOH A O   1 
HETATM 1181 O O   . HOH C 2 .  ? 14.300  15.646  8.563   1.00 29.23 ? 23  HOH A O   1 
HETATM 1182 O O   . HOH C 2 .  ? 7.453   9.310   -3.505  1.00 30.09 ? 24  HOH A O   1 
HETATM 1183 O O   . HOH C 2 .  ? 9.581   2.020   -6.580  1.00 34.11 ? 25  HOH A O   1 
HETATM 1184 O O   . HOH C 2 .  ? 14.756  9.868   -5.755  1.00 38.04 ? 26  HOH A O   1 
HETATM 1185 O O   . HOH C 2 .  ? -13.569 -9.995  3.110   1.00 34.94 ? 31  HOH A O   1 
HETATM 1186 O O   . HOH C 2 .  ? 10.939  19.804  11.864  1.00 39.52 ? 37  HOH A O   1 
HETATM 1187 O O   . HOH C 2 .  ? 14.065  18.817  16.611  1.00 40.32 ? 38  HOH A O   1 
HETATM 1188 O O   . HOH C 2 .  ? 5.531   16.702  6.867   1.00 36.53 ? 39  HOH A O   1 
HETATM 1189 O O   . HOH C 2 .  ? -10.457 -25.716 4.534   1.00 41.72 ? 40  HOH A O   1 
HETATM 1190 O O   . HOH C 2 .  ? -10.815 -14.140 -12.383 1.00 31.09 ? 41  HOH A O   1 
HETATM 1191 O O   . HOH C 2 .  ? 6.044   -3.509  2.025   1.00 40.27 ? 45  HOH A O   1 
HETATM 1192 O O   . HOH C 2 .  ? 12.379  18.628  0.529   1.00 38.51 ? 46  HOH A O   1 
HETATM 1193 O O   . HOH C 2 .  ? 8.673   9.456   -5.947  1.00 41.75 ? 47  HOH A O   1 
HETATM 1194 O O   . HOH C 2 .  ? 12.402  -4.816  7.376   1.00 43.38 ? 49  HOH A O   1 
HETATM 1195 O O   . HOH C 2 .  ? 21.848  11.672  -0.617  1.00 39.99 ? 50  HOH A O   1 
HETATM 1196 O O   . HOH C 2 .  ? 5.464   0.278   1.461   1.00 54.23 ? 52  HOH A O   1 
HETATM 1197 O O   . HOH C 2 .  ? 4.258   1.388   -0.251  1.00 42.29 ? 53  HOH A O   1 
HETATM 1198 O O   . HOH C 2 .  ? 2.081   0.999   -1.205  1.00 47.47 ? 54  HOH A O   1 
HETATM 1199 O O   . HOH D 2 .  ? -3.188  5.478   -14.091 1.00 21.12 ? 1   HOH B O   1 
HETATM 1200 O O   . HOH D 2 .  ? -13.889 -7.152  -16.567 1.00 25.23 ? 4   HOH B O   1 
HETATM 1201 O O   . HOH D 2 .  ? -18.140 -13.053 -15.243 1.00 25.35 ? 6   HOH B O   1 
HETATM 1202 O O   . HOH D 2 .  ? -9.812  -2.265  -20.150 1.00 29.60 ? 11  HOH B O   1 
HETATM 1203 O O   . HOH D 2 .  ? -17.159 -11.294 -17.484 1.00 25.43 ? 12  HOH B O   1 
HETATM 1204 O O   . HOH D 2 .  ? -7.004  -8.475  -12.755 1.00 25.44 ? 13  HOH B O   1 
HETATM 1205 O O   . HOH D 2 .  ? 3.443   12.221  4.029   1.00 33.47 ? 14  HOH B O   1 
HETATM 1206 O O   . HOH D 2 .  ? 13.658  -4.270  9.634   1.00 31.06 ? 19  HOH B O   1 
HETATM 1207 O O   . HOH D 2 .  ? -4.831  -8.307  -14.140 1.00 33.01 ? 27  HOH B O   1 
HETATM 1208 O O   . HOH D 2 .  ? -19.384 -6.169  -6.095  1.00 32.65 ? 28  HOH B O   1 
HETATM 1209 O O   . HOH D 2 .  ? -0.163  10.153  -10.763 1.00 35.59 ? 29  HOH B O   1 
HETATM 1210 O O   . HOH D 2 .  ? 20.299  5.463   12.720  1.00 33.87 ? 30  HOH B O   1 
HETATM 1211 O O   . HOH D 2 .  ? -7.685  2.130   -19.084 1.00 34.82 ? 32  HOH B O   1 
HETATM 1212 O O   . HOH D 2 .  ? -1.689  10.793  -8.671  1.00 23.48 ? 33  HOH B O   1 
HETATM 1213 O O   . HOH D 2 .  ? -21.637 2.102   -11.634 1.00 35.73 ? 34  HOH B O   1 
HETATM 1214 O O   . HOH D 2 .  ? -9.792  7.037   -1.371  1.00 42.74 ? 35  HOH B O   1 
HETATM 1215 O O   . HOH D 2 .  ? -16.023 -19.286 -17.654 1.00 29.10 ? 36  HOH B O   1 
HETATM 1216 O O   . HOH D 2 .  ? -21.932 -1.307  -10.852 1.00 37.74 ? 42  HOH B O   1 
HETATM 1217 O O   . HOH D 2 .  ? 19.574  -2.086  8.151   1.00 48.05 ? 43  HOH B O   1 
HETATM 1218 O O   . HOH D 2 .  ? -6.630  8.848   2.336   1.00 40.60 ? 44  HOH B O   1 
HETATM 1219 O O   . HOH D 2 .  ? -4.753  9.151   3.905   1.00 37.02 ? 48  HOH B O   1 
HETATM 1220 O O   . HOH D 2 .  ? -9.962  -9.855  -20.984 1.00 38.01 ? 51  HOH B O   1 
HETATM 1221 O O   . HOH D 2 .  ? -2.611  1.922   -0.752  1.00 49.33 ? 55  HOH B O   1 
HETATM 1222 O O   . HOH D 2 .  ? -4.612  0.745   -0.793  1.00 37.16 ? 56  HOH B O   1 
HETATM 1223 O O   . HOH D 2 .  ? -5.313  -1.581  -0.370  1.00 51.95 ? 57  HOH B O   1 
HETATM 1224 O O   . HOH D 2 .  ? -4.018  -2.621  1.678   1.00 42.32 ? 58  HOH B O   1 
# 
